data_3KAH
# 
_entry.id   3KAH 
# 
_audit_conform.dict_name       mmcif_pdbx.dic 
_audit_conform.dict_version    5.380 
_audit_conform.dict_location   http://mmcif.pdb.org/dictionaries/ascii/mmcif_pdbx.dic 
# 
loop_
_database_2.database_id 
_database_2.database_code 
_database_2.pdbx_database_accession 
_database_2.pdbx_DOI 
PDB   3KAH         pdb_00003kah 10.2210/pdb3kah/pdb 
RCSB  RCSB055750   ?            ?                   
WWPDB D_1000055750 ?            ?                   
# 
loop_
_pdbx_database_related.db_name 
_pdbx_database_related.db_id 
_pdbx_database_related.details 
_pdbx_database_related.content_type 
PDB 3KAB . unspecified 
PDB 3KAC . unspecified 
PDB 3KAD . unspecified 
PDB 3KAF . unspecified 
PDB 3KAG . unspecified 
PDB 3KAI . unspecified 
PDB 3KCE . unspecified 
# 
_pdbx_database_status.status_code                     REL 
_pdbx_database_status.entry_id                        3KAH 
_pdbx_database_status.recvd_initial_deposition_date   2009-10-19 
_pdbx_database_status.deposit_site                    RCSB 
_pdbx_database_status.process_site                    PDBJ 
_pdbx_database_status.status_code_sf                  REL 
_pdbx_database_status.status_code_mr                  ? 
_pdbx_database_status.SG_entry                        ? 
_pdbx_database_status.pdb_format_compatible           Y 
_pdbx_database_status.status_code_cs                  ? 
_pdbx_database_status.status_code_nmr_data            ? 
_pdbx_database_status.methods_development_category    ? 
# 
loop_
_audit_author.name 
_audit_author.pdbx_ordinal 
'Baker, L.M.'    1 
'Dokurno, P.'    2 
'Robinson, D.A.' 3 
'Surgenor, A.E.' 4 
'Murray, J.B.'   5 
'Potter, A.J.'   6 
'Moore, J.D.'    7 
# 
_citation.id                        primary 
_citation.title                     'Structure-guided design of alpha-amino acid-derived Pin1 inhibitors' 
_citation.journal_abbrev            Bioorg.Med.Chem.Lett. 
_citation.journal_volume            20 
_citation.page_first                586 
_citation.page_last                 590 
_citation.year                      2010 
_citation.journal_id_ASTM           BMCLE8 
_citation.country                   UK 
_citation.journal_id_ISSN           0960-894X 
_citation.journal_id_CSD            1127 
_citation.book_publisher            ? 
_citation.pdbx_database_id_PubMed   19969456 
_citation.pdbx_database_id_DOI      10.1016/j.bmcl.2009.11.090 
# 
loop_
_citation_author.citation_id 
_citation_author.name 
_citation_author.ordinal 
_citation_author.identifier_ORCID 
primary 'Potter, A.J.'     1  ? 
primary 'Ray, S.'          2  ? 
primary 'Gueritz, L.'      3  ? 
primary 'Nunns, C.L.'      4  ? 
primary 'Bryant, C.J.'     5  ? 
primary 'Scrace, S.F.'     6  ? 
primary 'Matassova, N.'    7  ? 
primary 'Baker, L.M.'      8  ? 
primary 'Dokurno, P.'      9  ? 
primary 'Robinson, D.A.'   10 ? 
primary 'Surgenor, A.E.'   11 ? 
primary 'Davis, B.'        12 ? 
primary 'Murray, J.B.'     13 ? 
primary 'Richardson, C.M.' 14 ? 
primary 'Moore, J.D.'      15 ? 
# 
_cell.entry_id           3KAH 
_cell.length_a           69.893 
_cell.length_b           69.893 
_cell.length_c           79.027 
_cell.angle_alpha        90.00 
_cell.angle_beta         90.00 
_cell.angle_gamma        120.00 
_cell.Z_PDB              6 
_cell.pdbx_unique_axis   ? 
_cell.length_a_esd       ? 
_cell.length_b_esd       ? 
_cell.length_c_esd       ? 
_cell.angle_alpha_esd    ? 
_cell.angle_beta_esd     ? 
_cell.angle_gamma_esd    ? 
# 
_symmetry.entry_id                         3KAH 
_symmetry.space_group_name_H-M             'P 31 2 1' 
_symmetry.pdbx_full_space_group_name_H-M   ? 
_symmetry.cell_setting                     ? 
_symmetry.Int_Tables_number                152 
_symmetry.space_group_name_Hall            ? 
# 
loop_
_entity.id 
_entity.type 
_entity.src_method 
_entity.pdbx_description 
_entity.formula_weight 
_entity.pdbx_number_of_molecules 
_entity.pdbx_ec 
_entity.pdbx_mutation 
_entity.pdbx_fragment 
_entity.details 
1 polymer     man 'Peptidyl-prolyl cis-trans isomerase NIMA-interacting 1'                             18524.525 1   5.2.1.8 R14A 
? ? 
2 non-polymer syn 'DODECAETHYLENE GLYCOL'                                                              546.646   1   ?       ?    
? ? 
3 non-polymer syn '3-(1H-benzimidazol-2-yl)-N-[(1-methyl-3-phenyl-1H-pyrazol-5-yl)carbonyl]-D-alanine' 389.407   1   ?       ?    
? ? 
4 water       nat water                                                                                18.015    112 ?       ?    
? ? 
# 
_entity_name_com.entity_id   1 
_entity_name_com.name        'Rotamase Pin1, PPIase Pin1' 
# 
_entity_poly.entity_id                      1 
_entity_poly.type                           'polypeptide(L)' 
_entity_poly.nstd_linkage                   no 
_entity_poly.nstd_monomer                   no 
_entity_poly.pdbx_seq_one_letter_code       
;GSHGMADEEKLPPGWEKAMSRSSGRVYYFNHITNASQWERPSGNSSSGGKNGQGEPARVRCSHLLVKHSQSRRPSSWRQE
KITRTKEEALELINGYIQKIKSGEEDFESLASQFSDCSSAKARGDLGAFSRGQMQKPFEDASFALRTGEMSGPVFTDSGI
HIILRTE
;
_entity_poly.pdbx_seq_one_letter_code_can   
;GSHGMADEEKLPPGWEKAMSRSSGRVYYFNHITNASQWERPSGNSSSGGKNGQGEPARVRCSHLLVKHSQSRRPSSWRQE
KITRTKEEALELINGYIQKIKSGEEDFESLASQFSDCSSAKARGDLGAFSRGQMQKPFEDASFALRTGEMSGPVFTDSGI
HIILRTE
;
_entity_poly.pdbx_strand_id                 A 
_entity_poly.pdbx_target_identifier         ? 
# 
loop_
_entity_poly_seq.entity_id 
_entity_poly_seq.num 
_entity_poly_seq.mon_id 
_entity_poly_seq.hetero 
1 1   GLY n 
1 2   SER n 
1 3   HIS n 
1 4   GLY n 
1 5   MET n 
1 6   ALA n 
1 7   ASP n 
1 8   GLU n 
1 9   GLU n 
1 10  LYS n 
1 11  LEU n 
1 12  PRO n 
1 13  PRO n 
1 14  GLY n 
1 15  TRP n 
1 16  GLU n 
1 17  LYS n 
1 18  ALA n 
1 19  MET n 
1 20  SER n 
1 21  ARG n 
1 22  SER n 
1 23  SER n 
1 24  GLY n 
1 25  ARG n 
1 26  VAL n 
1 27  TYR n 
1 28  TYR n 
1 29  PHE n 
1 30  ASN n 
1 31  HIS n 
1 32  ILE n 
1 33  THR n 
1 34  ASN n 
1 35  ALA n 
1 36  SER n 
1 37  GLN n 
1 38  TRP n 
1 39  GLU n 
1 40  ARG n 
1 41  PRO n 
1 42  SER n 
1 43  GLY n 
1 44  ASN n 
1 45  SER n 
1 46  SER n 
1 47  SER n 
1 48  GLY n 
1 49  GLY n 
1 50  LYS n 
1 51  ASN n 
1 52  GLY n 
1 53  GLN n 
1 54  GLY n 
1 55  GLU n 
1 56  PRO n 
1 57  ALA n 
1 58  ARG n 
1 59  VAL n 
1 60  ARG n 
1 61  CYS n 
1 62  SER n 
1 63  HIS n 
1 64  LEU n 
1 65  LEU n 
1 66  VAL n 
1 67  LYS n 
1 68  HIS n 
1 69  SER n 
1 70  GLN n 
1 71  SER n 
1 72  ARG n 
1 73  ARG n 
1 74  PRO n 
1 75  SER n 
1 76  SER n 
1 77  TRP n 
1 78  ARG n 
1 79  GLN n 
1 80  GLU n 
1 81  LYS n 
1 82  ILE n 
1 83  THR n 
1 84  ARG n 
1 85  THR n 
1 86  LYS n 
1 87  GLU n 
1 88  GLU n 
1 89  ALA n 
1 90  LEU n 
1 91  GLU n 
1 92  LEU n 
1 93  ILE n 
1 94  ASN n 
1 95  GLY n 
1 96  TYR n 
1 97  ILE n 
1 98  GLN n 
1 99  LYS n 
1 100 ILE n 
1 101 LYS n 
1 102 SER n 
1 103 GLY n 
1 104 GLU n 
1 105 GLU n 
1 106 ASP n 
1 107 PHE n 
1 108 GLU n 
1 109 SER n 
1 110 LEU n 
1 111 ALA n 
1 112 SER n 
1 113 GLN n 
1 114 PHE n 
1 115 SER n 
1 116 ASP n 
1 117 CYS n 
1 118 SER n 
1 119 SER n 
1 120 ALA n 
1 121 LYS n 
1 122 ALA n 
1 123 ARG n 
1 124 GLY n 
1 125 ASP n 
1 126 LEU n 
1 127 GLY n 
1 128 ALA n 
1 129 PHE n 
1 130 SER n 
1 131 ARG n 
1 132 GLY n 
1 133 GLN n 
1 134 MET n 
1 135 GLN n 
1 136 LYS n 
1 137 PRO n 
1 138 PHE n 
1 139 GLU n 
1 140 ASP n 
1 141 ALA n 
1 142 SER n 
1 143 PHE n 
1 144 ALA n 
1 145 LEU n 
1 146 ARG n 
1 147 THR n 
1 148 GLY n 
1 149 GLU n 
1 150 MET n 
1 151 SER n 
1 152 GLY n 
1 153 PRO n 
1 154 VAL n 
1 155 PHE n 
1 156 THR n 
1 157 ASP n 
1 158 SER n 
1 159 GLY n 
1 160 ILE n 
1 161 HIS n 
1 162 ILE n 
1 163 ILE n 
1 164 LEU n 
1 165 ARG n 
1 166 THR n 
1 167 GLU n 
# 
_entity_src_gen.entity_id                          1 
_entity_src_gen.pdbx_src_id                        1 
_entity_src_gen.pdbx_alt_source_flag               sample 
_entity_src_gen.pdbx_seq_type                      ? 
_entity_src_gen.pdbx_beg_seq_num                   ? 
_entity_src_gen.pdbx_end_seq_num                   ? 
_entity_src_gen.gene_src_common_name               human 
_entity_src_gen.gene_src_genus                     ? 
_entity_src_gen.pdbx_gene_src_gene                 PIN1 
_entity_src_gen.gene_src_species                   ? 
_entity_src_gen.gene_src_strain                    ? 
_entity_src_gen.gene_src_tissue                    ? 
_entity_src_gen.gene_src_tissue_fraction           ? 
_entity_src_gen.gene_src_details                   ? 
_entity_src_gen.pdbx_gene_src_fragment             ? 
_entity_src_gen.pdbx_gene_src_scientific_name      'Homo sapiens' 
_entity_src_gen.pdbx_gene_src_ncbi_taxonomy_id     9606 
_entity_src_gen.pdbx_gene_src_variant              ? 
_entity_src_gen.pdbx_gene_src_cell_line            ? 
_entity_src_gen.pdbx_gene_src_atcc                 ? 
_entity_src_gen.pdbx_gene_src_organ                ? 
_entity_src_gen.pdbx_gene_src_organelle            ? 
_entity_src_gen.pdbx_gene_src_cell                 ? 
_entity_src_gen.pdbx_gene_src_cellular_location    ? 
_entity_src_gen.host_org_common_name               ? 
_entity_src_gen.pdbx_host_org_scientific_name      'Escherichia coli' 
_entity_src_gen.pdbx_host_org_ncbi_taxonomy_id     469008 
_entity_src_gen.host_org_genus                     ? 
_entity_src_gen.pdbx_host_org_gene                 ? 
_entity_src_gen.pdbx_host_org_organ                ? 
_entity_src_gen.host_org_species                   ? 
_entity_src_gen.pdbx_host_org_tissue               ? 
_entity_src_gen.pdbx_host_org_tissue_fraction      ? 
_entity_src_gen.pdbx_host_org_strain               'BL21 (DE3)' 
_entity_src_gen.pdbx_host_org_variant              ? 
_entity_src_gen.pdbx_host_org_cell_line            ? 
_entity_src_gen.pdbx_host_org_atcc                 ? 
_entity_src_gen.pdbx_host_org_culture_collection   ? 
_entity_src_gen.pdbx_host_org_cell                 ? 
_entity_src_gen.pdbx_host_org_organelle            ? 
_entity_src_gen.pdbx_host_org_cellular_location    ? 
_entity_src_gen.pdbx_host_org_vector_type          plasmid 
_entity_src_gen.pdbx_host_org_vector               ? 
_entity_src_gen.host_org_details                   ? 
_entity_src_gen.expression_system_id               ? 
_entity_src_gen.plasmid_name                       PET28A 
_entity_src_gen.plasmid_details                    ? 
_entity_src_gen.pdbx_description                   ? 
# 
_struct_ref.id                         1 
_struct_ref.db_name                    UNP 
_struct_ref.db_code                    PIN1_HUMAN 
_struct_ref.pdbx_db_accession          Q13526 
_struct_ref.entity_id                  1 
_struct_ref.pdbx_seq_one_letter_code   
;MADEEKLPPGWEKRMSRSSGRVYYFNHITNASQWERPSGNSSSGGKNGQGEPARVRCSHLLVKHSQSRRPSSWRQEKITR
TKEEALELINGYIQKIKSGEEDFESLASQFSDCSSAKARGDLGAFSRGQMQKPFEDASFALRTGEMSGPVFTDSGIHIIL
RTE
;
_struct_ref.pdbx_align_begin           1 
_struct_ref.pdbx_db_isoform            ? 
# 
_struct_ref_seq.align_id                      1 
_struct_ref_seq.ref_id                        1 
_struct_ref_seq.pdbx_PDB_id_code              3KAH 
_struct_ref_seq.pdbx_strand_id                A 
_struct_ref_seq.seq_align_beg                 5 
_struct_ref_seq.pdbx_seq_align_beg_ins_code   ? 
_struct_ref_seq.seq_align_end                 167 
_struct_ref_seq.pdbx_seq_align_end_ins_code   ? 
_struct_ref_seq.pdbx_db_accession             Q13526 
_struct_ref_seq.db_align_beg                  1 
_struct_ref_seq.pdbx_db_align_beg_ins_code    ? 
_struct_ref_seq.db_align_end                  163 
_struct_ref_seq.pdbx_db_align_end_ins_code    ? 
_struct_ref_seq.pdbx_auth_seq_align_beg       1 
_struct_ref_seq.pdbx_auth_seq_align_end       163 
# 
loop_
_struct_ref_seq_dif.align_id 
_struct_ref_seq_dif.pdbx_pdb_id_code 
_struct_ref_seq_dif.mon_id 
_struct_ref_seq_dif.pdbx_pdb_strand_id 
_struct_ref_seq_dif.seq_num 
_struct_ref_seq_dif.pdbx_pdb_ins_code 
_struct_ref_seq_dif.pdbx_seq_db_name 
_struct_ref_seq_dif.pdbx_seq_db_accession_code 
_struct_ref_seq_dif.db_mon_id 
_struct_ref_seq_dif.pdbx_seq_db_seq_num 
_struct_ref_seq_dif.details 
_struct_ref_seq_dif.pdbx_auth_seq_num 
_struct_ref_seq_dif.pdbx_ordinal 
1 3KAH GLY A 1  ? UNP Q13526 ?   ?  'expression tag'      -3 1 
1 3KAH SER A 2  ? UNP Q13526 ?   ?  'expression tag'      -2 2 
1 3KAH HIS A 3  ? UNP Q13526 ?   ?  'expression tag'      -1 3 
1 3KAH GLY A 4  ? UNP Q13526 ?   ?  'expression tag'      0  4 
1 3KAH ALA A 18 ? UNP Q13526 ARG 14 'engineered mutation' 14 5 
# 
loop_
_chem_comp.id 
_chem_comp.type 
_chem_comp.mon_nstd_flag 
_chem_comp.name 
_chem_comp.pdbx_synonyms 
_chem_comp.formula 
_chem_comp.formula_weight 
12P non-polymer         . 'DODECAETHYLENE GLYCOL'                                                              
'POLYETHYLENE GLYCOL PEG400'                                                                        'C24 H50 O13'    546.646 
4DH non-polymer         . '3-(1H-benzimidazol-2-yl)-N-[(1-methyl-3-phenyl-1H-pyrazol-5-yl)carbonyl]-D-alanine' 
'(R)-3-(1H-Benzoimidazol-2-yl)-2-[(2-methyl-5-phenyl-2H-pyrazole-3-carbonyl)-amino]-propionic acid' 'C21 H19 N5 O3'  389.407 
ALA 'L-peptide linking' y ALANINE                                                                              ? 'C3 H7 N O2'     
89.093  
ARG 'L-peptide linking' y ARGININE                                                                             ? 'C6 H15 N4 O2 1' 
175.209 
ASN 'L-peptide linking' y ASPARAGINE                                                                           ? 'C4 H8 N2 O3'    
132.118 
ASP 'L-peptide linking' y 'ASPARTIC ACID'                                                                      ? 'C4 H7 N O4'     
133.103 
CYS 'L-peptide linking' y CYSTEINE                                                                             ? 'C3 H7 N O2 S'   
121.158 
GLN 'L-peptide linking' y GLUTAMINE                                                                            ? 'C5 H10 N2 O3'   
146.144 
GLU 'L-peptide linking' y 'GLUTAMIC ACID'                                                                      ? 'C5 H9 N O4'     
147.129 
GLY 'peptide linking'   y GLYCINE                                                                              ? 'C2 H5 N O2'     
75.067  
HIS 'L-peptide linking' y HISTIDINE                                                                            ? 'C6 H10 N3 O2 1' 
156.162 
HOH non-polymer         . WATER                                                                                ? 'H2 O'           
18.015  
ILE 'L-peptide linking' y ISOLEUCINE                                                                           ? 'C6 H13 N O2'    
131.173 
LEU 'L-peptide linking' y LEUCINE                                                                              ? 'C6 H13 N O2'    
131.173 
LYS 'L-peptide linking' y LYSINE                                                                               ? 'C6 H15 N2 O2 1' 
147.195 
MET 'L-peptide linking' y METHIONINE                                                                           ? 'C5 H11 N O2 S'  
149.211 
PHE 'L-peptide linking' y PHENYLALANINE                                                                        ? 'C9 H11 N O2'    
165.189 
PRO 'L-peptide linking' y PROLINE                                                                              ? 'C5 H9 N O2'     
115.130 
SER 'L-peptide linking' y SERINE                                                                               ? 'C3 H7 N O3'     
105.093 
THR 'L-peptide linking' y THREONINE                                                                            ? 'C4 H9 N O3'     
119.119 
TRP 'L-peptide linking' y TRYPTOPHAN                                                                           ? 'C11 H12 N2 O2'  
204.225 
TYR 'L-peptide linking' y TYROSINE                                                                             ? 'C9 H11 N O3'    
181.189 
VAL 'L-peptide linking' y VALINE                                                                               ? 'C5 H11 N O2'    
117.146 
# 
_exptl.entry_id          3KAH 
_exptl.method            'X-RAY DIFFRACTION' 
_exptl.crystals_number   1 
# 
_exptl_crystal.id                    1 
_exptl_crystal.density_meas          ? 
_exptl_crystal.density_Matthews      3.01 
_exptl_crystal.density_percent_sol   59.11 
_exptl_crystal.description           ? 
_exptl_crystal.F_000                 ? 
_exptl_crystal.preparation           ? 
# 
_exptl_crystal_grow.crystal_id      1 
_exptl_crystal_grow.method          'VAPOR DIFFUSION, HANGING DROP' 
_exptl_crystal_grow.temp            277 
_exptl_crystal_grow.temp_details    ? 
_exptl_crystal_grow.pH              7.5 
_exptl_crystal_grow.pdbx_details    
'2.2M Ammonium sulphate, 0.1M HEPES buffer, 1% PEG 400, 5mM DTT, pH 7.5, VAPOR DIFFUSION, HANGING DROP, temperature 277K' 
_exptl_crystal_grow.pdbx_pH_range   . 
# 
_diffrn.id                     1 
_diffrn.ambient_temp           100 
_diffrn.ambient_temp_details   ? 
_diffrn.crystal_id             1 
# 
_diffrn_detector.diffrn_id              1 
_diffrn_detector.detector               'IMAGE PLATE' 
_diffrn_detector.type                   'RIGAKU RAXIS IV++' 
_diffrn_detector.pdbx_collection_date   2006-12-04 
_diffrn_detector.details                mirrors 
# 
_diffrn_radiation.diffrn_id                        1 
_diffrn_radiation.wavelength_id                    1 
_diffrn_radiation.pdbx_monochromatic_or_laue_m_l   M 
_diffrn_radiation.monochromator                    mirrors 
_diffrn_radiation.pdbx_diffrn_protocol             'SINGLE WAVELENGTH' 
_diffrn_radiation.pdbx_scattering_type             x-ray 
# 
_diffrn_radiation_wavelength.id           1 
_diffrn_radiation_wavelength.wavelength   1.5418 
_diffrn_radiation_wavelength.wt           1.0 
# 
_diffrn_source.diffrn_id                   1 
_diffrn_source.source                      'ROTATING ANODE' 
_diffrn_source.type                        'RIGAKU RUH3R' 
_diffrn_source.pdbx_synchrotron_site       ? 
_diffrn_source.pdbx_synchrotron_beamline   ? 
_diffrn_source.pdbx_wavelength             ? 
_diffrn_source.pdbx_wavelength_list        1.5418 
# 
_reflns.entry_id                     3KAH 
_reflns.observed_criterion_sigma_I   1 
_reflns.observed_criterion_sigma_F   1 
_reflns.d_resolution_low             24.2 
_reflns.d_resolution_high            2.30 
_reflns.number_obs                   9435 
_reflns.number_all                   9435 
_reflns.percent_possible_obs         91.6 
_reflns.pdbx_Rmerge_I_obs            0.065 
_reflns.pdbx_Rsym_value              ? 
_reflns.pdbx_netI_over_sigmaI        6.2 
_reflns.B_iso_Wilson_estimate        ? 
_reflns.pdbx_redundancy              2.8 
_reflns.R_free_details               ? 
_reflns.limit_h_max                  ? 
_reflns.limit_h_min                  ? 
_reflns.limit_k_max                  ? 
_reflns.limit_k_min                  ? 
_reflns.limit_l_max                  ? 
_reflns.limit_l_min                  ? 
_reflns.observed_criterion_F_max     ? 
_reflns.observed_criterion_F_min     ? 
_reflns.pdbx_chi_squared             ? 
_reflns.pdbx_scaling_rejects         ? 
_reflns.pdbx_diffrn_id               1 
_reflns.pdbx_ordinal                 1 
# 
_reflns_shell.d_res_high             2.30 
_reflns_shell.d_res_low              2.38 
_reflns_shell.percent_possible_all   95.3 
_reflns_shell.Rmerge_I_obs           0.309 
_reflns_shell.pdbx_Rsym_value        ? 
_reflns_shell.meanI_over_sigI_obs    1.9 
_reflns_shell.pdbx_redundancy        2.5 
_reflns_shell.percent_possible_obs   ? 
_reflns_shell.number_unique_all      817 
_reflns_shell.number_measured_all    ? 
_reflns_shell.number_measured_obs    ? 
_reflns_shell.number_unique_obs      ? 
_reflns_shell.pdbx_chi_squared       ? 
_reflns_shell.pdbx_diffrn_id         ? 
_reflns_shell.pdbx_ordinal           1 
# 
_refine.entry_id                                 3KAH 
_refine.ls_number_reflns_obs                     8484 
_refine.ls_number_reflns_all                     ? 
_refine.pdbx_ls_sigma_I                          ? 
_refine.pdbx_ls_sigma_F                          ? 
_refine.pdbx_data_cutoff_high_absF               ? 
_refine.pdbx_data_cutoff_low_absF                ? 
_refine.pdbx_data_cutoff_high_rms_absF           ? 
_refine.ls_d_res_low                             24.15 
_refine.ls_d_res_high                            2.30 
_refine.ls_percent_reflns_obs                    91.63 
_refine.ls_R_factor_obs                          0.20232 
_refine.ls_R_factor_all                          ? 
_refine.ls_R_factor_R_work                       0.19438 
_refine.ls_R_factor_R_free                       0.27350 
_refine.ls_R_factor_R_free_error                 ? 
_refine.ls_R_factor_R_free_error_details         ? 
_refine.ls_percent_reflns_R_free                 10.0 
_refine.ls_number_reflns_R_free                  947 
_refine.ls_number_parameters                     ? 
_refine.ls_number_restraints                     ? 
_refine.occupancy_min                            ? 
_refine.occupancy_max                            ? 
_refine.correlation_coeff_Fo_to_Fc               0.950 
_refine.correlation_coeff_Fo_to_Fc_free          0.903 
_refine.B_iso_mean                               32.647 
_refine.aniso_B[1][1]                            0.24 
_refine.aniso_B[2][2]                            0.24 
_refine.aniso_B[3][3]                            -0.36 
_refine.aniso_B[1][2]                            0.12 
_refine.aniso_B[1][3]                            0.00 
_refine.aniso_B[2][3]                            0.00 
_refine.solvent_model_details                    MASK 
_refine.solvent_model_param_ksol                 ? 
_refine.solvent_model_param_bsol                 ? 
_refine.pdbx_solvent_vdw_probe_radii             1.40 
_refine.pdbx_solvent_ion_probe_radii             0.80 
_refine.pdbx_solvent_shrinkage_radii             0.80 
_refine.pdbx_ls_cross_valid_method               THROUGHOUT 
_refine.details                                  'HYDROGENS HAVE BEEN ADDED IN THE RIDING POSITIONS' 
_refine.pdbx_starting_model                      'PDB ENTRY 1PIN' 
_refine.pdbx_method_to_determine_struct          'MOLECULAR REPLACEMENT' 
_refine.pdbx_isotropic_thermal_model             ? 
_refine.pdbx_stereochemistry_target_values       'MAXIMUM LIKELIHOOD' 
_refine.pdbx_stereochem_target_val_spec_case     ? 
_refine.pdbx_R_Free_selection_details            RANDOM 
_refine.pdbx_overall_ESU_R                       0.306 
_refine.pdbx_overall_ESU_R_Free                  0.265 
_refine.overall_SU_ML                            0.169 
_refine.overall_SU_B                             6.977 
_refine.ls_redundancy_reflns_obs                 ? 
_refine.B_iso_min                                ? 
_refine.B_iso_max                                ? 
_refine.overall_SU_R_Cruickshank_DPI             ? 
_refine.overall_SU_R_free                        ? 
_refine.ls_wR_factor_R_free                      ? 
_refine.ls_wR_factor_R_work                      ? 
_refine.overall_FOM_free_R_set                   ? 
_refine.overall_FOM_work_R_set                   ? 
_refine.pdbx_refine_id                           'X-RAY DIFFRACTION' 
_refine.pdbx_overall_phase_error                 ? 
_refine.pdbx_diffrn_id                           1 
_refine.pdbx_TLS_residual_ADP_flag               ? 
_refine.pdbx_overall_SU_R_free_Cruickshank_DPI   ? 
_refine.pdbx_overall_SU_R_Blow_DPI               ? 
_refine.pdbx_overall_SU_R_free_Blow_DPI          ? 
# 
_refine_hist.pdbx_refine_id                   'X-RAY DIFFRACTION' 
_refine_hist.cycle_id                         LAST 
_refine_hist.pdbx_number_atoms_protein        1156 
_refine_hist.pdbx_number_atoms_nucleic_acid   0 
_refine_hist.pdbx_number_atoms_ligand         53 
_refine_hist.number_atoms_solvent             112 
_refine_hist.number_atoms_total               1321 
_refine_hist.d_res_high                       2.30 
_refine_hist.d_res_low                        24.15 
# 
loop_
_refine_ls_restr.type 
_refine_ls_restr.dev_ideal 
_refine_ls_restr.dev_ideal_target 
_refine_ls_restr.weight 
_refine_ls_restr.number 
_refine_ls_restr.pdbx_refine_id 
_refine_ls_restr.pdbx_restraint_function 
r_bond_refined_d             0.018  0.021  ? 1236 'X-RAY DIFFRACTION' ? 
r_bond_other_d               ?      ?      ? ?    'X-RAY DIFFRACTION' ? 
r_angle_refined_deg          1.776  1.986  ? 1653 'X-RAY DIFFRACTION' ? 
r_angle_other_deg            ?      ?      ? ?    'X-RAY DIFFRACTION' ? 
r_dihedral_angle_1_deg       7.564  5.000  ? 143  'X-RAY DIFFRACTION' ? 
r_dihedral_angle_2_deg       32.482 22.586 ? 58   'X-RAY DIFFRACTION' ? 
r_dihedral_angle_3_deg       16.773 15.000 ? 211  'X-RAY DIFFRACTION' ? 
r_dihedral_angle_4_deg       19.374 15.000 ? 13   'X-RAY DIFFRACTION' ? 
r_chiral_restr               0.102  0.200  ? 163  'X-RAY DIFFRACTION' ? 
r_gen_planes_refined         0.007  0.021  ? 942  'X-RAY DIFFRACTION' ? 
r_gen_planes_other           ?      ?      ? ?    'X-RAY DIFFRACTION' ? 
r_nbd_refined                ?      ?      ? ?    'X-RAY DIFFRACTION' ? 
r_nbd_other                  ?      ?      ? ?    'X-RAY DIFFRACTION' ? 
r_nbtor_refined              ?      ?      ? ?    'X-RAY DIFFRACTION' ? 
r_nbtor_other                ?      ?      ? ?    'X-RAY DIFFRACTION' ? 
r_xyhbond_nbd_refined        ?      ?      ? ?    'X-RAY DIFFRACTION' ? 
r_xyhbond_nbd_other          ?      ?      ? ?    'X-RAY DIFFRACTION' ? 
r_metal_ion_refined          ?      ?      ? ?    'X-RAY DIFFRACTION' ? 
r_metal_ion_other            ?      ?      ? ?    'X-RAY DIFFRACTION' ? 
r_symmetry_vdw_refined       ?      ?      ? ?    'X-RAY DIFFRACTION' ? 
r_symmetry_vdw_other         ?      ?      ? ?    'X-RAY DIFFRACTION' ? 
r_symmetry_hbond_refined     ?      ?      ? ?    'X-RAY DIFFRACTION' ? 
r_symmetry_hbond_other       ?      ?      ? ?    'X-RAY DIFFRACTION' ? 
r_symmetry_metal_ion_refined ?      ?      ? ?    'X-RAY DIFFRACTION' ? 
r_symmetry_metal_ion_other   ?      ?      ? ?    'X-RAY DIFFRACTION' ? 
r_mcbond_it                  0.906  1.500  ? 721  'X-RAY DIFFRACTION' ? 
r_mcbond_other               ?      ?      ? ?    'X-RAY DIFFRACTION' ? 
r_mcangle_it                 1.755  2.000  ? 1155 'X-RAY DIFFRACTION' ? 
r_scbond_it                  2.983  3.000  ? 515  'X-RAY DIFFRACTION' ? 
r_scangle_it                 4.785  4.500  ? 498  'X-RAY DIFFRACTION' ? 
r_rigid_bond_restr           ?      ?      ? ?    'X-RAY DIFFRACTION' ? 
r_sphericity_free            ?      ?      ? ?    'X-RAY DIFFRACTION' ? 
r_sphericity_bonded          ?      ?      ? ?    'X-RAY DIFFRACTION' ? 
# 
_refine_ls_shell.pdbx_total_number_of_bins_used   20 
_refine_ls_shell.d_res_high                       2.300 
_refine_ls_shell.d_res_low                        2.360 
_refine_ls_shell.number_reflns_R_work             642 
_refine_ls_shell.R_factor_R_work                  0.287 
_refine_ls_shell.percent_reflns_obs               95.17 
_refine_ls_shell.R_factor_R_free                  0.384 
_refine_ls_shell.R_factor_R_free_error            ? 
_refine_ls_shell.percent_reflns_R_free            ? 
_refine_ls_shell.number_reflns_R_free             68 
_refine_ls_shell.number_reflns_all                ? 
_refine_ls_shell.R_factor_all                     ? 
_refine_ls_shell.number_reflns_obs                710 
_refine_ls_shell.redundancy_reflns_obs            ? 
_refine_ls_shell.pdbx_refine_id                   'X-RAY DIFFRACTION' 
# 
_struct.entry_id                  3KAH 
_struct.title                     'Structure-guided design of alpha-amino acid-derived Pin1 inhibitors' 
_struct.pdbx_model_details        ? 
_struct.pdbx_CASP_flag            ? 
_struct.pdbx_model_type_details   ? 
# 
_struct_keywords.entry_id        3KAH 
_struct_keywords.pdbx_keywords   ISOMERASE 
_struct_keywords.text            
;SBDD, PPIASE, ISOMERASE, ROTAMASE, SMALL MOLECULE, Proline directed kinase, cell cycle, Oncogenic transformation, Nucleus, Phosphoprotein
;
# 
loop_
_struct_asym.id 
_struct_asym.pdbx_blank_PDB_chainid_flag 
_struct_asym.pdbx_modified 
_struct_asym.entity_id 
_struct_asym.details 
A N N 1 ? 
B N N 2 ? 
C N N 3 ? 
D N N 4 ? 
# 
_struct_biol.id        1 
_struct_biol.details   ? 
# 
loop_
_struct_conf.conf_type_id 
_struct_conf.id 
_struct_conf.pdbx_PDB_helix_id 
_struct_conf.beg_label_comp_id 
_struct_conf.beg_label_asym_id 
_struct_conf.beg_label_seq_id 
_struct_conf.pdbx_beg_PDB_ins_code 
_struct_conf.end_label_comp_id 
_struct_conf.end_label_asym_id 
_struct_conf.end_label_seq_id 
_struct_conf.pdbx_end_PDB_ins_code 
_struct_conf.beg_auth_comp_id 
_struct_conf.beg_auth_asym_id 
_struct_conf.beg_auth_seq_id 
_struct_conf.end_auth_comp_id 
_struct_conf.end_auth_asym_id 
_struct_conf.end_auth_seq_id 
_struct_conf.pdbx_PDB_helix_class 
_struct_conf.details 
_struct_conf.pdbx_PDB_helix_length 
HELX_P HELX_P1 1 THR A 85  ? SER A 102 ? THR A 81  SER A 98  1 ? 18 
HELX_P HELX_P2 2 ASP A 106 ? SER A 115 ? ASP A 102 SER A 111 1 ? 10 
HELX_P HELX_P3 3 CYS A 117 ? ARG A 123 ? CYS A 113 ARG A 119 5 ? 7  
HELX_P HELX_P4 4 GLN A 135 ? LEU A 145 ? GLN A 131 LEU A 141 1 ? 11 
# 
_struct_conf_type.id          HELX_P 
_struct_conf_type.criteria    ? 
_struct_conf_type.reference   ? 
# 
loop_
_struct_sheet.id 
_struct_sheet.type 
_struct_sheet.number_strands 
_struct_sheet.details 
A ? 3 ? 
B ? 4 ? 
# 
loop_
_struct_sheet_order.sheet_id 
_struct_sheet_order.range_id_1 
_struct_sheet_order.range_id_2 
_struct_sheet_order.offset 
_struct_sheet_order.sense 
A 1 2 ? anti-parallel 
A 2 3 ? anti-parallel 
B 1 2 ? anti-parallel 
B 2 3 ? anti-parallel 
B 3 4 ? anti-parallel 
# 
loop_
_struct_sheet_range.sheet_id 
_struct_sheet_range.id 
_struct_sheet_range.beg_label_comp_id 
_struct_sheet_range.beg_label_asym_id 
_struct_sheet_range.beg_label_seq_id 
_struct_sheet_range.pdbx_beg_PDB_ins_code 
_struct_sheet_range.end_label_comp_id 
_struct_sheet_range.end_label_asym_id 
_struct_sheet_range.end_label_seq_id 
_struct_sheet_range.pdbx_end_PDB_ins_code 
_struct_sheet_range.beg_auth_comp_id 
_struct_sheet_range.beg_auth_asym_id 
_struct_sheet_range.beg_auth_seq_id 
_struct_sheet_range.end_auth_comp_id 
_struct_sheet_range.end_auth_asym_id 
_struct_sheet_range.end_auth_seq_id 
A 1 TRP A 15  ? MET A 19  ? TRP A 11  MET A 15  
A 2 VAL A 26  ? ASN A 30  ? VAL A 22  ASN A 26  
A 3 SER A 36  ? GLN A 37  ? SER A 32  GLN A 33  
B 1 ASP A 125 ? SER A 130 ? ASP A 121 SER A 126 
B 2 ARG A 58  ? VAL A 66  ? ARG A 54  VAL A 62  
B 3 ILE A 160 ? GLU A 167 ? ILE A 156 GLU A 163 
B 4 VAL A 154 ? PHE A 155 ? VAL A 150 PHE A 151 
# 
loop_
_pdbx_struct_sheet_hbond.sheet_id 
_pdbx_struct_sheet_hbond.range_id_1 
_pdbx_struct_sheet_hbond.range_id_2 
_pdbx_struct_sheet_hbond.range_1_label_atom_id 
_pdbx_struct_sheet_hbond.range_1_label_comp_id 
_pdbx_struct_sheet_hbond.range_1_label_asym_id 
_pdbx_struct_sheet_hbond.range_1_label_seq_id 
_pdbx_struct_sheet_hbond.range_1_PDB_ins_code 
_pdbx_struct_sheet_hbond.range_1_auth_atom_id 
_pdbx_struct_sheet_hbond.range_1_auth_comp_id 
_pdbx_struct_sheet_hbond.range_1_auth_asym_id 
_pdbx_struct_sheet_hbond.range_1_auth_seq_id 
_pdbx_struct_sheet_hbond.range_2_label_atom_id 
_pdbx_struct_sheet_hbond.range_2_label_comp_id 
_pdbx_struct_sheet_hbond.range_2_label_asym_id 
_pdbx_struct_sheet_hbond.range_2_label_seq_id 
_pdbx_struct_sheet_hbond.range_2_PDB_ins_code 
_pdbx_struct_sheet_hbond.range_2_auth_atom_id 
_pdbx_struct_sheet_hbond.range_2_auth_comp_id 
_pdbx_struct_sheet_hbond.range_2_auth_asym_id 
_pdbx_struct_sheet_hbond.range_2_auth_seq_id 
A 1 2 N ALA A 18  ? N ALA A 14  O TYR A 27  ? O TYR A 23  
A 2 3 N TYR A 28  ? N TYR A 24  O GLN A 37  ? O GLN A 33  
B 1 2 O LEU A 126 ? O LEU A 122 N CYS A 61  ? N CYS A 57  
B 2 3 N ARG A 60  ? N ARG A 56  O THR A 166 ? O THR A 162 
B 3 4 O HIS A 161 ? O HIS A 157 N VAL A 154 ? N VAL A 150 
# 
loop_
_struct_site.id 
_struct_site.pdbx_evidence_code 
_struct_site.pdbx_auth_asym_id 
_struct_site.pdbx_auth_comp_id 
_struct_site.pdbx_auth_seq_id 
_struct_site.pdbx_auth_ins_code 
_struct_site.pdbx_num_residues 
_struct_site.details 
AC1 Software A 12P 164 ? 17 'BINDING SITE FOR RESIDUE 12P A 164' 
AC2 Software A 4DH 165 ? 12 'BINDING SITE FOR RESIDUE 4DH A 165' 
# 
loop_
_struct_site_gen.id 
_struct_site_gen.site_id 
_struct_site_gen.pdbx_num_res 
_struct_site_gen.label_comp_id 
_struct_site_gen.label_asym_id 
_struct_site_gen.label_seq_id 
_struct_site_gen.pdbx_auth_ins_code 
_struct_site_gen.auth_comp_id 
_struct_site_gen.auth_asym_id 
_struct_site_gen.auth_seq_id 
_struct_site_gen.label_atom_id 
_struct_site_gen.label_alt_id 
_struct_site_gen.symmetry 
_struct_site_gen.details 
1  AC1 17 TYR A 27  ? TYR A 23  . ? 1_555 ? 
2  AC1 17 ASN A 34  ? ASN A 30  . ? 1_555 ? 
3  AC1 17 ALA A 35  ? ALA A 31  . ? 1_555 ? 
4  AC1 17 SER A 36  ? SER A 32  . ? 1_555 ? 
5  AC1 17 GLN A 37  ? GLN A 33  . ? 1_555 ? 
6  AC1 17 TRP A 38  ? TRP A 34  . ? 1_555 ? 
7  AC1 17 ILE A 97  ? ILE A 93  . ? 1_555 ? 
8  AC1 17 LYS A 101 ? LYS A 97  . ? 5_554 ? 
9  AC1 17 LYS A 101 ? LYS A 97  . ? 1_555 ? 
10 AC1 17 SER A 102 ? SER A 98  . ? 5_554 ? 
11 AC1 17 GLY A 103 ? GLY A 99  . ? 5_554 ? 
12 AC1 17 MET A 150 ? MET A 146 . ? 1_555 ? 
13 AC1 17 SER A 151 ? SER A 147 . ? 1_555 ? 
14 AC1 17 GLY A 152 ? GLY A 148 . ? 1_555 ? 
15 AC1 17 HOH D .   ? HOH A 172 . ? 1_555 ? 
16 AC1 17 HOH D .   ? HOH A 176 . ? 1_555 ? 
17 AC1 17 HOH D .   ? HOH A 180 . ? 1_555 ? 
18 AC2 12 HIS A 63  ? HIS A 59  . ? 1_555 ? 
19 AC2 12 LEU A 65  ? LEU A 61  . ? 1_555 ? 
20 AC2 12 LYS A 67  ? LYS A 63  . ? 1_555 ? 
21 AC2 12 ARG A 73  ? ARG A 69  . ? 1_555 ? 
22 AC2 12 CYS A 117 ? CYS A 113 . ? 1_555 ? 
23 AC2 12 SER A 118 ? SER A 114 . ? 1_555 ? 
24 AC2 12 SER A 119 ? SER A 115 . ? 1_555 ? 
25 AC2 12 LEU A 126 ? LEU A 122 . ? 1_555 ? 
26 AC2 12 GLN A 135 ? GLN A 131 . ? 1_555 ? 
27 AC2 12 SER A 158 ? SER A 154 . ? 1_555 ? 
28 AC2 12 HOH D .   ? HOH A 262 . ? 1_555 ? 
29 AC2 12 HOH D .   ? HOH A 276 . ? 1_555 ? 
# 
_atom_sites.entry_id                    3KAH 
_atom_sites.fract_transf_matrix[1][1]   -0.00221146 
_atom_sites.fract_transf_matrix[1][2]   0.01530004 
_atom_sites.fract_transf_matrix[1][3]   -0.00582934 
_atom_sites.fract_transf_matrix[2][1]   -0.00613123 
_atom_sites.fract_transf_matrix[2][2]   0.01177890 
_atom_sites.fract_transf_matrix[2][3]   0.00982899 
_atom_sites.fract_transf_matrix[3][1]   0.01172601 
_atom_sites.fract_transf_matrix[3][2]   0.00307688 
_atom_sites.fract_transf_matrix[3][3]   0.00362730 
_atom_sites.fract_transf_vector[1]      0.358912 
_atom_sites.fract_transf_vector[2]      -0.240178 
_atom_sites.fract_transf_vector[3]      -0.161536 
# 
loop_
_atom_type.symbol 
C 
N 
O 
S 
# 
loop_
_atom_site.group_PDB 
_atom_site.id 
_atom_site.type_symbol 
_atom_site.label_atom_id 
_atom_site.label_alt_id 
_atom_site.label_comp_id 
_atom_site.label_asym_id 
_atom_site.label_entity_id 
_atom_site.label_seq_id 
_atom_site.pdbx_PDB_ins_code 
_atom_site.Cartn_x 
_atom_site.Cartn_y 
_atom_site.Cartn_z 
_atom_site.occupancy 
_atom_site.B_iso_or_equiv 
_atom_site.pdbx_formal_charge 
_atom_site.auth_seq_id 
_atom_site.auth_comp_id 
_atom_site.auth_asym_id 
_atom_site.auth_atom_id 
_atom_site.pdbx_PDB_model_num 
ATOM   1    N N   . LEU A 1 11  ? 2.496   -3.279  21.890  1.00 35.10 ? 7   LEU A N   1 
ATOM   2    C CA  . LEU A 1 11  ? 2.083   -2.864  20.490  1.00 34.64 ? 7   LEU A CA  1 
ATOM   3    C C   . LEU A 1 11  ? 2.098   -4.077  19.591  1.00 35.19 ? 7   LEU A C   1 
ATOM   4    O O   . LEU A 1 11  ? 2.836   -5.050  19.867  1.00 34.68 ? 7   LEU A O   1 
ATOM   5    C CB  . LEU A 1 11  ? 3.036   -1.837  19.925  1.00 33.84 ? 7   LEU A CB  1 
ATOM   6    C CG  . LEU A 1 11  ? 3.056   -0.418  20.495  1.00 33.92 ? 7   LEU A CG  1 
ATOM   7    C CD1 . LEU A 1 11  ? 4.227   0.360   19.895  1.00 32.49 ? 7   LEU A CD1 1 
ATOM   8    C CD2 . LEU A 1 11  ? 1.784   0.294   20.197  1.00 31.48 ? 7   LEU A CD2 1 
ATOM   9    N N   . PRO A 1 12  ? 1.292   -4.045  18.506  1.00 35.01 ? 8   PRO A N   1 
ATOM   10   C CA  . PRO A 1 12  ? 1.193   -5.200  17.611  1.00 33.99 ? 8   PRO A CA  1 
ATOM   11   C C   . PRO A 1 12  ? 2.396   -5.296  16.651  1.00 33.33 ? 8   PRO A C   1 
ATOM   12   O O   . PRO A 1 12  ? 3.153   -4.293  16.520  1.00 33.65 ? 8   PRO A O   1 
ATOM   13   C CB  . PRO A 1 12  ? -0.111  -4.963  16.864  1.00 34.03 ? 8   PRO A CB  1 
ATOM   14   C CG  . PRO A 1 12  ? -0.708  -3.695  17.469  1.00 35.90 ? 8   PRO A CG  1 
ATOM   15   C CD  . PRO A 1 12  ? 0.420   -2.950  18.067  1.00 35.31 ? 8   PRO A CD  1 
ATOM   16   N N   . PRO A 1 13  ? 2.583   -6.481  15.999  1.00 31.94 ? 9   PRO A N   1 
ATOM   17   C CA  . PRO A 1 13  ? 3.796   -6.748  15.228  1.00 32.85 ? 9   PRO A CA  1 
ATOM   18   C C   . PRO A 1 13  ? 4.129   -5.623  14.246  1.00 32.54 ? 9   PRO A C   1 
ATOM   19   O O   . PRO A 1 13  ? 3.275   -5.195  13.460  1.00 32.37 ? 9   PRO A O   1 
ATOM   20   C CB  . PRO A 1 13  ? 3.463   -8.043  14.463  1.00 32.80 ? 9   PRO A CB  1 
ATOM   21   C CG  . PRO A 1 13  ? 2.470   -8.762  15.374  1.00 33.09 ? 9   PRO A CG  1 
ATOM   22   C CD  . PRO A 1 13  ? 1.630   -7.608  15.907  1.00 32.18 ? 9   PRO A CD  1 
ATOM   23   N N   . GLY A 1 14  ? 5.366   -5.157  14.319  1.00 32.51 ? 10  GLY A N   1 
ATOM   24   C CA  . GLY A 1 14  ? 5.873   -4.143  13.385  1.00 32.14 ? 10  GLY A CA  1 
ATOM   25   C C   . GLY A 1 14  ? 5.741   -2.716  13.886  1.00 31.72 ? 10  GLY A C   1 
ATOM   26   O O   . GLY A 1 14  ? 6.384   -1.826  13.347  1.00 32.49 ? 10  GLY A O   1 
ATOM   27   N N   . TRP A 1 15  ? 4.915   -2.472  14.898  1.00 31.28 ? 11  TRP A N   1 
ATOM   28   C CA  . TRP A 1 15  ? 4.710   -1.080  15.349  1.00 31.04 ? 11  TRP A CA  1 
ATOM   29   C C   . TRP A 1 15  ? 5.747   -0.629  16.359  1.00 32.32 ? 11  TRP A C   1 
ATOM   30   O O   . TRP A 1 15  ? 6.191   -1.401  17.199  1.00 32.06 ? 11  TRP A O   1 
ATOM   31   C CB  . TRP A 1 15  ? 3.330   -0.905  15.978  1.00 29.65 ? 11  TRP A CB  1 
ATOM   32   C CG  . TRP A 1 15  ? 2.208   -0.977  15.012  1.00 26.98 ? 11  TRP A CG  1 
ATOM   33   C CD1 . TRP A 1 15  ? 1.427   -2.073  14.709  1.00 26.79 ? 11  TRP A CD1 1 
ATOM   34   C CD2 . TRP A 1 15  ? 1.720   0.091   14.215  1.00 22.51 ? 11  TRP A CD2 1 
ATOM   35   N NE1 . TRP A 1 15  ? 0.477   -1.730  13.780  1.00 21.78 ? 11  TRP A NE1 1 
ATOM   36   C CE2 . TRP A 1 15  ? 0.647   -0.401  13.465  1.00 23.27 ? 11  TRP A CE2 1 
ATOM   37   C CE3 . TRP A 1 15  ? 2.098   1.424   14.055  1.00 19.60 ? 11  TRP A CE3 1 
ATOM   38   C CZ2 . TRP A 1 15  ? -0.054  0.405   12.563  1.00 22.71 ? 11  TRP A CZ2 1 
ATOM   39   C CZ3 . TRP A 1 15  ? 1.414   2.196   13.184  1.00 19.30 ? 11  TRP A CZ3 1 
ATOM   40   C CH2 . TRP A 1 15  ? 0.325   1.707   12.473  1.00 20.47 ? 11  TRP A CH2 1 
ATOM   41   N N   . GLU A 1 16  ? 6.083   0.650   16.280  1.00 33.09 ? 12  GLU A N   1 
ATOM   42   C CA  . GLU A 1 16  ? 7.026   1.297   17.160  1.00 34.67 ? 12  GLU A CA  1 
ATOM   43   C C   . GLU A 1 16  ? 6.488   2.681   17.474  1.00 34.68 ? 12  GLU A C   1 
ATOM   44   O O   . GLU A 1 16  ? 5.773   3.258   16.668  1.00 34.48 ? 12  GLU A O   1 
ATOM   45   C CB  . GLU A 1 16  ? 8.386   1.483   16.488  1.00 34.92 ? 12  GLU A CB  1 
ATOM   46   C CG  . GLU A 1 16  ? 9.090   0.195   16.033  1.00 39.66 ? 12  GLU A CG  1 
ATOM   47   C CD  . GLU A 1 16  ? 9.630   -0.665  17.178  1.00 44.14 ? 12  GLU A CD  1 
ATOM   48   O OE1 . GLU A 1 16  ? 9.843   -1.893  16.947  1.00 45.98 ? 12  GLU A OE1 1 
ATOM   49   O OE2 . GLU A 1 16  ? 9.830   -0.120  18.299  1.00 46.52 ? 12  GLU A OE2 1 
ATOM   50   N N   . LYS A 1 17  ? 6.853   3.201   18.638  1.00 34.73 ? 13  LYS A N   1 
ATOM   51   C CA  . LYS A 1 17  ? 6.482   4.535   19.057  1.00 35.30 ? 13  LYS A CA  1 
ATOM   52   C C   . LYS A 1 17  ? 7.682   5.402   18.777  1.00 35.20 ? 13  LYS A C   1 
ATOM   53   O O   . LYS A 1 17  ? 8.821   4.946   18.846  1.00 35.27 ? 13  LYS A O   1 
ATOM   54   C CB  . LYS A 1 17  ? 6.155   4.541   20.549  1.00 35.13 ? 13  LYS A CB  1 
ATOM   55   C CG  . LYS A 1 17  ? 5.300   5.719   21.045  1.00 37.84 ? 13  LYS A CG  1 
ATOM   56   C CD  . LYS A 1 17  ? 5.304   5.868   22.627  1.00 42.90 ? 13  LYS A CD  1 
ATOM   57   C CE  . LYS A 1 17  ? 5.001   4.558   23.429  1.00 47.36 ? 13  LYS A CE  1 
ATOM   58   N NZ  . LYS A 1 17  ? 5.369   4.612   24.924  1.00 47.98 ? 13  LYS A NZ  1 
ATOM   59   N N   . ALA A 1 18  ? 7.444   6.651   18.428  1.00 35.64 ? 14  ALA A N   1 
ATOM   60   C CA  . ALA A 1 18  ? 8.543   7.565   18.144  1.00 35.77 ? 14  ALA A CA  1 
ATOM   61   C C   . ALA A 1 18  ? 8.102   8.986   18.499  1.00 36.61 ? 14  ALA A C   1 
ATOM   62   O O   . ALA A 1 18  ? 6.970   9.199   18.903  1.00 36.31 ? 14  ALA A O   1 
ATOM   63   C CB  . ALA A 1 18  ? 8.941   7.466   16.697  1.00 34.81 ? 14  ALA A CB  1 
ATOM   64   N N   . MET A 1 19  ? 8.993   9.956   18.306  1.00 37.96 ? 15  MET A N   1 
ATOM   65   C CA  . MET A 1 19  ? 8.782   11.335  18.737  1.00 38.75 ? 15  MET A CA  1 
ATOM   66   C C   . MET A 1 19  ? 8.884   12.248  17.532  1.00 39.19 ? 15  MET A C   1 
ATOM   67   O O   . MET A 1 19  ? 9.856   12.173  16.797  1.00 38.13 ? 15  MET A O   1 
ATOM   68   C CB  . MET A 1 19  ? 9.875   11.703  19.753  1.00 39.38 ? 15  MET A CB  1 
ATOM   69   C CG  . MET A 1 19  ? 9.876   13.139  20.246  1.00 40.47 ? 15  MET A CG  1 
ATOM   70   S SD  . MET A 1 19  ? 8.205   13.625  20.678  1.00 45.67 ? 15  MET A SD  1 
ATOM   71   C CE  . MET A 1 19  ? 8.024   12.796  22.273  1.00 43.84 ? 15  MET A CE  1 
ATOM   72   N N   . SER A 1 20  ? 7.894   13.099  17.290  1.00 40.18 ? 16  SER A N   1 
ATOM   73   C CA  . SER A 1 20  ? 8.073   14.001  16.166  1.00 41.83 ? 16  SER A CA  1 
ATOM   74   C C   . SER A 1 20  ? 8.726   15.250  16.698  1.00 43.03 ? 16  SER A C   1 
ATOM   75   O O   . SER A 1 20  ? 8.192   15.868  17.603  1.00 43.66 ? 16  SER A O   1 
ATOM   76   C CB  . SER A 1 20  ? 6.757   14.343  15.501  1.00 42.08 ? 16  SER A CB  1 
ATOM   77   O OG  . SER A 1 20  ? 6.876   15.541  14.758  1.00 41.29 ? 16  SER A OG  1 
ATOM   78   N N   . ARG A 1 21  ? 9.886   15.616  16.146  1.00 44.74 ? 17  ARG A N   1 
ATOM   79   C CA  . ARG A 1 21  ? 10.582  16.816  16.597  1.00 45.65 ? 17  ARG A CA  1 
ATOM   80   C C   . ARG A 1 21  ? 9.757   18.100  16.344  1.00 45.44 ? 17  ARG A C   1 
ATOM   81   O O   . ARG A 1 21  ? 9.608   18.902  17.270  1.00 45.02 ? 17  ARG A O   1 
ATOM   82   C CB  . ARG A 1 21  ? 12.026  16.898  16.049  1.00 45.87 ? 17  ARG A CB  1 
ATOM   83   C CG  . ARG A 1 21  ? 13.134  17.137  17.129  1.00 46.68 ? 17  ARG A CG  1 
ATOM   84   C CD  . ARG A 1 21  ? 13.483  18.651  17.436  1.00 49.48 ? 17  ARG A CD  1 
ATOM   85   N NE  . ARG A 1 21  ? 13.407  18.895  18.885  1.00 50.92 ? 17  ARG A NE  1 
ATOM   86   C CZ  . ARG A 1 21  ? 13.805  19.979  19.563  1.00 50.08 ? 17  ARG A CZ  1 
ATOM   87   N NH1 . ARG A 1 21  ? 14.386  21.032  18.984  1.00 47.74 ? 17  ARG A NH1 1 
ATOM   88   N NH2 . ARG A 1 21  ? 13.596  19.995  20.869  1.00 49.34 ? 17  ARG A NH2 1 
ATOM   89   N N   . SER A 1 22  ? 9.194   18.266  15.144  1.00 45.50 ? 18  SER A N   1 
ATOM   90   C CA  . SER A 1 22  ? 8.469   19.519  14.795  1.00 46.13 ? 18  SER A CA  1 
ATOM   91   C C   . SER A 1 22  ? 7.263   19.825  15.663  1.00 45.99 ? 18  SER A C   1 
ATOM   92   O O   . SER A 1 22  ? 7.025   21.001  16.025  1.00 46.44 ? 18  SER A O   1 
ATOM   93   C CB  . SER A 1 22  ? 7.972   19.510  13.357  1.00 46.54 ? 18  SER A CB  1 
ATOM   94   O OG  . SER A 1 22  ? 8.346   18.325  12.702  1.00 49.80 ? 18  SER A OG  1 
ATOM   95   N N   . SER A 1 23  ? 6.503   18.776  15.968  1.00 44.96 ? 19  SER A N   1 
ATOM   96   C CA  . SER A 1 23  ? 5.290   18.862  16.781  1.00 45.06 ? 19  SER A CA  1 
ATOM   97   C C   . SER A 1 23  ? 5.517   18.736  18.293  1.00 44.61 ? 19  SER A C   1 
ATOM   98   O O   . SER A 1 23  ? 4.768   19.308  19.086  1.00 44.95 ? 19  SER A O   1 
ATOM   99   C CB  . SER A 1 23  ? 4.294   17.765  16.367  1.00 44.69 ? 19  SER A CB  1 
ATOM   100  O OG  . SER A 1 23  ? 4.230   17.623  14.952  1.00 45.08 ? 19  SER A OG  1 
ATOM   101  N N   . GLY A 1 24  ? 6.497   17.936  18.694  1.00 43.58 ? 20  GLY A N   1 
ATOM   102  C CA  . GLY A 1 24  ? 6.636   17.582  20.102  1.00 42.16 ? 20  GLY A CA  1 
ATOM   103  C C   . GLY A 1 24  ? 5.697   16.475  20.560  1.00 41.65 ? 20  GLY A C   1 
ATOM   104  O O   . GLY A 1 24  ? 5.594   16.207  21.756  1.00 41.53 ? 20  GLY A O   1 
ATOM   105  N N   . ARG A 1 25  ? 5.014   15.811  19.630  1.00 40.36 ? 21  ARG A N   1 
ATOM   106  C CA  . ARG A 1 25  ? 4.062   14.745  20.018  1.00 39.18 ? 21  ARG A CA  1 
ATOM   107  C C   . ARG A 1 25  ? 4.565   13.379  19.540  1.00 37.58 ? 21  ARG A C   1 
ATOM   108  O O   . ARG A 1 25  ? 5.219   13.303  18.489  1.00 37.57 ? 21  ARG A O   1 
ATOM   109  C CB  . ARG A 1 25  ? 2.708   14.992  19.371  1.00 39.62 ? 21  ARG A CB  1 
ATOM   110  C CG  . ARG A 1 25  ? 1.901   16.101  19.951  1.00 39.94 ? 21  ARG A CG  1 
ATOM   111  C CD  . ARG A 1 25  ? 0.659   16.238  19.092  1.00 43.69 ? 21  ARG A CD  1 
ATOM   112  N NE  . ARG A 1 25  ? 0.928   16.782  17.752  1.00 41.05 ? 21  ARG A NE  1 
ATOM   113  C CZ  . ARG A 1 25  ? 0.285   16.402  16.645  1.00 40.64 ? 21  ARG A CZ  1 
ATOM   114  N NH1 . ARG A 1 25  ? -0.658  15.452  16.664  1.00 36.34 ? 21  ARG A NH1 1 
ATOM   115  N NH2 . ARG A 1 25  ? 0.595   16.983  15.502  1.00 41.85 ? 21  ARG A NH2 1 
ATOM   116  N N   . VAL A 1 26  ? 4.277   12.314  20.293  1.00 35.21 ? 22  VAL A N   1 
ATOM   117  C CA  . VAL A 1 26  ? 4.627   10.984  19.800  1.00 33.34 ? 22  VAL A CA  1 
ATOM   118  C C   . VAL A 1 26  ? 3.724   10.588  18.617  1.00 32.41 ? 22  VAL A C   1 
ATOM   119  O O   . VAL A 1 26  ? 2.654   11.145  18.438  1.00 32.56 ? 22  VAL A O   1 
ATOM   120  C CB  . VAL A 1 26  ? 4.660   9.903   20.877  1.00 33.38 ? 22  VAL A CB  1 
ATOM   121  C CG1 . VAL A 1 26  ? 5.649   10.284  21.992  1.00 33.50 ? 22  VAL A CG1 1 
ATOM   122  C CG2 . VAL A 1 26  ? 3.275   9.589   21.416  1.00 33.19 ? 22  VAL A CG2 1 
ATOM   123  N N   . TYR A 1 27  ? 4.202   9.673   17.788  1.00 30.58 ? 23  TYR A N   1 
ATOM   124  C CA  . TYR A 1 27  ? 3.401   9.065   16.746  1.00 28.87 ? 23  TYR A CA  1 
ATOM   125  C C   . TYR A 1 27  ? 3.830   7.613   16.651  1.00 28.18 ? 23  TYR A C   1 
ATOM   126  O O   . TYR A 1 27  ? 4.747   7.209   17.354  1.00 28.62 ? 23  TYR A O   1 
ATOM   127  C CB  . TYR A 1 27  ? 3.610   9.798   15.422  1.00 28.22 ? 23  TYR A CB  1 
ATOM   128  C CG  . TYR A 1 27  ? 5.013   9.698   14.875  1.00 27.16 ? 23  TYR A CG  1 
ATOM   129  C CD1 . TYR A 1 27  ? 5.341   8.712   13.965  1.00 24.84 ? 23  TYR A CD1 1 
ATOM   130  C CD2 . TYR A 1 27  ? 5.999   10.620  15.222  1.00 27.60 ? 23  TYR A CD2 1 
ATOM   131  C CE1 . TYR A 1 27  ? 6.603   8.607   13.411  1.00 21.49 ? 23  TYR A CE1 1 
ATOM   132  C CE2 . TYR A 1 27  ? 7.294   10.531  14.656  1.00 26.83 ? 23  TYR A CE2 1 
ATOM   133  C CZ  . TYR A 1 27  ? 7.577   9.495   13.756  1.00 28.62 ? 23  TYR A CZ  1 
ATOM   134  O OH  . TYR A 1 27  ? 8.835   9.343   13.183  1.00 29.56 ? 23  TYR A OH  1 
ATOM   135  N N   . TYR A 1 28  ? 3.197   6.837   15.783  1.00 27.23 ? 24  TYR A N   1 
ATOM   136  C CA  . TYR A 1 28  ? 3.499   5.420   15.647  1.00 27.60 ? 24  TYR A CA  1 
ATOM   137  C C   . TYR A 1 28  ? 3.775   5.105   14.206  1.00 27.79 ? 24  TYR A C   1 
ATOM   138  O O   . TYR A 1 28  ? 3.216   5.747   13.291  1.00 28.34 ? 24  TYR A O   1 
ATOM   139  C CB  . TYR A 1 28  ? 2.326   4.594   16.132  1.00 27.59 ? 24  TYR A CB  1 
ATOM   140  C CG  . TYR A 1 28  ? 1.992   4.880   17.581  1.00 31.56 ? 24  TYR A CG  1 
ATOM   141  C CD1 . TYR A 1 28  ? 1.415   6.111   17.970  1.00 29.99 ? 24  TYR A CD1 1 
ATOM   142  C CD2 . TYR A 1 28  ? 2.250   3.919   18.567  1.00 33.68 ? 24  TYR A CD2 1 
ATOM   143  C CE1 . TYR A 1 28  ? 1.130   6.381   19.304  1.00 35.20 ? 24  TYR A CE1 1 
ATOM   144  C CE2 . TYR A 1 28  ? 1.966   4.164   19.887  1.00 37.30 ? 24  TYR A CE2 1 
ATOM   145  C CZ  . TYR A 1 28  ? 1.408   5.397   20.266  1.00 38.42 ? 24  TYR A CZ  1 
ATOM   146  O OH  . TYR A 1 28  ? 1.146   5.617   21.606  1.00 38.48 ? 24  TYR A OH  1 
ATOM   147  N N   . PHE A 1 29  ? 4.641   4.133   13.976  1.00 27.20 ? 25  PHE A N   1 
ATOM   148  C CA  . PHE A 1 29  ? 4.923   3.714   12.594  1.00 26.85 ? 25  PHE A CA  1 
ATOM   149  C C   . PHE A 1 29  ? 5.165   2.212   12.567  1.00 26.33 ? 25  PHE A C   1 
ATOM   150  O O   . PHE A 1 29  ? 5.670   1.630   13.523  1.00 24.82 ? 25  PHE A O   1 
ATOM   151  C CB  . PHE A 1 29  ? 6.113   4.479   11.991  1.00 27.14 ? 25  PHE A CB  1 
ATOM   152  C CG  . PHE A 1 29  ? 7.427   4.115   12.595  1.00 31.41 ? 25  PHE A CG  1 
ATOM   153  C CD1 . PHE A 1 29  ? 7.887   4.760   13.772  1.00 34.79 ? 25  PHE A CD1 1 
ATOM   154  C CD2 . PHE A 1 29  ? 8.228   3.136   12.016  1.00 33.79 ? 25  PHE A CD2 1 
ATOM   155  C CE1 . PHE A 1 29  ? 9.132   4.412   14.388  1.00 32.83 ? 25  PHE A CE1 1 
ATOM   156  C CE2 . PHE A 1 29  ? 9.474   2.782   12.634  1.00 36.83 ? 25  PHE A CE2 1 
ATOM   157  C CZ  . PHE A 1 29  ? 9.911   3.423   13.820  1.00 32.89 ? 25  PHE A CZ  1 
ATOM   158  N N   . ASN A 1 30  ? 4.817   1.582   11.456  1.00 25.53 ? 26  ASN A N   1 
ATOM   159  C CA  . ASN A 1 30  ? 5.003   0.167   11.355  1.00 24.62 ? 26  ASN A CA  1 
ATOM   160  C C   . ASN A 1 30  ? 6.089   0.044   10.303  1.00 25.56 ? 26  ASN A C   1 
ATOM   161  O O   . ASN A 1 30  ? 5.940   0.565   9.191   1.00 25.91 ? 26  ASN A O   1 
ATOM   162  C CB  . ASN A 1 30  ? 3.685   -0.488  10.972  1.00 23.49 ? 26  ASN A CB  1 
ATOM   163  C CG  . ASN A 1 30  ? 3.734   -1.980  11.007  1.00 25.08 ? 26  ASN A CG  1 
ATOM   164  O OD1 . ASN A 1 30  ? 4.555   -2.630  10.312  1.00 26.43 ? 26  ASN A OD1 1 
ATOM   165  N ND2 . ASN A 1 30  ? 2.846   -2.563  11.814  1.00 21.15 ? 26  ASN A ND2 1 
ATOM   166  N N   . HIS A 1 31  ? 7.188   -0.630  10.635  1.00 24.88 ? 27  HIS A N   1 
ATOM   167  C CA  . HIS A 1 31  ? 8.261   -0.755  9.668   1.00 25.38 ? 27  HIS A CA  1 
ATOM   168  C C   . HIS A 1 31  ? 8.053   -1.909  8.690   1.00 26.24 ? 27  HIS A C   1 
ATOM   169  O O   . HIS A 1 31  ? 8.853   -2.053  7.784   1.00 25.19 ? 27  HIS A O   1 
ATOM   170  C CB  . HIS A 1 31  ? 9.619   -0.906  10.343  1.00 25.09 ? 27  HIS A CB  1 
ATOM   171  C CG  . HIS A 1 31  ? 9.646   -1.967  11.391  1.00 27.10 ? 27  HIS A CG  1 
ATOM   172  N ND1 . HIS A 1 31  ? 9.589   -3.310  11.086  1.00 26.80 ? 27  HIS A ND1 1 
ATOM   173  C CD2 . HIS A 1 31  ? 9.758   -1.879  12.743  1.00 26.35 ? 27  HIS A CD2 1 
ATOM   174  C CE1 . HIS A 1 31  ? 9.641   -4.001  12.211  1.00 31.01 ? 27  HIS A CE1 1 
ATOM   175  N NE2 . HIS A 1 31  ? 9.727   -3.154  13.229  1.00 29.27 ? 27  HIS A NE2 1 
ATOM   176  N N   . ILE A 1 32  ? 7.021   -2.741  8.908   1.00 26.66 ? 28  ILE A N   1 
ATOM   177  C CA  . ILE A 1 32  ? 6.642   -3.756  7.922   1.00 26.99 ? 28  ILE A CA  1 
ATOM   178  C C   . ILE A 1 32  ? 5.681   -3.214  6.843   1.00 26.02 ? 28  ILE A C   1 
ATOM   179  O O   . ILE A 1 32  ? 5.879   -3.495  5.662   1.00 25.50 ? 28  ILE A O   1 
ATOM   180  C CB  . ILE A 1 32  ? 6.026   -4.973  8.580   1.00 27.81 ? 28  ILE A CB  1 
ATOM   181  C CG1 . ILE A 1 32  ? 6.954   -5.492  9.688   1.00 29.47 ? 28  ILE A CG1 1 
ATOM   182  C CG2 . ILE A 1 32  ? 5.743   -6.073  7.531   1.00 27.05 ? 28  ILE A CG2 1 
ATOM   183  C CD1 . ILE A 1 32  ? 6.330   -6.613  10.465  1.00 33.85 ? 28  ILE A CD1 1 
ATOM   184  N N   . THR A 1 33  ? 4.701   -2.395  7.256   1.00 25.20 ? 29  THR A N   1 
ATOM   185  C CA  . THR A 1 33  ? 3.664   -1.850  6.377   1.00 24.29 ? 29  THR A CA  1 
ATOM   186  C C   . THR A 1 33  ? 3.985   -0.430  5.903   1.00 25.29 ? 29  THR A C   1 
ATOM   187  O O   . THR A 1 33  ? 3.318   0.092   5.028   1.00 27.12 ? 29  THR A O   1 
ATOM   188  C CB  . THR A 1 33  ? 2.297   -1.757  7.086   1.00 23.88 ? 29  THR A CB  1 
ATOM   189  O OG1 . THR A 1 33  ? 2.342   -0.783  8.145   1.00 24.21 ? 29  THR A OG1 1 
ATOM   190  C CG2 . THR A 1 33  ? 1.844   -3.070  7.651   1.00 21.12 ? 29  THR A CG2 1 
ATOM   191  N N   . ASN A 1 34  ? 4.929   0.222   6.573   1.00 25.22 ? 30  ASN A N   1 
ATOM   192  C CA  . ASN A 1 34  ? 5.235   1.641   6.413   1.00 24.06 ? 30  ASN A CA  1 
ATOM   193  C C   . ASN A 1 34  ? 4.106   2.557   6.793   1.00 24.80 ? 30  ASN A C   1 
ATOM   194  O O   . ASN A 1 34  ? 4.104   3.750   6.413   1.00 24.01 ? 30  ASN A O   1 
ATOM   195  C CB  . ASN A 1 34  ? 5.841   1.959   5.042   1.00 24.20 ? 30  ASN A CB  1 
ATOM   196  C CG  . ASN A 1 34  ? 7.149   1.196   4.790   1.00 22.88 ? 30  ASN A CG  1 
ATOM   197  O OD1 . ASN A 1 34  ? 7.249   0.402   3.856   1.00 26.23 ? 30  ASN A OD1 1 
ATOM   198  N ND2 . ASN A 1 34  ? 8.116   1.390   5.630   1.00 21.70 ? 30  ASN A ND2 1 
ATOM   199  N N   . ALA A 1 35  ? 3.156   2.028   7.586   1.00 24.25 ? 31  ALA A N   1 
ATOM   200  C CA  . ALA A 1 35  ? 2.110   2.885   8.159   1.00 24.31 ? 31  ALA A CA  1 
ATOM   201  C C   . ALA A 1 35  ? 2.718   3.908   9.118   1.00 25.30 ? 31  ALA A C   1 
ATOM   202  O O   . ALA A 1 35  ? 3.801   3.673   9.681   1.00 25.62 ? 31  ALA A O   1 
ATOM   203  C CB  . ALA A 1 35  ? 0.986   2.042   8.880   1.00 24.90 ? 31  ALA A CB  1 
ATOM   204  N N   . SER A 1 36  ? 2.064   5.065   9.252   1.00 24.82 ? 32  SER A N   1 
ATOM   205  C CA  . SER A 1 36  ? 2.403   6.024   10.275  1.00 25.28 ? 32  SER A CA  1 
ATOM   206  C C   . SER A 1 36  ? 1.174   6.847   10.567  1.00 25.30 ? 32  SER A C   1 
ATOM   207  O O   . SER A 1 36  ? 0.387   7.102   9.668   1.00 24.76 ? 32  SER A O   1 
ATOM   208  C CB  . SER A 1 36  ? 3.627   6.908   9.937   1.00 25.97 ? 32  SER A CB  1 
ATOM   209  O OG  . SER A 1 36  ? 3.460   7.603   8.707   1.00 28.49 ? 32  SER A OG  1 
ATOM   210  N N   . GLN A 1 37  ? 1.012   7.237   11.838  1.00 25.16 ? 33  GLN A N   1 
ATOM   211  C CA  . GLN A 1 37  ? -0.202  7.910   12.353  1.00 25.62 ? 33  GLN A CA  1 
ATOM   212  C C   . GLN A 1 37  ? 0.101   8.503   13.719  1.00 26.41 ? 33  GLN A C   1 
ATOM   213  O O   . GLN A 1 37  ? 0.951   7.983   14.442  1.00 27.09 ? 33  GLN A O   1 
ATOM   214  C CB  . GLN A 1 37  ? -1.360  6.934   12.500  1.00 23.32 ? 33  GLN A CB  1 
ATOM   215  C CG  . GLN A 1 37  ? -1.028  5.645   13.275  1.00 25.34 ? 33  GLN A CG  1 
ATOM   216  C CD  . GLN A 1 37  ? -2.093  4.560   13.169  1.00 24.34 ? 33  GLN A CD  1 
ATOM   217  O OE1 . GLN A 1 37  ? -2.385  4.069   12.084  1.00 25.92 ? 33  GLN A OE1 1 
ATOM   218  N NE2 . GLN A 1 37  ? -2.690  4.189   14.313  1.00 26.39 ? 33  GLN A NE2 1 
ATOM   219  N N   . TRP A 1 38  ? -0.628  9.540   14.109  1.00 27.35 ? 34  TRP A N   1 
ATOM   220  C CA  . TRP A 1 38  ? -0.498  10.059  15.454  1.00 27.89 ? 34  TRP A CA  1 
ATOM   221  C C   . TRP A 1 38  ? -1.027  9.086   16.498  1.00 28.99 ? 34  TRP A C   1 
ATOM   222  O O   . TRP A 1 38  ? -0.513  9.045   17.587  1.00 29.47 ? 34  TRP A O   1 
ATOM   223  C CB  . TRP A 1 38  ? -1.237  11.370  15.615  1.00 27.06 ? 34  TRP A CB  1 
ATOM   224  C CG  . TRP A 1 38  ? -0.707  12.380  14.745  1.00 27.00 ? 34  TRP A CG  1 
ATOM   225  C CD1 . TRP A 1 38  ? -1.320  12.933  13.679  1.00 25.59 ? 34  TRP A CD1 1 
ATOM   226  C CD2 . TRP A 1 38  ? 0.594   12.960  14.820  1.00 27.08 ? 34  TRP A CD2 1 
ATOM   227  N NE1 . TRP A 1 38  ? -0.490  13.842  13.082  1.00 28.49 ? 34  TRP A NE1 1 
ATOM   228  C CE2 . TRP A 1 38  ? 0.703   13.866  13.757  1.00 26.76 ? 34  TRP A CE2 1 
ATOM   229  C CE3 . TRP A 1 38  ? 1.683   12.799  15.694  1.00 27.13 ? 34  TRP A CE3 1 
ATOM   230  C CZ2 . TRP A 1 38  ? 1.867   14.612  13.524  1.00 27.09 ? 34  TRP A CZ2 1 
ATOM   231  C CZ3 . TRP A 1 38  ? 2.844   13.541  15.461  1.00 25.94 ? 34  TRP A CZ3 1 
ATOM   232  C CH2 . TRP A 1 38  ? 2.918   14.446  14.400  1.00 24.05 ? 34  TRP A CH2 1 
ATOM   233  N N   . GLU A 1 39  ? -2.068  8.340   16.175  1.00 30.27 ? 35  GLU A N   1 
ATOM   234  C CA  . GLU A 1 39  ? -2.797  7.605   17.200  1.00 31.13 ? 35  GLU A CA  1 
ATOM   235  C C   . GLU A 1 39  ? -2.205  6.209   17.362  1.00 31.87 ? 35  GLU A C   1 
ATOM   236  O O   . GLU A 1 39  ? -1.686  5.605   16.402  1.00 30.28 ? 35  GLU A O   1 
ATOM   237  C CB  . GLU A 1 39  ? -4.297  7.511   16.823  1.00 31.07 ? 35  GLU A CB  1 
ATOM   238  C CG  . GLU A 1 39  ? -5.032  8.859   16.555  1.00 33.11 ? 35  GLU A CG  1 
ATOM   239  C CD  . GLU A 1 39  ? -4.741  9.546   15.190  1.00 33.15 ? 35  GLU A CD  1 
ATOM   240  O OE1 . GLU A 1 39  ? -4.289  8.876   14.234  1.00 33.65 ? 35  GLU A OE1 1 
ATOM   241  O OE2 . GLU A 1 39  ? -5.011  10.779  15.049  1.00 32.23 ? 35  GLU A OE2 1 
ATOM   242  N N   . ARG A 1 40  ? -2.323  5.694   18.580  1.00 33.41 ? 36  ARG A N   1 
ATOM   243  C CA  . ARG A 1 40  ? -1.921  4.355   18.926  1.00 34.46 ? 36  ARG A CA  1 
ATOM   244  C C   . ARG A 1 40  ? -2.837  3.354   18.267  1.00 35.37 ? 36  ARG A C   1 
ATOM   245  O O   . ARG A 1 40  ? -4.047  3.464   18.419  1.00 35.65 ? 36  ARG A O   1 
ATOM   246  C CB  . ARG A 1 40  ? -2.001  4.197   20.425  1.00 35.64 ? 36  ARG A CB  1 
ATOM   247  C CG  . ARG A 1 40  ? -1.442  2.876   20.938  1.00 39.40 ? 36  ARG A CG  1 
ATOM   248  C CD  . ARG A 1 40  ? -1.560  2.822   22.430  1.00 46.66 ? 36  ARG A CD  1 
ATOM   249  N NE  . ARG A 1 40  ? -1.645  1.442   22.899  1.00 53.49 ? 36  ARG A NE  1 
ATOM   250  C CZ  . ARG A 1 40  ? -0.615  0.716   23.339  1.00 55.86 ? 36  ARG A CZ  1 
ATOM   251  N NH1 . ARG A 1 40  ? 0.623   1.227   23.386  1.00 58.41 ? 36  ARG A NH1 1 
ATOM   252  N NH2 . ARG A 1 40  ? -0.827  -0.529  23.739  1.00 55.68 ? 36  ARG A NH2 1 
ATOM   253  N N   . PRO A 1 41  ? -2.269  2.374   17.507  1.00 35.99 ? 37  PRO A N   1 
ATOM   254  C CA  . PRO A 1 41  ? -3.084  1.330   16.878  1.00 36.80 ? 37  PRO A CA  1 
ATOM   255  C C   . PRO A 1 41  ? -3.722  0.411   17.903  1.00 37.56 ? 37  PRO A C   1 
ATOM   256  O O   . PRO A 1 41  ? -3.202  0.302   18.997  1.00 36.99 ? 37  PRO A O   1 
ATOM   257  C CB  . PRO A 1 41  ? -2.051  0.493   16.083  1.00 36.85 ? 37  PRO A CB  1 
ATOM   258  C CG  . PRO A 1 41  ? -0.698  0.884   16.666  1.00 37.45 ? 37  PRO A CG  1 
ATOM   259  C CD  . PRO A 1 41  ? -0.856  2.310   17.073  1.00 35.62 ? 37  PRO A CD  1 
ATOM   260  N N   . SER A 1 42  ? -4.876  -0.163  17.545  1.00 38.88 ? 38  SER A N   1 
ATOM   261  C CA  . SER A 1 42  ? -5.336  -1.530  17.956  1.00 40.44 ? 38  SER A CA  1 
ATOM   262  C C   . SER A 1 42  ? -6.852  -1.551  17.721  1.00 41.22 ? 38  SER A C   1 
ATOM   263  O O   . SER A 1 42  ? -7.297  -1.276  16.589  1.00 41.40 ? 38  SER A O   1 
ATOM   264  C CB  . SER A 1 42  ? -5.003  -1.902  19.411  1.00 41.13 ? 38  SER A CB  1 
ATOM   265  O OG  . SER A 1 42  ? -5.108  -3.302  19.663  1.00 42.37 ? 38  SER A OG  1 
ATOM   266  N N   . GLU A 1 55  ? -2.370  -14.446 13.603  1.00 58.21 ? 51  GLU A N   1 
ATOM   267  C CA  . GLU A 1 55  ? -2.317  -14.560 12.144  1.00 57.87 ? 51  GLU A CA  1 
ATOM   268  C C   . GLU A 1 55  ? -3.203  -15.693 11.574  1.00 57.22 ? 51  GLU A C   1 
ATOM   269  O O   . GLU A 1 55  ? -2.924  -16.887 11.787  1.00 57.47 ? 51  GLU A O   1 
ATOM   270  C CB  . GLU A 1 55  ? -0.856  -14.694 11.650  1.00 58.49 ? 51  GLU A CB  1 
ATOM   271  C CG  . GLU A 1 55  ? -0.727  -15.004 10.144  1.00 57.67 ? 51  GLU A CG  1 
ATOM   272  C CD  . GLU A 1 55  ? 0.713   -15.000 9.611   1.00 56.60 ? 51  GLU A CD  1 
ATOM   273  O OE1 . GLU A 1 55  ? 1.073   -15.973 8.907   1.00 52.02 ? 51  GLU A OE1 1 
ATOM   274  O OE2 . GLU A 1 55  ? 1.461   -14.025 9.872   1.00 56.88 ? 51  GLU A OE2 1 
ATOM   275  N N   . PRO A 1 56  ? -4.253  -15.314 10.814  1.00 56.14 ? 52  PRO A N   1 
ATOM   276  C CA  . PRO A 1 56  ? -5.152  -16.224 10.092  1.00 55.18 ? 52  PRO A CA  1 
ATOM   277  C C   . PRO A 1 56  ? -4.482  -17.023 8.963   1.00 54.03 ? 52  PRO A C   1 
ATOM   278  O O   . PRO A 1 56  ? -3.405  -16.654 8.481   1.00 53.78 ? 52  PRO A O   1 
ATOM   279  C CB  . PRO A 1 56  ? -6.157  -15.261 9.451   1.00 55.66 ? 52  PRO A CB  1 
ATOM   280  C CG  . PRO A 1 56  ? -5.384  -13.989 9.300   1.00 55.80 ? 52  PRO A CG  1 
ATOM   281  C CD  . PRO A 1 56  ? -4.618  -13.905 10.577  1.00 56.02 ? 52  PRO A CD  1 
ATOM   282  N N   . ALA A 1 57  ? -5.136  -18.103 8.538   1.00 52.41 ? 53  ALA A N   1 
ATOM   283  C CA  . ALA A 1 57  ? -4.732  -18.804 7.325   1.00 50.81 ? 53  ALA A CA  1 
ATOM   284  C C   . ALA A 1 57  ? -4.608  -17.798 6.157   1.00 48.73 ? 53  ALA A C   1 
ATOM   285  O O   . ALA A 1 57  ? -3.531  -17.594 5.612   1.00 48.84 ? 53  ALA A O   1 
ATOM   286  C CB  . ALA A 1 57  ? -5.760  -19.929 6.989   1.00 51.20 ? 53  ALA A CB  1 
ATOM   287  N N   . ARG A 1 58  ? -5.723  -17.157 5.818   1.00 46.24 ? 54  ARG A N   1 
ATOM   288  C CA  . ARG A 1 58  ? -5.835  -16.259 4.671   1.00 43.61 ? 54  ARG A CA  1 
ATOM   289  C C   . ARG A 1 58  ? -6.185  -14.810 5.077   1.00 41.07 ? 54  ARG A C   1 
ATOM   290  O O   . ARG A 1 58  ? -6.806  -14.595 6.123   1.00 41.20 ? 54  ARG A O   1 
ATOM   291  C CB  . ARG A 1 58  ? -6.862  -16.829 3.680   1.00 44.21 ? 54  ARG A CB  1 
ATOM   292  C CG  . ARG A 1 58  ? -6.413  -18.154 2.994   1.00 44.74 ? 54  ARG A CG  1 
ATOM   293  C CD  . ARG A 1 58  ? -7.459  -18.692 1.997   1.00 48.88 ? 54  ARG A CD  1 
ATOM   294  N NE  . ARG A 1 58  ? -7.301  -18.276 0.586   1.00 48.95 ? 54  ARG A NE  1 
ATOM   295  C CZ  . ARG A 1 58  ? -6.441  -18.820 -0.293  1.00 52.78 ? 54  ARG A CZ  1 
ATOM   296  N NH1 . ARG A 1 58  ? -5.588  -19.778 0.077   1.00 53.07 ? 54  ARG A NH1 1 
ATOM   297  N NH2 . ARG A 1 58  ? -6.401  -18.395 -1.561  1.00 52.51 ? 54  ARG A NH2 1 
ATOM   298  N N   . VAL A 1 59  ? -5.743  -13.832 4.273   1.00 37.92 ? 55  VAL A N   1 
ATOM   299  C CA  . VAL A 1 59  ? -6.240  -12.437 4.344   1.00 34.86 ? 55  VAL A CA  1 
ATOM   300  C C   . VAL A 1 59  ? -6.806  -11.940 3.020   1.00 33.87 ? 55  VAL A C   1 
ATOM   301  O O   . VAL A 1 59  ? -6.434  -12.454 1.945   1.00 33.44 ? 55  VAL A O   1 
ATOM   302  C CB  . VAL A 1 59  ? -5.162  -11.387 4.798   1.00 34.21 ? 55  VAL A CB  1 
ATOM   303  C CG1 . VAL A 1 59  ? -4.636  -11.708 6.176   1.00 35.15 ? 55  VAL A CG1 1 
ATOM   304  C CG2 . VAL A 1 59  ? -4.037  -11.252 3.780   1.00 33.83 ? 55  VAL A CG2 1 
ATOM   305  N N   . ARG A 1 60  ? -7.672  -10.917 3.086   1.00 32.06 ? 56  ARG A N   1 
ATOM   306  C CA  . ARG A 1 60  ? -8.141  -10.287 1.877   1.00 30.96 ? 56  ARG A CA  1 
ATOM   307  C C   . ARG A 1 60  ? -7.717  -8.832  1.755   1.00 29.95 ? 56  ARG A C   1 
ATOM   308  O O   . ARG A 1 60  ? -7.974  -8.025  2.667   1.00 31.07 ? 56  ARG A O   1 
ATOM   309  C CB  . ARG A 1 60  ? -9.655  -10.421 1.722   1.00 31.27 ? 56  ARG A CB  1 
ATOM   310  C CG  . ARG A 1 60  ? -10.177 -10.047 0.262   1.00 32.26 ? 56  ARG A CG  1 
ATOM   311  C CD  . ARG A 1 60  ? -11.672 -10.044 0.177   1.00 29.18 ? 56  ARG A CD  1 
ATOM   312  N NE  . ARG A 1 60  ? -12.169 -9.796  -1.169  1.00 32.10 ? 56  ARG A NE  1 
ATOM   313  C CZ  . ARG A 1 60  ? -13.455 -9.952  -1.533  1.00 32.91 ? 56  ARG A CZ  1 
ATOM   314  N NH1 . ARG A 1 60  ? -14.376 -10.354 -0.653  1.00 28.01 ? 56  ARG A NH1 1 
ATOM   315  N NH2 . ARG A 1 60  ? -13.846 -9.690  -2.782  1.00 30.62 ? 56  ARG A NH2 1 
ATOM   316  N N   . CYS A 1 61  ? -7.114  -8.490  0.607   1.00 27.94 ? 57  CYS A N   1 
ATOM   317  C CA  . CYS A 1 61  ? -6.606  -7.139  0.379   1.00 26.83 ? 57  CYS A CA  1 
ATOM   318  C C   . CYS A 1 61  ? -7.009  -6.594  -0.975  1.00 26.22 ? 57  CYS A C   1 
ATOM   319  O O   . CYS A 1 61  ? -7.162  -7.346  -1.940  1.00 24.85 ? 57  CYS A O   1 
ATOM   320  C CB  . CYS A 1 61  ? -5.088  -7.117  0.485   1.00 26.80 ? 57  CYS A CB  1 
ATOM   321  S SG  . CYS A 1 61  ? -4.514  -7.507  2.183   1.00 28.87 ? 57  CYS A SG  1 
ATOM   322  N N   . SER A 1 62  ? -7.213  -5.279  -1.023  1.00 24.88 ? 58  SER A N   1 
ATOM   323  C CA  . SER A 1 62  ? -7.176  -4.533  -2.253  1.00 23.96 ? 58  SER A CA  1 
ATOM   324  C C   . SER A 1 62  ? -5.855  -3.781  -2.307  1.00 23.62 ? 58  SER A C   1 
ATOM   325  O O   . SER A 1 62  ? -5.236  -3.541  -1.255  1.00 22.86 ? 58  SER A O   1 
ATOM   326  C CB  . SER A 1 62  ? -8.325  -3.570  -2.262  1.00 24.55 ? 58  SER A CB  1 
ATOM   327  O OG  . SER A 1 62  ? -9.523  -4.312  -2.217  1.00 27.69 ? 58  SER A OG  1 
ATOM   328  N N   . HIS A 1 63  ? -5.395  -3.396  -3.505  1.00 22.04 ? 59  HIS A N   1 
ATOM   329  C CA  . HIS A 1 63  ? -4.204  -2.546  -3.548  1.00 20.47 ? 59  HIS A CA  1 
ATOM   330  C C   . HIS A 1 63  ? -4.295  -1.538  -4.658  1.00 20.71 ? 59  HIS A C   1 
ATOM   331  O O   . HIS A 1 63  ? -5.173  -1.625  -5.492  1.00 19.49 ? 59  HIS A O   1 
ATOM   332  C CB  . HIS A 1 63  ? -2.887  -3.361  -3.638  1.00 20.32 ? 59  HIS A CB  1 
ATOM   333  C CG  . HIS A 1 63  ? -2.580  -3.912  -4.997  1.00 19.95 ? 59  HIS A CG  1 
ATOM   334  N ND1 . HIS A 1 63  ? -1.325  -3.878  -5.552  1.00 25.27 ? 59  HIS A ND1 1 
ATOM   335  C CD2 . HIS A 1 63  ? -3.373  -4.502  -5.926  1.00 23.41 ? 59  HIS A CD2 1 
ATOM   336  C CE1 . HIS A 1 63  ? -1.342  -4.440  -6.748  1.00 20.39 ? 59  HIS A CE1 1 
ATOM   337  N NE2 . HIS A 1 63  ? -2.573  -4.838  -6.992  1.00 21.65 ? 59  HIS A NE2 1 
ATOM   338  N N   . LEU A 1 64  ? -3.346  -0.596  -4.666  1.00 21.16 ? 60  LEU A N   1 
ATOM   339  C CA  . LEU A 1 64  ? -3.121  0.304   -5.791  1.00 21.33 ? 60  LEU A CA  1 
ATOM   340  C C   . LEU A 1 64  ? -1.638  0.240   -6.051  1.00 21.21 ? 60  LEU A C   1 
ATOM   341  O O   . LEU A 1 64  ? -0.880  0.542   -5.147  1.00 21.48 ? 60  LEU A O   1 
ATOM   342  C CB  . LEU A 1 64  ? -3.535  1.722   -5.408  1.00 21.05 ? 60  LEU A CB  1 
ATOM   343  C CG  . LEU A 1 64  ? -3.543  2.808   -6.473  1.00 21.39 ? 60  LEU A CG  1 
ATOM   344  C CD1 . LEU A 1 64  ? -4.387  3.982   -5.967  1.00 24.75 ? 60  LEU A CD1 1 
ATOM   345  C CD2 . LEU A 1 64  ? -2.097  3.289   -6.874  1.00 21.27 ? 60  LEU A CD2 1 
ATOM   346  N N   . LEU A 1 65  ? -1.252  -0.142  -7.271  1.00 22.18 ? 61  LEU A N   1 
ATOM   347  C CA  . LEU A 1 65  ? 0.151   -0.313  -7.702  1.00 22.96 ? 61  LEU A CA  1 
ATOM   348  C C   . LEU A 1 65  ? 0.455   0.811   -8.656  1.00 24.41 ? 61  LEU A C   1 
ATOM   349  O O   . LEU A 1 65  ? -0.343  1.065   -9.567  1.00 24.06 ? 61  LEU A O   1 
ATOM   350  C CB  . LEU A 1 65  ? 0.335   -1.625  -8.457  1.00 22.30 ? 61  LEU A CB  1 
ATOM   351  C CG  . LEU A 1 65  ? 1.631   -1.888  -9.268  1.00 22.35 ? 61  LEU A CG  1 
ATOM   352  C CD1 . LEU A 1 65  ? 2.860   -1.978  -8.416  1.00 16.41 ? 61  LEU A CD1 1 
ATOM   353  C CD2 . LEU A 1 65  ? 1.491   -3.199  -9.950  1.00 20.17 ? 61  LEU A CD2 1 
ATOM   354  N N   . VAL A 1 66  ? 1.573   1.510   -8.443  1.00 25.71 ? 62  VAL A N   1 
ATOM   355  C CA  . VAL A 1 66  ? 2.078   2.427   -9.442  1.00 26.66 ? 62  VAL A CA  1 
ATOM   356  C C   . VAL A 1 66  ? 3.413   1.822   -9.898  1.00 28.64 ? 62  VAL A C   1 
ATOM   357  O O   . VAL A 1 66  ? 4.375   1.734   -9.110  1.00 29.78 ? 62  VAL A O   1 
ATOM   358  C CB  . VAL A 1 66  ? 2.297   3.794   -8.858  1.00 27.35 ? 62  VAL A CB  1 
ATOM   359  C CG1 . VAL A 1 66  ? 2.881   4.745   -9.893  1.00 28.97 ? 62  VAL A CG1 1 
ATOM   360  C CG2 . VAL A 1 66  ? 0.986   4.376   -8.337  1.00 27.02 ? 62  VAL A CG2 1 
ATOM   361  N N   . LYS A 1 67  ? 3.473   1.343   -11.139 1.00 28.16 ? 63  LYS A N   1 
ATOM   362  C CA  . LYS A 1 67  ? 4.717   0.830   -11.676 1.00 28.71 ? 63  LYS A CA  1 
ATOM   363  C C   . LYS A 1 67  ? 5.659   1.962   -12.094 1.00 29.14 ? 63  LYS A C   1 
ATOM   364  O O   . LYS A 1 67  ? 5.247   3.117   -12.205 1.00 29.40 ? 63  LYS A O   1 
ATOM   365  C CB  . LYS A 1 67  ? 4.472   -0.054  -12.889 1.00 28.73 ? 63  LYS A CB  1 
ATOM   366  C CG  . LYS A 1 67  ? 3.712   -1.335  -12.645 1.00 27.91 ? 63  LYS A CG  1 
ATOM   367  C CD  . LYS A 1 67  ? 3.487   -2.093  -13.975 1.00 27.48 ? 63  LYS A CD  1 
ATOM   368  C CE  . LYS A 1 67  ? 2.767   -3.443  -13.771 1.00 31.50 ? 63  LYS A CE  1 
ATOM   369  N NZ  . LYS A 1 67  ? 2.955   -4.486  -14.913 1.00 29.22 ? 63  LYS A NZ  1 
ATOM   370  N N   . HIS A 1 68  ? 6.921   1.593   -12.313 1.00 28.98 ? 64  HIS A N   1 
ATOM   371  C CA  . HIS A 1 68  ? 7.995   2.483   -12.703 1.00 29.75 ? 64  HIS A CA  1 
ATOM   372  C C   . HIS A 1 68  ? 8.913   1.689   -13.687 1.00 30.35 ? 64  HIS A C   1 
ATOM   373  O O   . HIS A 1 68  ? 8.615   0.546   -14.018 1.00 30.10 ? 64  HIS A O   1 
ATOM   374  C CB  . HIS A 1 68  ? 8.744   3.015   -11.468 1.00 29.22 ? 64  HIS A CB  1 
ATOM   375  C CG  . HIS A 1 68  ? 9.196   1.934   -10.538 1.00 29.10 ? 64  HIS A CG  1 
ATOM   376  N ND1 . HIS A 1 68  ? 10.296  1.151   -10.796 1.00 27.90 ? 64  HIS A ND1 1 
ATOM   377  C CD2 . HIS A 1 68  ? 8.665   1.470   -9.381  1.00 27.66 ? 64  HIS A CD2 1 
ATOM   378  C CE1 . HIS A 1 68  ? 10.428  0.250   -9.838  1.00 26.72 ? 64  HIS A CE1 1 
ATOM   379  N NE2 . HIS A 1 68  ? 9.462   0.438   -8.955  1.00 25.49 ? 64  HIS A NE2 1 
ATOM   380  N N   . SER A 1 69  ? 9.988   2.311   -14.179 1.00 31.89 ? 65  SER A N   1 
ATOM   381  C CA  . SER A 1 69  ? 10.801  1.728   -15.259 1.00 32.01 ? 65  SER A CA  1 
ATOM   382  C C   . SER A 1 69  ? 11.640  0.516   -14.846 1.00 32.52 ? 65  SER A C   1 
ATOM   383  O O   . SER A 1 69  ? 12.123  -0.208  -15.704 1.00 32.91 ? 65  SER A O   1 
ATOM   384  C CB  . SER A 1 69  ? 11.697  2.784   -15.894 1.00 31.72 ? 65  SER A CB  1 
ATOM   385  O OG  . SER A 1 69  ? 12.651  3.240   -14.963 1.00 31.85 ? 65  SER A OG  1 
ATOM   386  N N   . GLN A 1 70  ? 11.827  0.292   -13.550 1.00 32.73 ? 66  GLN A N   1 
ATOM   387  C CA  . GLN A 1 70  ? 12.532  -0.910  -13.097 1.00 33.52 ? 66  GLN A CA  1 
ATOM   388  C C   . GLN A 1 70  ? 11.520  -1.946  -12.627 1.00 33.51 ? 66  GLN A C   1 
ATOM   389  O O   . GLN A 1 70  ? 11.888  -3.037  -12.215 1.00 33.17 ? 66  GLN A O   1 
ATOM   390  C CB  . GLN A 1 70  ? 13.573  -0.610  -12.011 1.00 34.06 ? 66  GLN A CB  1 
ATOM   391  C CG  . GLN A 1 70  ? 14.736  0.334   -12.418 1.00 37.98 ? 66  GLN A CG  1 
ATOM   392  C CD  . GLN A 1 70  ? 15.923  0.290   -11.395 1.00 44.66 ? 66  GLN A CD  1 
ATOM   393  O OE1 . GLN A 1 70  ? 16.124  -0.721  -10.655 1.00 42.41 ? 66  GLN A OE1 1 
ATOM   394  N NE2 . GLN A 1 70  ? 16.712  1.391   -11.355 1.00 40.76 ? 66  GLN A NE2 1 
ATOM   395  N N   . SER A 1 71  ? 10.228  -1.625  -12.722 1.00 33.96 ? 67  SER A N   1 
ATOM   396  C CA  . SER A 1 71  ? 9.203   -2.672  -12.535 1.00 34.31 ? 67  SER A CA  1 
ATOM   397  C C   . SER A 1 71  ? 9.529   -3.891  -13.396 1.00 35.16 ? 67  SER A C   1 
ATOM   398  O O   . SER A 1 71  ? 10.016  -3.780  -14.538 1.00 35.03 ? 67  SER A O   1 
ATOM   399  C CB  . SER A 1 71  ? 7.805   -2.189  -12.906 1.00 33.82 ? 67  SER A CB  1 
ATOM   400  O OG  . SER A 1 71  ? 7.254   -1.299  -11.965 1.00 33.22 ? 67  SER A OG  1 
ATOM   401  N N   . ARG A 1 72  ? 9.251   -5.049  -12.844 1.00 35.82 ? 68  ARG A N   1 
ATOM   402  C CA  . ARG A 1 72  ? 9.386   -6.289  -13.553 1.00 37.25 ? 68  ARG A CA  1 
ATOM   403  C C   . ARG A 1 72  ? 8.679   -6.269  -14.907 1.00 36.87 ? 68  ARG A C   1 
ATOM   404  O O   . ARG A 1 72  ? 9.243   -6.664  -15.902 1.00 36.97 ? 68  ARG A O   1 
ATOM   405  C CB  . ARG A 1 72  ? 8.822   -7.399  -12.678 1.00 38.31 ? 68  ARG A CB  1 
ATOM   406  C CG  . ARG A 1 72  ? 8.716   -8.777  -13.344 1.00 42.26 ? 68  ARG A CG  1 
ATOM   407  C CD  . ARG A 1 72  ? 7.851   -9.697  -12.444 1.00 49.66 ? 68  ARG A CD  1 
ATOM   408  N NE  . ARG A 1 72  ? 8.425   -9.773  -11.097 1.00 53.11 ? 68  ARG A NE  1 
ATOM   409  C CZ  . ARG A 1 72  ? 8.411   -10.859 -10.328 1.00 56.98 ? 68  ARG A CZ  1 
ATOM   410  N NH1 . ARG A 1 72  ? 7.820   -11.975 -10.775 1.00 59.13 ? 68  ARG A NH1 1 
ATOM   411  N NH2 . ARG A 1 72  ? 8.985   -10.837 -9.121  1.00 54.82 ? 68  ARG A NH2 1 
ATOM   412  N N   . ARG A 1 73  ? 7.436   -5.830  -14.950 1.00 36.56 ? 69  ARG A N   1 
ATOM   413  C CA  . ARG A 1 73  ? 6.750   -5.762  -16.229 1.00 37.18 ? 69  ARG A CA  1 
ATOM   414  C C   . ARG A 1 73  ? 6.373   -4.268  -16.471 1.00 35.62 ? 69  ARG A C   1 
ATOM   415  O O   . ARG A 1 73  ? 5.284   -3.846  -16.079 1.00 35.21 ? 69  ARG A O   1 
ATOM   416  C CB  . ARG A 1 73  ? 5.532   -6.732  -16.223 1.00 37.37 ? 69  ARG A CB  1 
ATOM   417  C CG  . ARG A 1 73  ? 5.156   -7.353  -17.576 1.00 43.12 ? 69  ARG A CG  1 
ATOM   418  C CD  . ARG A 1 73  ? 3.789   -8.099  -17.583 1.00 52.28 ? 69  ARG A CD  1 
ATOM   419  N NE  . ARG A 1 73  ? 2.620   -7.243  -17.279 1.00 57.60 ? 69  ARG A NE  1 
ATOM   420  C CZ  . ARG A 1 73  ? 1.869   -6.569  -18.167 1.00 59.87 ? 69  ARG A CZ  1 
ATOM   421  N NH1 . ARG A 1 73  ? 2.130   -6.615  -19.473 1.00 61.56 ? 69  ARG A NH1 1 
ATOM   422  N NH2 . ARG A 1 73  ? 0.842   -5.834  -17.740 1.00 59.94 ? 69  ARG A NH2 1 
ATOM   423  N N   . PRO A 1 74  ? 7.284   -3.461  -17.078 1.00 34.75 ? 70  PRO A N   1 
ATOM   424  C CA  . PRO A 1 74  ? 6.998   -2.017  -17.082 1.00 34.61 ? 70  PRO A CA  1 
ATOM   425  C C   . PRO A 1 74  ? 5.956   -1.624  -18.148 1.00 34.42 ? 70  PRO A C   1 
ATOM   426  O O   . PRO A 1 74  ? 6.259   -0.918  -19.113 1.00 34.19 ? 70  PRO A O   1 
ATOM   427  C CB  . PRO A 1 74  ? 8.375   -1.364  -17.316 1.00 33.88 ? 70  PRO A CB  1 
ATOM   428  C CG  . PRO A 1 74  ? 9.113   -2.365  -18.147 1.00 34.83 ? 70  PRO A CG  1 
ATOM   429  C CD  . PRO A 1 74  ? 8.589   -3.758  -17.704 1.00 35.01 ? 70  PRO A CD  1 
ATOM   430  N N   . SER A 1 75  ? 4.722   -2.054  -17.905 1.00 34.56 ? 71  SER A N   1 
ATOM   431  C CA  . SER A 1 75  ? 3.634   -1.981  -18.847 1.00 34.53 ? 71  SER A CA  1 
ATOM   432  C C   . SER A 1 75  ? 2.386   -2.222  -18.035 1.00 34.20 ? 71  SER A C   1 
ATOM   433  O O   . SER A 1 75  ? 2.432   -3.017  -17.123 1.00 34.31 ? 71  SER A O   1 
ATOM   434  C CB  . SER A 1 75  ? 3.779   -3.132  -19.820 1.00 34.59 ? 71  SER A CB  1 
ATOM   435  O OG  . SER A 1 75  ? 2.793   -3.005  -20.812 1.00 38.54 ? 71  SER A OG  1 
ATOM   436  N N   . SER A 1 76  ? 1.272   -1.580  -18.378 1.00 33.87 ? 72  SER A N   1 
ATOM   437  C CA  . SER A 1 76  ? -0.035  -1.901  -17.789 1.00 33.86 ? 72  SER A CA  1 
ATOM   438  C C   . SER A 1 76  ? -1.200  -1.644  -18.763 1.00 34.62 ? 72  SER A C   1 
ATOM   439  O O   . SER A 1 76  ? -0.990  -1.180  -19.893 1.00 34.43 ? 72  SER A O   1 
ATOM   440  C CB  . SER A 1 76  ? -0.269  -1.045  -16.525 1.00 33.77 ? 72  SER A CB  1 
ATOM   441  O OG  . SER A 1 76  ? -0.605  0.304   -16.850 1.00 33.59 ? 72  SER A OG  1 
ATOM   442  N N   . TRP A 1 77  ? -2.438  -1.884  -18.310 1.00 35.44 ? 73  TRP A N   1 
ATOM   443  C CA  . TRP A 1 77  ? -3.619  -1.443  -19.085 1.00 35.32 ? 73  TRP A CA  1 
ATOM   444  C C   . TRP A 1 77  ? -3.645  0.093   -19.318 1.00 35.99 ? 73  TRP A C   1 
ATOM   445  O O   . TRP A 1 77  ? -4.345  0.578   -20.227 1.00 36.06 ? 73  TRP A O   1 
ATOM   446  C CB  . TRP A 1 77  ? -4.912  -1.896  -18.418 1.00 35.68 ? 73  TRP A CB  1 
ATOM   447  C CG  . TRP A 1 77  ? -5.179  -1.182  -17.090 1.00 35.06 ? 73  TRP A CG  1 
ATOM   448  C CD1 . TRP A 1 77  ? -4.761  -1.579  -15.869 1.00 32.85 ? 73  TRP A CD1 1 
ATOM   449  C CD2 . TRP A 1 77  ? -5.911  0.043   -16.889 1.00 34.83 ? 73  TRP A CD2 1 
ATOM   450  N NE1 . TRP A 1 77  ? -5.188  -0.700  -14.905 1.00 31.64 ? 73  TRP A NE1 1 
ATOM   451  C CE2 . TRP A 1 77  ? -5.902  0.308   -15.499 1.00 32.96 ? 73  TRP A CE2 1 
ATOM   452  C CE3 . TRP A 1 77  ? -6.587  0.930   -17.748 1.00 34.41 ? 73  TRP A CE3 1 
ATOM   453  C CZ2 . TRP A 1 77  ? -6.522  1.447   -14.930 1.00 31.98 ? 73  TRP A CZ2 1 
ATOM   454  C CZ3 . TRP A 1 77  ? -7.219  2.064   -17.178 1.00 36.09 ? 73  TRP A CZ3 1 
ATOM   455  C CH2 . TRP A 1 77  ? -7.177  2.305   -15.772 1.00 33.23 ? 73  TRP A CH2 1 
ATOM   456  N N   . ARG A 1 78  ? -2.882  0.854   -18.537 1.00 35.67 ? 74  ARG A N   1 
ATOM   457  C CA  . ARG A 1 78  ? -2.907  2.310   -18.665 1.00 37.28 ? 74  ARG A CA  1 
ATOM   458  C C   . ARG A 1 78  ? -1.944  2.919   -19.704 1.00 38.86 ? 74  ARG A C   1 
ATOM   459  O O   . ARG A 1 78  ? -2.267  3.964   -20.324 1.00 38.36 ? 74  ARG A O   1 
ATOM   460  C CB  . ARG A 1 78  ? -2.653  2.980   -17.329 1.00 36.76 ? 74  ARG A CB  1 
ATOM   461  C CG  . ARG A 1 78  ? -3.595  2.566   -16.200 1.00 39.07 ? 74  ARG A CG  1 
ATOM   462  C CD  . ARG A 1 78  ? -3.319  3.403   -14.925 1.00 41.35 ? 74  ARG A CD  1 
ATOM   463  N NE  . ARG A 1 78  ? -3.615  4.823   -15.182 1.00 42.08 ? 74  ARG A NE  1 
ATOM   464  C CZ  . ARG A 1 78  ? -2.982  5.852   -14.627 1.00 41.96 ? 74  ARG A CZ  1 
ATOM   465  N NH1 . ARG A 1 78  ? -1.992  5.655   -13.764 1.00 40.37 ? 74  ARG A NH1 1 
ATOM   466  N NH2 . ARG A 1 78  ? -3.349  7.087   -14.954 1.00 42.21 ? 74  ARG A NH2 1 
ATOM   467  N N   . GLN A 1 79  ? -0.787  2.265   -19.869 1.00 39.96 ? 75  GLN A N   1 
ATOM   468  C CA  . GLN A 1 79  ? 0.320   2.736   -20.673 1.00 41.66 ? 75  GLN A CA  1 
ATOM   469  C C   . GLN A 1 79  ? 1.024   1.499   -21.133 1.00 42.31 ? 75  GLN A C   1 
ATOM   470  O O   . GLN A 1 79  ? 1.421   0.673   -20.287 1.00 43.11 ? 75  GLN A O   1 
ATOM   471  C CB  . GLN A 1 79  ? 1.322   3.477   -19.798 1.00 41.66 ? 75  GLN A CB  1 
ATOM   472  C CG  . GLN A 1 79  ? 1.237   4.975   -19.757 1.00 43.95 ? 75  GLN A CG  1 
ATOM   473  C CD  . GLN A 1 79  ? 2.318   5.545   -18.860 1.00 45.37 ? 75  GLN A CD  1 
ATOM   474  O OE1 . GLN A 1 79  ? 2.417   5.173   -17.685 1.00 48.12 ? 75  GLN A OE1 1 
ATOM   475  N NE2 . GLN A 1 79  ? 3.153   6.421   -19.405 1.00 43.17 ? 75  GLN A NE2 1 
ATOM   476  N N   . GLU A 1 80  ? 1.230   1.372   -22.439 1.00 42.90 ? 76  GLU A N   1 
ATOM   477  C CA  . GLU A 1 80  ? 1.933   0.210   -22.978 1.00 44.01 ? 76  GLU A CA  1 
ATOM   478  C C   . GLU A 1 80  ? 3.383   0.144   -22.477 1.00 43.17 ? 76  GLU A C   1 
ATOM   479  O O   . GLU A 1 80  ? 3.915   -0.938  -22.226 1.00 42.48 ? 76  GLU A O   1 
ATOM   480  C CB  . GLU A 1 80  ? 1.871   0.172   -24.506 1.00 44.91 ? 76  GLU A CB  1 
ATOM   481  C CG  . GLU A 1 80  ? 1.394   -1.192  -25.066 1.00 50.88 ? 76  GLU A CG  1 
ATOM   482  C CD  . GLU A 1 80  ? 2.499   -2.257  -25.058 1.00 58.89 ? 76  GLU A CD  1 
ATOM   483  O OE1 . GLU A 1 80  ? 2.358   -3.272  -24.319 1.00 60.18 ? 76  GLU A OE1 1 
ATOM   484  O OE2 . GLU A 1 80  ? 3.509   -2.059  -25.789 1.00 61.88 ? 76  GLU A OE2 1 
ATOM   485  N N   . LYS A 1 81  ? 4.005   1.313   -22.302 1.00 42.62 ? 77  LYS A N   1 
ATOM   486  C CA  . LYS A 1 81  ? 5.333   1.389   -21.733 1.00 41.16 ? 77  LYS A CA  1 
ATOM   487  C C   . LYS A 1 81  ? 5.357   2.392   -20.607 1.00 40.48 ? 77  LYS A C   1 
ATOM   488  O O   . LYS A 1 81  ? 5.068   3.596   -20.826 1.00 40.59 ? 77  LYS A O   1 
ATOM   489  C CB  . LYS A 1 81  ? 6.360   1.803   -22.786 1.00 41.95 ? 77  LYS A CB  1 
ATOM   490  C CG  . LYS A 1 81  ? 7.765   2.019   -22.211 1.00 42.65 ? 77  LYS A CG  1 
ATOM   491  C CD  . LYS A 1 81  ? 8.767   2.492   -23.273 1.00 46.93 ? 77  LYS A CD  1 
ATOM   492  C CE  . LYS A 1 81  ? 10.127  1.756   -23.132 1.00 47.60 ? 77  LYS A CE  1 
ATOM   493  N NZ  . LYS A 1 81  ? 9.996   0.258   -23.382 1.00 47.26 ? 77  LYS A NZ  1 
ATOM   494  N N   . ILE A 1 82  ? 5.756   1.912   -19.417 1.00 38.98 ? 78  ILE A N   1 
ATOM   495  C CA  . ILE A 1 82  ? 5.880   2.741   -18.221 1.00 36.65 ? 78  ILE A CA  1 
ATOM   496  C C   . ILE A 1 82  ? 7.279   3.326   -18.147 1.00 35.64 ? 78  ILE A C   1 
ATOM   497  O O   . ILE A 1 82  ? 8.264   2.572   -18.097 1.00 35.27 ? 78  ILE A O   1 
ATOM   498  C CB  . ILE A 1 82  ? 5.649   1.912   -16.925 1.00 37.30 ? 78  ILE A CB  1 
ATOM   499  C CG1 . ILE A 1 82  ? 4.315   1.153   -16.995 1.00 35.74 ? 78  ILE A CG1 1 
ATOM   500  C CG2 . ILE A 1 82  ? 5.779   2.823   -15.688 1.00 34.59 ? 78  ILE A CG2 1 
ATOM   501  C CD1 . ILE A 1 82  ? 3.138   1.841   -16.357 1.00 36.31 ? 78  ILE A CD1 1 
ATOM   502  N N   . THR A 1 83  ? 7.357   4.655   -18.087 1.00 34.43 ? 79  THR A N   1 
ATOM   503  C CA  . THR A 1 83  ? 8.642   5.373   -18.231 1.00 33.54 ? 79  THR A CA  1 
ATOM   504  C C   . THR A 1 83  ? 8.997   6.242   -17.030 1.00 32.85 ? 79  THR A C   1 
ATOM   505  O O   . THR A 1 83  ? 10.103  6.821   -16.965 1.00 32.26 ? 79  THR A O   1 
ATOM   506  C CB  . THR A 1 83  ? 8.620   6.287   -19.447 1.00 34.33 ? 79  THR A CB  1 
ATOM   507  O OG1 . THR A 1 83  ? 7.454   7.126   -19.377 1.00 32.57 ? 79  THR A OG1 1 
ATOM   508  C CG2 . THR A 1 83  ? 8.604   5.429   -20.756 1.00 33.11 ? 79  THR A CG2 1 
ATOM   509  N N   . ARG A 1 84  ? 8.062   6.340   -16.078 1.00 32.01 ? 80  ARG A N   1 
ATOM   510  C CA  . ARG A 1 84  ? 8.301   7.074   -14.830 1.00 30.93 ? 80  ARG A CA  1 
ATOM   511  C C   . ARG A 1 84  ? 9.391   6.365   -13.980 1.00 30.43 ? 80  ARG A C   1 
ATOM   512  O O   . ARG A 1 84  ? 9.493   5.121   -13.956 1.00 30.31 ? 80  ARG A O   1 
ATOM   513  C CB  . ARG A 1 84  ? 6.992   7.246   -14.056 1.00 30.97 ? 80  ARG A CB  1 
ATOM   514  C CG  . ARG A 1 84  ? 6.476   5.936   -13.393 1.00 29.68 ? 80  ARG A CG  1 
ATOM   515  C CD  . ARG A 1 84  ? 5.292   6.220   -12.501 1.00 29.79 ? 80  ARG A CD  1 
ATOM   516  N NE  . ARG A 1 84  ? 4.065   6.551   -13.257 1.00 30.36 ? 80  ARG A NE  1 
ATOM   517  C CZ  . ARG A 1 84  ? 3.160   5.660   -13.673 1.00 28.92 ? 80  ARG A CZ  1 
ATOM   518  N NH1 . ARG A 1 84  ? 3.322   4.348   -13.423 1.00 23.58 ? 80  ARG A NH1 1 
ATOM   519  N NH2 . ARG A 1 84  ? 2.066   6.086   -14.305 1.00 24.68 ? 80  ARG A NH2 1 
ATOM   520  N N   . THR A 1 85  ? 10.220  7.168   -13.320 1.00 30.36 ? 81  THR A N   1 
ATOM   521  C CA  . THR A 1 85  ? 11.257  6.681   -12.398 1.00 30.55 ? 81  THR A CA  1 
ATOM   522  C C   . THR A 1 85  ? 10.597  6.195   -11.111 1.00 30.87 ? 81  THR A C   1 
ATOM   523  O O   . THR A 1 85  ? 9.489   6.621   -10.749 1.00 31.01 ? 81  THR A O   1 
ATOM   524  C CB  . THR A 1 85  ? 12.208  7.784   -11.996 1.00 29.90 ? 81  THR A CB  1 
ATOM   525  O OG1 . THR A 1 85  ? 11.468  8.742   -11.256 1.00 29.54 ? 81  THR A OG1 1 
ATOM   526  C CG2 . THR A 1 85  ? 12.822  8.507   -13.206 1.00 30.36 ? 81  THR A CG2 1 
ATOM   527  N N   . LYS A 1 86  ? 11.277  5.299   -10.418 1.00 31.53 ? 82  LYS A N   1 
ATOM   528  C CA  . LYS A 1 86  ? 10.860  4.890   -9.085  1.00 31.93 ? 82  LYS A CA  1 
ATOM   529  C C   . LYS A 1 86  ? 10.536  6.089   -8.178  1.00 31.96 ? 82  LYS A C   1 
ATOM   530  O O   . LYS A 1 86  ? 9.551   6.062   -7.425  1.00 32.25 ? 82  LYS A O   1 
ATOM   531  C CB  . LYS A 1 86  ? 11.950  4.036   -8.453  1.00 31.07 ? 82  LYS A CB  1 
ATOM   532  C CG  . LYS A 1 86  ? 11.485  3.297   -7.202  1.00 33.84 ? 82  LYS A CG  1 
ATOM   533  C CD  . LYS A 1 86  ? 12.653  2.546   -6.551  1.00 38.87 ? 82  LYS A CD  1 
ATOM   534  C CE  . LYS A 1 86  ? 13.077  1.378   -7.431  1.00 41.36 ? 82  LYS A CE  1 
ATOM   535  N NZ  . LYS A 1 86  ? 14.540  1.390   -7.529  1.00 46.71 ? 82  LYS A NZ  1 
ATOM   536  N N   . GLU A 1 87  ? 11.356  7.128   -8.249  1.00 32.43 ? 83  GLU A N   1 
ATOM   537  C CA  . GLU A 1 87  ? 11.159  8.304   -7.425  1.00 34.53 ? 83  GLU A CA  1 
ATOM   538  C C   . GLU A 1 87  ? 9.800   8.958   -7.740  1.00 33.76 ? 83  GLU A C   1 
ATOM   539  O O   . GLU A 1 87  ? 8.994   9.291   -6.825  1.00 34.69 ? 83  GLU A O   1 
ATOM   540  C CB  . GLU A 1 87  ? 12.329  9.297   -7.605  1.00 35.81 ? 83  GLU A CB  1 
ATOM   541  C CG  . GLU A 1 87  ? 12.157  10.596  -6.798  1.00 41.83 ? 83  GLU A CG  1 
ATOM   542  C CD  . GLU A 1 87  ? 13.219  11.677  -7.084  1.00 50.48 ? 83  GLU A CD  1 
ATOM   543  O OE1 . GLU A 1 87  ? 14.128  11.867  -6.230  1.00 51.06 ? 83  GLU A OE1 1 
ATOM   544  O OE2 . GLU A 1 87  ? 13.130  12.352  -8.155  1.00 54.67 ? 83  GLU A OE2 1 
ATOM   545  N N   . GLU A 1 88  ? 9.536   9.103   -9.032  1.00 32.12 ? 84  GLU A N   1 
ATOM   546  C CA  . GLU A 1 88  ? 8.307   9.669   -9.504  1.00 31.56 ? 84  GLU A CA  1 
ATOM   547  C C   . GLU A 1 88  ? 7.065   8.843   -9.060  1.00 30.73 ? 84  GLU A C   1 
ATOM   548  O O   . GLU A 1 88  ? 6.020   9.420   -8.690  1.00 30.12 ? 84  GLU A O   1 
ATOM   549  C CB  . GLU A 1 88  ? 8.372   9.807   -11.019 1.00 31.21 ? 84  GLU A CB  1 
ATOM   550  C CG  . GLU A 1 88  ? 9.183   11.003  -11.452 1.00 32.71 ? 84  GLU A CG  1 
ATOM   551  C CD  . GLU A 1 88  ? 9.446   11.071  -12.984 1.00 34.36 ? 84  GLU A CD  1 
ATOM   552  O OE1 . GLU A 1 88  ? 9.088   10.159  -13.777 1.00 27.98 ? 84  GLU A OE1 1 
ATOM   553  O OE2 . GLU A 1 88  ? 10.061  12.077  -13.384 1.00 37.38 ? 84  GLU A OE2 1 
ATOM   554  N N   . ALA A 1 89  ? 7.188   7.514   -9.105  1.00 28.68 ? 85  ALA A N   1 
ATOM   555  C CA  . ALA A 1 89  ? 6.089   6.626   -8.694  1.00 28.12 ? 85  ALA A CA  1 
ATOM   556  C C   . ALA A 1 89  ? 5.888   6.719   -7.206  1.00 27.88 ? 85  ALA A C   1 
ATOM   557  O O   . ALA A 1 89  ? 4.769   6.619   -6.730  1.00 27.19 ? 85  ALA A O   1 
ATOM   558  C CB  . ALA A 1 89  ? 6.362   5.205   -9.071  1.00 27.38 ? 85  ALA A CB  1 
ATOM   559  N N   . LEU A 1 90  ? 6.980   6.948   -6.471  1.00 27.89 ? 86  LEU A N   1 
ATOM   560  C CA  . LEU A 1 90  ? 6.843   7.212   -5.045  1.00 28.23 ? 86  LEU A CA  1 
ATOM   561  C C   . LEU A 1 90  ? 6.036   8.509   -4.821  1.00 28.25 ? 86  LEU A C   1 
ATOM   562  O O   . LEU A 1 90  ? 5.164   8.541   -3.951  1.00 29.21 ? 86  LEU A O   1 
ATOM   563  C CB  . LEU A 1 90  ? 8.211   7.194   -4.303  1.00 27.64 ? 86  LEU A CB  1 
ATOM   564  C CG  . LEU A 1 90  ? 8.177   7.345   -2.777  1.00 28.34 ? 86  LEU A CG  1 
ATOM   565  C CD1 . LEU A 1 90  ? 7.182   6.346   -2.046  1.00 24.87 ? 86  LEU A CD1 1 
ATOM   566  C CD2 . LEU A 1 90  ? 9.560   7.282   -2.206  1.00 28.73 ? 86  LEU A CD2 1 
ATOM   567  N N   . GLU A 1 91  ? 6.261   9.538   -5.630  1.00 28.87 ? 87  GLU A N   1 
ATOM   568  C CA  . GLU A 1 91  ? 5.564   10.825  -5.400  1.00 29.66 ? 87  GLU A CA  1 
ATOM   569  C C   . GLU A 1 91  ? 4.088   10.603  -5.650  1.00 28.48 ? 87  GLU A C   1 
ATOM   570  O O   . GLU A 1 91  ? 3.214   11.047  -4.861  1.00 27.40 ? 87  GLU A O   1 
ATOM   571  C CB  . GLU A 1 91  ? 6.101   12.002  -6.260  1.00 30.13 ? 87  GLU A CB  1 
ATOM   572  C CG  . GLU A 1 91  ? 5.752   13.403  -5.658  1.00 39.86 ? 87  GLU A CG  1 
ATOM   573  C CD  . GLU A 1 91  ? 5.870   14.645  -6.628  1.00 49.19 ? 87  GLU A CD  1 
ATOM   574  O OE1 . GLU A 1 91  ? 6.661   14.610  -7.620  1.00 53.68 ? 87  GLU A OE1 1 
ATOM   575  O OE2 . GLU A 1 91  ? 5.160   15.666  -6.374  1.00 48.91 ? 87  GLU A OE2 1 
ATOM   576  N N   . LEU A 1 92  ? 3.816   9.872   -6.728  1.00 27.00 ? 88  LEU A N   1 
ATOM   577  C CA  . LEU A 1 92  ? 2.436   9.533   -7.069  1.00 25.88 ? 88  LEU A CA  1 
ATOM   578  C C   . LEU A 1 92  ? 1.719   8.780   -5.915  1.00 25.51 ? 88  LEU A C   1 
ATOM   579  O O   . LEU A 1 92  ? 0.590   9.161   -5.515  1.00 25.23 ? 88  LEU A O   1 
ATOM   580  C CB  . LEU A 1 92  ? 2.394   8.750   -8.379  1.00 24.52 ? 88  LEU A CB  1 
ATOM   581  C CG  . LEU A 1 92  ? 2.578   9.585   -9.659  1.00 24.67 ? 88  LEU A CG  1 
ATOM   582  C CD1 . LEU A 1 92  ? 2.621   8.643   -10.888 1.00 21.37 ? 88  LEU A CD1 1 
ATOM   583  C CD2 . LEU A 1 92  ? 1.431   10.586  -9.826  1.00 15.74 ? 88  LEU A CD2 1 
ATOM   584  N N   . ILE A 1 93  ? 2.388   7.752   -5.365  1.00 24.61 ? 89  ILE A N   1 
ATOM   585  C CA  . ILE A 1 93  ? 1.844   6.973   -4.240  1.00 23.68 ? 89  ILE A CA  1 
ATOM   586  C C   . ILE A 1 93  ? 1.612   7.869   -3.009  1.00 24.67 ? 89  ILE A C   1 
ATOM   587  O O   . ILE A 1 93  ? 0.568   7.796   -2.367  1.00 24.78 ? 89  ILE A O   1 
ATOM   588  C CB  . ILE A 1 93  ? 2.775   5.783   -3.885  1.00 23.17 ? 89  ILE A CB  1 
ATOM   589  C CG1 . ILE A 1 93  ? 2.581   4.654   -4.899  1.00 24.77 ? 89  ILE A CG1 1 
ATOM   590  C CG2 . ILE A 1 93  ? 2.583   5.327   -2.406  1.00 19.11 ? 89  ILE A CG2 1 
ATOM   591  C CD1 . ILE A 1 93  ? 1.245   3.800   -4.680  1.00 24.31 ? 89  ILE A CD1 1 
ATOM   592  N N   . ASN A 1 94  ? 2.609   8.688   -2.661  1.00 26.44 ? 90  ASN A N   1 
ATOM   593  C CA  . ASN A 1 94  ? 2.481   9.631   -1.556  1.00 26.93 ? 90  ASN A CA  1 
ATOM   594  C C   . ASN A 1 94  ? 1.242   10.526  -1.729  1.00 26.80 ? 90  ASN A C   1 
ATOM   595  O O   . ASN A 1 94  ? 0.452   10.720  -0.746  1.00 27.77 ? 90  ASN A O   1 
ATOM   596  C CB  . ASN A 1 94  ? 3.762   10.457  -1.399  1.00 27.23 ? 90  ASN A CB  1 
ATOM   597  C CG  . ASN A 1 94  ? 4.871   9.693   -0.701  1.00 29.82 ? 90  ASN A CG  1 
ATOM   598  O OD1 . ASN A 1 94  ? 4.617   8.761   0.070   1.00 29.42 ? 90  ASN A OD1 1 
ATOM   599  N ND2 . ASN A 1 94  ? 6.126   10.086  -0.968  1.00 34.29 ? 90  ASN A ND2 1 
ATOM   600  N N   . GLY A 1 95  ? 1.040   11.034  -2.963  1.00 24.92 ? 91  GLY A N   1 
ATOM   601  C CA  . GLY A 1 95  ? -0.158  11.811  -3.309  1.00 23.90 ? 91  GLY A CA  1 
ATOM   602  C C   . GLY A 1 95  ? -1.460  11.005  -3.151  1.00 24.10 ? 91  GLY A C   1 
ATOM   603  O O   . GLY A 1 95  ? -2.441  11.487  -2.609  1.00 24.27 ? 91  GLY A O   1 
ATOM   604  N N   . TYR A 1 96  ? -1.496  9.770   -3.632  1.00 23.22 ? 92  TYR A N   1 
ATOM   605  C CA  . TYR A 1 96  ? -2.665  8.967   -3.395  1.00 22.68 ? 92  TYR A CA  1 
ATOM   606  C C   . TYR A 1 96  ? -2.968  8.795   -1.898  1.00 22.94 ? 92  TYR A C   1 
ATOM   607  O O   . TYR A 1 96  ? -4.086  9.077   -1.458  1.00 23.81 ? 92  TYR A O   1 
ATOM   608  C CB  . TYR A 1 96  ? -2.564  7.633   -4.126  1.00 22.47 ? 92  TYR A CB  1 
ATOM   609  C CG  . TYR A 1 96  ? -2.495  7.785   -5.630  1.00 22.95 ? 92  TYR A CG  1 
ATOM   610  C CD1 . TYR A 1 96  ? -1.630  6.979   -6.394  1.00 22.74 ? 92  TYR A CD1 1 
ATOM   611  C CD2 . TYR A 1 96  ? -3.275  8.748   -6.295  1.00 22.36 ? 92  TYR A CD2 1 
ATOM   612  C CE1 . TYR A 1 96  ? -1.554  7.116   -7.777  1.00 22.65 ? 92  TYR A CE1 1 
ATOM   613  C CE2 . TYR A 1 96  ? -3.213  8.892   -7.671  1.00 24.13 ? 92  TYR A CE2 1 
ATOM   614  C CZ  . TYR A 1 96  ? -2.355  8.062   -8.412  1.00 25.46 ? 92  TYR A CZ  1 
ATOM   615  O OH  . TYR A 1 96  ? -2.264  8.220   -9.779  1.00 20.94 ? 92  TYR A OH  1 
ATOM   616  N N   . ILE A 1 97  ? -1.981  8.360   -1.116  1.00 22.69 ? 93  ILE A N   1 
ATOM   617  C CA  . ILE A 1 97  ? -2.099  8.301   0.351   1.00 22.50 ? 93  ILE A CA  1 
ATOM   618  C C   . ILE A 1 97  ? -2.697  9.588   0.979   1.00 22.69 ? 93  ILE A C   1 
ATOM   619  O O   . ILE A 1 97  ? -3.686  9.520   1.736   1.00 22.17 ? 93  ILE A O   1 
ATOM   620  C CB  . ILE A 1 97  ? -0.746  7.935   1.031   1.00 21.81 ? 93  ILE A CB  1 
ATOM   621  C CG1 . ILE A 1 97  ? -0.333  6.508   0.604   1.00 22.38 ? 93  ILE A CG1 1 
ATOM   622  C CG2 . ILE A 1 97  ? -0.903  8.033   2.545   1.00 21.52 ? 93  ILE A CG2 1 
ATOM   623  C CD1 . ILE A 1 97  ? 1.114   6.010   1.036   1.00 12.56 ? 93  ILE A CD1 1 
ATOM   624  N N   . GLN A 1 98  ? -2.114  10.737  0.657   1.00 24.32 ? 94  GLN A N   1 
ATOM   625  C CA  . GLN A 1 98  ? -2.623  12.040  1.170   1.00 26.44 ? 94  GLN A CA  1 
ATOM   626  C C   . GLN A 1 98  ? -4.096  12.207  0.890   1.00 26.86 ? 94  GLN A C   1 
ATOM   627  O O   . GLN A 1 98  ? -4.815  12.626  1.759   1.00 26.70 ? 94  GLN A O   1 
ATOM   628  C CB  . GLN A 1 98  ? -1.855  13.240  0.625   1.00 25.60 ? 94  GLN A CB  1 
ATOM   629  C CG  . GLN A 1 98  ? -0.453  13.289  1.094   1.00 29.63 ? 94  GLN A CG  1 
ATOM   630  C CD  . GLN A 1 98  ? 0.350   14.460  0.504   1.00 34.84 ? 94  GLN A CD  1 
ATOM   631  O OE1 . GLN A 1 98  ? 0.245   14.799  -0.679  1.00 38.91 ? 94  GLN A OE1 1 
ATOM   632  N NE2 . GLN A 1 98  ? 1.150   15.076  1.336   1.00 37.61 ? 94  GLN A NE2 1 
ATOM   633  N N   . LYS A 1 99  ? -4.540  11.838  -0.314  1.00 28.80 ? 95  LYS A N   1 
ATOM   634  C CA  . LYS A 1 99  ? -5.972  11.983  -0.687  1.00 30.46 ? 95  LYS A CA  1 
ATOM   635  C C   . LYS A 1 99  ? -6.904  11.028  0.024   1.00 30.12 ? 95  LYS A C   1 
ATOM   636  O O   . LYS A 1 99  ? -8.056  11.399  0.347   1.00 31.83 ? 95  LYS A O   1 
ATOM   637  C CB  . LYS A 1 99  ? -6.199  11.867  -2.197  1.00 30.74 ? 95  LYS A CB  1 
ATOM   638  C CG  . LYS A 1 99  ? -5.765  13.100  -2.964  1.00 34.17 ? 95  LYS A CG  1 
ATOM   639  C CD  . LYS A 1 99  ? -6.397  13.074  -4.365  1.00 38.48 ? 95  LYS A CD  1 
ATOM   640  C CE  . LYS A 1 99  ? -5.952  14.267  -5.137  1.00 41.67 ? 95  LYS A CE  1 
ATOM   641  N NZ  . LYS A 1 99  ? -4.479  14.393  -4.926  1.00 45.52 ? 95  LYS A NZ  1 
ATOM   642  N N   . ILE A 1 100 ? -6.430  9.813   0.278   1.00 29.81 ? 96  ILE A N   1 
ATOM   643  C CA  . ILE A 1 100 ? -7.226  8.866   1.016   1.00 29.73 ? 96  ILE A CA  1 
ATOM   644  C C   . ILE A 1 100 ? -7.325  9.314   2.466   1.00 30.71 ? 96  ILE A C   1 
ATOM   645  O O   . ILE A 1 100 ? -8.411  9.267   3.073   1.00 33.23 ? 96  ILE A O   1 
ATOM   646  C CB  . ILE A 1 100 ? -6.660  7.466   0.883   1.00 30.07 ? 96  ILE A CB  1 
ATOM   647  C CG1 . ILE A 1 100 ? -6.736  7.015   -0.578  1.00 29.00 ? 96  ILE A CG1 1 
ATOM   648  C CG2 . ILE A 1 100 ? -7.373  6.477   1.806   1.00 28.73 ? 96  ILE A CG2 1 
ATOM   649  C CD1 . ILE A 1 100 ? -5.706  5.971   -0.922  1.00 29.37 ? 96  ILE A CD1 1 
ATOM   650  N N   . LYS A 1 101 ? -6.227  9.792   3.023   1.00 29.49 ? 97  LYS A N   1 
ATOM   651  C CA  . LYS A 1 101 ? -6.206  10.092  4.433   1.00 28.70 ? 97  LYS A CA  1 
ATOM   652  C C   . LYS A 1 101 ? -7.041  11.321  4.781   1.00 29.07 ? 97  LYS A C   1 
ATOM   653  O O   . LYS A 1 101 ? -7.668  11.336  5.819   1.00 27.92 ? 97  LYS A O   1 
ATOM   654  C CB  . LYS A 1 101 ? -4.788  10.241  4.929   1.00 27.72 ? 97  LYS A CB  1 
ATOM   655  C CG  . LYS A 1 101 ? -4.111  8.881   5.104   1.00 27.68 ? 97  LYS A CG  1 
ATOM   656  C CD  . LYS A 1 101 ? -2.742  9.060   5.787   1.00 24.26 ? 97  LYS A CD  1 
ATOM   657  C CE  . LYS A 1 101 ? -2.254  7.737   6.283   1.00 24.00 ? 97  LYS A CE  1 
ATOM   658  N NZ  . LYS A 1 101 ? -1.149  7.966   7.247   1.00 23.63 ? 97  LYS A NZ  1 
ATOM   659  N N   . SER A 1 102 ? -7.075  12.304  3.884   1.00 28.68 ? 98  SER A N   1 
ATOM   660  C CA  . SER A 1 102 ? -7.932  13.494  4.040   1.00 29.84 ? 98  SER A CA  1 
ATOM   661  C C   . SER A 1 102 ? -9.390  13.236  3.779   1.00 28.88 ? 98  SER A C   1 
ATOM   662  O O   . SER A 1 102 ? -10.206 14.079  4.051   1.00 28.85 ? 98  SER A O   1 
ATOM   663  C CB  . SER A 1 102 ? -7.516  14.560  3.027   1.00 29.65 ? 98  SER A CB  1 
ATOM   664  O OG  . SER A 1 102 ? -7.914  14.101  1.753   1.00 34.02 ? 98  SER A OG  1 
ATOM   665  N N   . GLY A 1 103 ? -9.730  12.085  3.214   1.00 29.58 ? 99  GLY A N   1 
ATOM   666  C CA  . GLY A 1 103 ? -11.089 11.892  2.726   1.00 29.76 ? 99  GLY A CA  1 
ATOM   667  C C   . GLY A 1 103 ? -11.454 12.528  1.368   1.00 30.62 ? 99  GLY A C   1 
ATOM   668  O O   . GLY A 1 103 ? -12.571 12.360  0.937   1.00 29.91 ? 99  GLY A O   1 
ATOM   669  N N   . GLU A 1 104 ? -10.540 13.236  0.688   1.00 32.03 ? 100 GLU A N   1 
ATOM   670  C CA  . GLU A 1 104 ? -10.792 13.720  -0.704  1.00 34.52 ? 100 GLU A CA  1 
ATOM   671  C C   . GLU A 1 104 ? -11.227 12.634  -1.684  1.00 34.85 ? 100 GLU A C   1 
ATOM   672  O O   . GLU A 1 104 ? -12.173 12.818  -2.475  1.00 35.42 ? 100 GLU A O   1 
ATOM   673  C CB  . GLU A 1 104 ? -9.566  14.436  -1.294  1.00 35.22 ? 100 GLU A CB  1 
ATOM   674  C CG  . GLU A 1 104 ? -9.568  15.956  -1.175  1.00 42.22 ? 100 GLU A CG  1 
ATOM   675  C CD  . GLU A 1 104 ? -8.160  16.570  -1.109  1.00 49.80 ? 100 GLU A CD  1 
ATOM   676  O OE1 . GLU A 1 104 ? -7.440  16.320  -0.091  1.00 50.59 ? 100 GLU A OE1 1 
ATOM   677  O OE2 . GLU A 1 104 ? -7.787  17.310  -2.078  1.00 52.84 ? 100 GLU A OE2 1 
ATOM   678  N N   . GLU A 1 105 ? -10.531 11.503  -1.662  1.00 34.61 ? 101 GLU A N   1 
ATOM   679  C CA  . GLU A 1 105 ? -10.872 10.407  -2.561  1.00 35.34 ? 101 GLU A CA  1 
ATOM   680  C C   . GLU A 1 105 ? -10.879 9.148   -1.714  1.00 35.00 ? 101 GLU A C   1 
ATOM   681  O O   . GLU A 1 105 ? -10.187 9.079   -0.719  1.00 34.56 ? 101 GLU A O   1 
ATOM   682  C CB  . GLU A 1 105 ? -9.811  10.288  -3.621  1.00 35.57 ? 101 GLU A CB  1 
ATOM   683  C CG  . GLU A 1 105 ? -9.538  11.568  -4.428  1.00 41.41 ? 101 GLU A CG  1 
ATOM   684  C CD  . GLU A 1 105 ? -10.550 11.796  -5.554  1.00 46.64 ? 101 GLU A CD  1 
ATOM   685  O OE1 . GLU A 1 105 ? -11.471 10.953  -5.690  1.00 47.63 ? 101 GLU A OE1 1 
ATOM   686  O OE2 . GLU A 1 105 ? -10.410 12.795  -6.308  1.00 47.71 ? 101 GLU A OE2 1 
ATOM   687  N N   . ASP A 1 106 ? -11.659 8.145   -2.048  1.00 35.27 ? 102 ASP A N   1 
ATOM   688  C CA  . ASP A 1 106 ? -11.461 6.903   -1.295  1.00 35.86 ? 102 ASP A CA  1 
ATOM   689  C C   . ASP A 1 106 ? -10.629 5.860   -2.092  1.00 33.96 ? 102 ASP A C   1 
ATOM   690  O O   . ASP A 1 106 ? -10.572 5.904   -3.304  1.00 33.14 ? 102 ASP A O   1 
ATOM   691  C CB  . ASP A 1 106 ? -12.790 6.358   -0.784  1.00 37.30 ? 102 ASP A CB  1 
ATOM   692  C CG  . ASP A 1 106 ? -13.703 5.871   -1.918  1.00 41.89 ? 102 ASP A CG  1 
ATOM   693  O OD1 . ASP A 1 106 ? -14.724 6.572   -2.230  1.00 42.97 ? 102 ASP A OD1 1 
ATOM   694  O OD2 . ASP A 1 106 ? -13.394 4.768   -2.463  1.00 45.77 ? 102 ASP A OD2 1 
ATOM   695  N N   . PHE A 1 107 ? -9.994  4.951   -1.372  1.00 33.35 ? 103 PHE A N   1 
ATOM   696  C CA  . PHE A 1 107 ? -9.067  3.959   -1.906  1.00 33.04 ? 103 PHE A CA  1 
ATOM   697  C C   . PHE A 1 107 ? -9.547  3.280   -3.189  1.00 34.13 ? 103 PHE A C   1 
ATOM   698  O O   . PHE A 1 107 ? -8.871  3.342   -4.215  1.00 34.68 ? 103 PHE A O   1 
ATOM   699  C CB  . PHE A 1 107 ? -8.758  2.930   -0.828  1.00 32.06 ? 103 PHE A CB  1 
ATOM   700  C CG  . PHE A 1 107 ? -7.632  2.013   -1.182  1.00 30.04 ? 103 PHE A CG  1 
ATOM   701  C CD1 . PHE A 1 107 ? -6.367  2.208   -0.644  1.00 26.01 ? 103 PHE A CD1 1 
ATOM   702  C CD2 . PHE A 1 107 ? -7.832  0.967   -2.070  1.00 25.59 ? 103 PHE A CD2 1 
ATOM   703  C CE1 . PHE A 1 107 ? -5.308  1.357   -0.974  1.00 27.25 ? 103 PHE A CE1 1 
ATOM   704  C CE2 . PHE A 1 107 ? -6.760  0.110   -2.428  1.00 27.09 ? 103 PHE A CE2 1 
ATOM   705  C CZ  . PHE A 1 107 ? -5.509  0.305   -1.872  1.00 23.92 ? 103 PHE A CZ  1 
ATOM   706  N N   . GLU A 1 108 ? -10.732 2.691   -3.134  1.00 35.05 ? 104 GLU A N   1 
ATOM   707  C CA  . GLU A 1 108 ? -11.267 1.812   -4.193  1.00 36.53 ? 104 GLU A CA  1 
ATOM   708  C C   . GLU A 1 108 ? -11.394 2.619   -5.453  1.00 36.93 ? 104 GLU A C   1 
ATOM   709  O O   . GLU A 1 108 ? -11.107 2.159   -6.555  1.00 37.12 ? 104 GLU A O   1 
ATOM   710  C CB  . GLU A 1 108 ? -12.666 1.311   -3.821  1.00 36.27 ? 104 GLU A CB  1 
ATOM   711  C CG  . GLU A 1 108 ? -12.744 0.433   -2.550  1.00 39.28 ? 104 GLU A CG  1 
ATOM   712  C CD  . GLU A 1 108 ? -12.886 1.210   -1.196  1.00 42.22 ? 104 GLU A CD  1 
ATOM   713  O OE1 . GLU A 1 108 ? -12.855 2.469   -1.139  1.00 39.57 ? 104 GLU A OE1 1 
ATOM   714  O OE2 . GLU A 1 108 ? -13.038 0.524   -0.159  1.00 47.12 ? 104 GLU A OE2 1 
ATOM   715  N N   . SER A 1 109 ? -11.792 3.863   -5.266  1.00 36.61 ? 105 SER A N   1 
ATOM   716  C CA  . SER A 1 109 ? -12.034 4.712   -6.385  1.00 36.38 ? 105 SER A CA  1 
ATOM   717  C C   . SER A 1 109 ? -10.732 5.090   -7.106  1.00 36.36 ? 105 SER A C   1 
ATOM   718  O O   . SER A 1 109 ? -10.651 5.041   -8.359  1.00 37.24 ? 105 SER A O   1 
ATOM   719  C CB  . SER A 1 109 ? -12.799 5.938   -5.933  1.00 35.35 ? 105 SER A CB  1 
ATOM   720  O OG  . SER A 1 109 ? -12.555 6.949   -6.876  1.00 38.40 ? 105 SER A OG  1 
ATOM   721  N N   . LEU A 1 110 ? -9.715  5.471   -6.337  1.00 34.95 ? 106 LEU A N   1 
ATOM   722  C CA  . LEU A 1 110 ? -8.418  5.779   -6.938  1.00 33.69 ? 106 LEU A CA  1 
ATOM   723  C C   . LEU A 1 110 ? -7.753  4.549   -7.546  1.00 33.16 ? 106 LEU A C   1 
ATOM   724  O O   . LEU A 1 110 ? -6.984  4.693   -8.486  1.00 32.75 ? 106 LEU A O   1 
ATOM   725  C CB  . LEU A 1 110 ? -7.474  6.434   -5.930  1.00 34.11 ? 106 LEU A CB  1 
ATOM   726  C CG  . LEU A 1 110 ? -7.793  7.852   -5.420  1.00 32.85 ? 106 LEU A CG  1 
ATOM   727  C CD1 . LEU A 1 110 ? -6.673  8.282   -4.520  1.00 29.53 ? 106 LEU A CD1 1 
ATOM   728  C CD2 . LEU A 1 110 ? -7.964  8.873   -6.572  1.00 33.34 ? 106 LEU A CD2 1 
ATOM   729  N N   . ALA A 1 111 ? -8.036  3.363   -7.005  1.00 31.82 ? 107 ALA A N   1 
ATOM   730  C CA  . ALA A 1 111 ? -7.451  2.139   -7.516  1.00 31.88 ? 107 ALA A CA  1 
ATOM   731  C C   . ALA A 1 111 ? -8.077  1.797   -8.846  1.00 32.24 ? 107 ALA A C   1 
ATOM   732  O O   . ALA A 1 111 ? -7.346  1.431   -9.774  1.00 32.86 ? 107 ALA A O   1 
ATOM   733  C CB  . ALA A 1 111 ? -7.604  0.971   -6.526  1.00 31.32 ? 107 ALA A CB  1 
ATOM   734  N N   . SER A 1 112 ? -9.405  1.921   -8.941  1.00 31.07 ? 108 SER A N   1 
ATOM   735  C CA  . SER A 1 112 ? -10.093 1.753   -10.192 1.00 31.48 ? 108 SER A CA  1 
ATOM   736  C C   . SER A 1 112 ? -9.566  2.648   -11.291 1.00 30.42 ? 108 SER A C   1 
ATOM   737  O O   . SER A 1 112 ? -9.560  2.240   -12.447 1.00 30.37 ? 108 SER A O   1 
ATOM   738  C CB  . SER A 1 112 ? -11.570 2.102   -10.062 1.00 31.18 ? 108 SER A CB  1 
ATOM   739  O OG  . SER A 1 112 ? -12.209 1.128   -9.318  1.00 35.58 ? 108 SER A OG  1 
ATOM   740  N N   . GLN A 1 113 ? -9.203  3.883   -10.968 1.00 29.45 ? 109 GLN A N   1 
ATOM   741  C CA  . GLN A 1 113 ? -8.857  4.805   -12.046 1.00 29.11 ? 109 GLN A CA  1 
ATOM   742  C C   . GLN A 1 113 ? -7.395  4.763   -12.291 1.00 27.89 ? 109 GLN A C   1 
ATOM   743  O O   . GLN A 1 113 ? -6.946  4.994   -13.404 1.00 28.70 ? 109 GLN A O   1 
ATOM   744  C CB  . GLN A 1 113 ? -9.284  6.265   -11.781 1.00 29.51 ? 109 GLN A CB  1 
ATOM   745  C CG  . GLN A 1 113 ? -10.626 6.462   -11.164 1.00 30.84 ? 109 GLN A CG  1 
ATOM   746  C CD  . GLN A 1 113 ? -10.913 7.913   -10.832 1.00 32.73 ? 109 GLN A CD  1 
ATOM   747  O OE1 . GLN A 1 113 ? -11.314 8.245   -9.697  1.00 33.68 ? 109 GLN A OE1 1 
ATOM   748  N NE2 . GLN A 1 113 ? -10.718 8.788   -11.812 1.00 28.71 ? 109 GLN A NE2 1 
ATOM   749  N N   . PHE A 1 114 ? -6.616  4.469   -11.267 1.00 26.82 ? 110 PHE A N   1 
ATOM   750  C CA  . PHE A 1 114 ? -5.186  4.741   -11.429 1.00 25.97 ? 110 PHE A CA  1 
ATOM   751  C C   . PHE A 1 114 ? -4.234  3.572   -11.212 1.00 25.38 ? 110 PHE A C   1 
ATOM   752  O O   . PHE A 1 114 ? -3.056  3.716   -11.431 1.00 24.38 ? 110 PHE A O   1 
ATOM   753  C CB  . PHE A 1 114 ? -4.769  5.929   -10.559 1.00 25.67 ? 110 PHE A CB  1 
ATOM   754  C CG  . PHE A 1 114 ? -5.561  7.184   -10.809 1.00 25.65 ? 110 PHE A CG  1 
ATOM   755  C CD1 . PHE A 1 114 ? -6.324  7.752   -9.798  1.00 24.09 ? 110 PHE A CD1 1 
ATOM   756  C CD2 . PHE A 1 114 ? -5.532  7.801   -12.052 1.00 28.41 ? 110 PHE A CD2 1 
ATOM   757  C CE1 . PHE A 1 114 ? -7.042  8.914   -9.998  1.00 24.29 ? 110 PHE A CE1 1 
ATOM   758  C CE2 . PHE A 1 114 ? -6.254  8.965   -12.283 1.00 26.48 ? 110 PHE A CE2 1 
ATOM   759  C CZ  . PHE A 1 114 ? -7.006  9.528   -11.260 1.00 27.31 ? 110 PHE A CZ  1 
ATOM   760  N N   . SER A 1 115 ? -4.718  2.436   -10.729 1.00 25.36 ? 111 SER A N   1 
ATOM   761  C CA  . SER A 1 115 ? -3.786  1.359   -10.455 1.00 25.74 ? 111 SER A CA  1 
ATOM   762  C C   . SER A 1 115 ? -3.229  0.804   -11.769 1.00 26.08 ? 111 SER A C   1 
ATOM   763  O O   . SER A 1 115 ? -3.985  0.614   -12.722 1.00 24.58 ? 111 SER A O   1 
ATOM   764  C CB  . SER A 1 115 ? -4.473  0.228   -9.729  1.00 25.84 ? 111 SER A CB  1 
ATOM   765  O OG  . SER A 1 115 ? -3.495  -0.729  -9.474  1.00 25.14 ? 111 SER A OG  1 
ATOM   766  N N   . ASP A 1 116 ? -1.917  0.570   -11.794 1.00 26.75 ? 112 ASP A N   1 
ATOM   767  C CA  . ASP A 1 116 ? -1.216  -0.051  -12.902 1.00 26.88 ? 112 ASP A CA  1 
ATOM   768  C C   . ASP A 1 116 ? -1.373  -1.577  -12.863 1.00 28.39 ? 112 ASP A C   1 
ATOM   769  O O   . ASP A 1 116 ? -0.707  -2.293  -13.635 1.00 28.95 ? 112 ASP A O   1 
ATOM   770  C CB  . ASP A 1 116 ? 0.271   0.286   -12.842 1.00 26.88 ? 112 ASP A CB  1 
ATOM   771  C CG  . ASP A 1 116 ? 0.622   1.622   -13.536 1.00 26.89 ? 112 ASP A CG  1 
ATOM   772  O OD1 . ASP A 1 116 ? 0.090   1.876   -14.631 1.00 29.81 ? 112 ASP A OD1 1 
ATOM   773  O OD2 . ASP A 1 116 ? 1.410   2.444   -12.993 1.00 22.73 ? 112 ASP A OD2 1 
ATOM   774  N N   . CYS A 1 117 ? -2.214  -2.095  -11.954 1.00 28.09 ? 113 CYS A N   1 
ATOM   775  C CA  . CYS A 1 117 ? -2.453  -3.550  -11.875 1.00 27.83 ? 113 CYS A CA  1 
ATOM   776  C C   . CYS A 1 117 ? -3.716  -3.888  -12.628 1.00 28.33 ? 113 CYS A C   1 
ATOM   777  O O   . CYS A 1 117 ? -4.698  -3.130  -12.595 1.00 29.09 ? 113 CYS A O   1 
ATOM   778  C CB  . CYS A 1 117 ? -2.578  -4.021  -10.412 1.00 27.62 ? 113 CYS A CB  1 
ATOM   779  S SG  . CYS A 1 117 ? -2.854  -5.808  -10.223 1.00 29.84 ? 113 CYS A SG  1 
ATOM   780  N N   . SER A 1 118 ? -3.756  -5.044  -13.282 1.00 29.28 ? 114 SER A N   1 
ATOM   781  C CA  . SER A 1 118 ? -5.025  -5.443  -13.936 1.00 29.25 ? 114 SER A CA  1 
ATOM   782  C C   . SER A 1 118 ? -6.170  -5.575  -12.962 1.00 28.64 ? 114 SER A C   1 
ATOM   783  O O   . SER A 1 118 ? -7.314  -5.603  -13.405 1.00 29.91 ? 114 SER A O   1 
ATOM   784  C CB  . SER A 1 118 ? -4.896  -6.710  -14.773 1.00 29.37 ? 114 SER A CB  1 
ATOM   785  O OG  . SER A 1 118 ? -4.063  -7.670  -14.146 1.00 31.18 ? 114 SER A OG  1 
ATOM   786  N N   . SER A 1 119 ? -5.883  -5.631  -11.651 1.00 27.22 ? 115 SER A N   1 
ATOM   787  C CA  . SER A 1 119 ? -6.945  -5.663  -10.638 1.00 26.57 ? 115 SER A CA  1 
ATOM   788  C C   . SER A 1 119 ? -7.713  -4.311  -10.447 1.00 25.79 ? 115 SER A C   1 
ATOM   789  O O   . SER A 1 119 ? -8.721  -4.274  -9.758  1.00 24.04 ? 115 SER A O   1 
ATOM   790  C CB  . SER A 1 119 ? -6.421  -6.208  -9.289  1.00 26.42 ? 115 SER A CB  1 
ATOM   791  O OG  . SER A 1 119 ? -5.524  -5.295  -8.621  1.00 28.56 ? 115 SER A OG  1 
ATOM   792  N N   . ALA A 1 120 ? -7.256  -3.227  -11.075 1.00 25.61 ? 116 ALA A N   1 
ATOM   793  C CA  . ALA A 1 120 ? -8.007  -1.959  -11.102 1.00 25.53 ? 116 ALA A CA  1 
ATOM   794  C C   . ALA A 1 120 ? -9.434  -2.163  -11.448 1.00 26.74 ? 116 ALA A C   1 
ATOM   795  O O   . ALA A 1 120 ? -10.317 -1.560  -10.842 1.00 27.26 ? 116 ALA A O   1 
ATOM   796  C CB  . ALA A 1 120 ? -7.404  -0.994  -12.076 1.00 24.35 ? 116 ALA A CB  1 
ATOM   797  N N   . LYS A 1 121 ? -9.668  -3.046  -12.412 1.00 28.46 ? 117 LYS A N   1 
ATOM   798  C CA  . LYS A 1 121 ? -11.021 -3.338  -12.869 1.00 30.15 ? 117 LYS A CA  1 
ATOM   799  C C   . LYS A 1 121 ? -11.880 -4.040  -11.789 1.00 28.90 ? 117 LYS A C   1 
ATOM   800  O O   . LYS A 1 121 ? -13.088 -4.056  -11.872 1.00 28.92 ? 117 LYS A O   1 
ATOM   801  C CB  . LYS A 1 121 ? -10.985 -4.068  -14.236 1.00 31.37 ? 117 LYS A CB  1 
ATOM   802  C CG  . LYS A 1 121 ? -10.209 -5.346  -14.151 1.00 36.88 ? 117 LYS A CG  1 
ATOM   803  C CD  . LYS A 1 121 ? -10.311 -6.204  -15.410 1.00 43.87 ? 117 LYS A CD  1 
ATOM   804  C CE  . LYS A 1 121 ? -9.341  -7.422  -15.330 1.00 44.68 ? 117 LYS A CE  1 
ATOM   805  N NZ  . LYS A 1 121 ? -8.237  -7.351  -16.365 1.00 45.57 ? 117 LYS A NZ  1 
ATOM   806  N N   . ALA A 1 122 ? -11.253 -4.565  -10.750 1.00 28.54 ? 118 ALA A N   1 
ATOM   807  C CA  . ALA A 1 122 ? -11.957 -5.004  -9.527  1.00 27.65 ? 118 ALA A CA  1 
ATOM   808  C C   . ALA A 1 122 ? -11.789 -3.992  -8.354  1.00 27.85 ? 118 ALA A C   1 
ATOM   809  O O   . ALA A 1 122 ? -11.859 -4.357  -7.199  1.00 26.61 ? 118 ALA A O   1 
ATOM   810  C CB  . ALA A 1 122 ? -11.447 -6.362  -9.112  1.00 26.61 ? 118 ALA A CB  1 
ATOM   811  N N   . ARG A 1 123 ? -11.546 -2.724  -8.664  1.00 28.78 ? 119 ARG A N   1 
ATOM   812  C CA  . ARG A 1 123 ? -11.476 -1.656  -7.619  1.00 29.09 ? 119 ARG A CA  1 
ATOM   813  C C   . ARG A 1 123 ? -10.325 -1.982  -6.739  1.00 26.93 ? 119 ARG A C   1 
ATOM   814  O O   . ARG A 1 123 ? -10.331 -1.694  -5.544  1.00 26.12 ? 119 ARG A O   1 
ATOM   815  C CB  . ARG A 1 123 ? -12.734 -1.588  -6.760  1.00 29.69 ? 119 ARG A CB  1 
ATOM   816  C CG  . ARG A 1 123 ? -13.972 -0.840  -7.362  1.00 33.79 ? 119 ARG A CG  1 
ATOM   817  C CD  . ARG A 1 123 ? -15.236 -1.338  -6.656  1.00 35.32 ? 119 ARG A CD  1 
ATOM   818  N NE  . ARG A 1 123 ? -15.705 -2.422  -7.503  1.00 43.77 ? 119 ARG A NE  1 
ATOM   819  C CZ  . ARG A 1 123 ? -15.527 -3.743  -7.352  1.00 41.06 ? 119 ARG A CZ  1 
ATOM   820  N NH1 . ARG A 1 123 ? -14.917 -4.299  -6.290  1.00 43.98 ? 119 ARG A NH1 1 
ATOM   821  N NH2 . ARG A 1 123 ? -16.015 -4.515  -8.297  1.00 33.90 ? 119 ARG A NH2 1 
ATOM   822  N N   . GLY A 1 124 ? -9.355  -2.624  -7.349  1.00 25.29 ? 120 GLY A N   1 
ATOM   823  C CA  . GLY A 1 124 ? -8.159  -3.029  -6.656  1.00 24.96 ? 120 GLY A CA  1 
ATOM   824  C C   . GLY A 1 124 ? -8.269  -4.287  -5.840  1.00 24.61 ? 120 GLY A C   1 
ATOM   825  O O   . GLY A 1 124 ? -7.309  -4.661  -5.261  1.00 26.00 ? 120 GLY A O   1 
ATOM   826  N N   . ASP A 1 125 ? -9.410  -4.958  -5.768  1.00 25.26 ? 121 ASP A N   1 
ATOM   827  C CA  . ASP A 1 125 ? -9.533  -6.171  -4.907  1.00 26.13 ? 121 ASP A CA  1 
ATOM   828  C C   . ASP A 1 125 ? -8.756  -7.366  -5.470  1.00 26.23 ? 121 ASP A C   1 
ATOM   829  O O   . ASP A 1 125 ? -8.828  -7.627  -6.649  1.00 26.29 ? 121 ASP A O   1 
ATOM   830  C CB  . ASP A 1 125 ? -11.027 -6.508  -4.726  1.00 26.15 ? 121 ASP A CB  1 
ATOM   831  C CG  . ASP A 1 125 ? -11.290 -7.808  -3.923  1.00 29.52 ? 121 ASP A CG  1 
ATOM   832  O OD1 . ASP A 1 125 ? -10.529 -8.244  -3.024  1.00 27.17 ? 121 ASP A OD1 1 
ATOM   833  O OD2 . ASP A 1 125 ? -12.338 -8.405  -4.199  1.00 32.82 ? 121 ASP A OD2 1 
ATOM   834  N N   . LEU A 1 126 ? -8.033  -8.108  -4.634  1.00 27.84 ? 122 LEU A N   1 
ATOM   835  C CA  . LEU A 1 126 ? -7.202  -9.240  -5.116  1.00 28.69 ? 122 LEU A CA  1 
ATOM   836  C C   . LEU A 1 126 ? -7.802  -10.524 -4.635  1.00 30.10 ? 122 LEU A C   1 
ATOM   837  O O   . LEU A 1 126 ? -7.297  -11.597 -4.932  1.00 31.34 ? 122 LEU A O   1 
ATOM   838  C CB  . LEU A 1 126 ? -5.763  -9.166  -4.568  1.00 28.10 ? 122 LEU A CB  1 
ATOM   839  C CG  . LEU A 1 126 ? -4.882  -8.043  -5.158  1.00 29.38 ? 122 LEU A CG  1 
ATOM   840  C CD1 . LEU A 1 126 ? -3.671  -7.785  -4.315  1.00 25.01 ? 122 LEU A CD1 1 
ATOM   841  C CD2 . LEU A 1 126 ? -4.486  -8.345  -6.606  1.00 27.35 ? 122 LEU A CD2 1 
ATOM   842  N N   . GLY A 1 127 ? -8.851  -10.425 -3.828  1.00 30.76 ? 123 GLY A N   1 
ATOM   843  C CA  . GLY A 1 127 ? -9.400  -11.605 -3.194  1.00 30.73 ? 123 GLY A CA  1 
ATOM   844  C C   . GLY A 1 127 ? -8.473  -12.128 -2.108  1.00 32.13 ? 123 GLY A C   1 
ATOM   845  O O   . GLY A 1 127 ? -7.437  -11.499 -1.793  1.00 32.56 ? 123 GLY A O   1 
ATOM   846  N N   . ALA A 1 128 ? -8.838  -13.280 -1.543  1.00 31.22 ? 124 ALA A N   1 
ATOM   847  C CA  . ALA A 1 128 ? -8.145  -13.817 -0.384  1.00 30.92 ? 124 ALA A CA  1 
ATOM   848  C C   . ALA A 1 128 ? -6.922  -14.575 -0.804  1.00 30.65 ? 124 ALA A C   1 
ATOM   849  O O   . ALA A 1 128 ? -6.888  -15.167 -1.882  1.00 31.23 ? 124 ALA A O   1 
ATOM   850  C CB  . ALA A 1 128 ? -9.102  -14.692 0.478   1.00 30.65 ? 124 ALA A CB  1 
ATOM   851  N N   . PHE A 1 129 ? -5.887  -14.515 0.022   1.00 30.17 ? 125 PHE A N   1 
ATOM   852  C CA  . PHE A 1 129 ? -4.704  -15.299 -0.228  1.00 30.25 ? 125 PHE A CA  1 
ATOM   853  C C   . PHE A 1 129 ? -3.994  -15.706 1.065   1.00 31.82 ? 125 PHE A C   1 
ATOM   854  O O   . PHE A 1 129 ? -4.221  -15.125 2.126   1.00 31.76 ? 125 PHE A O   1 
ATOM   855  C CB  . PHE A 1 129 ? -3.744  -14.537 -1.148  1.00 30.16 ? 125 PHE A CB  1 
ATOM   856  C CG  . PHE A 1 129 ? -3.348  -13.182 -0.630  1.00 26.54 ? 125 PHE A CG  1 
ATOM   857  C CD1 . PHE A 1 129 ? -2.234  -13.030 0.188   1.00 26.63 ? 125 PHE A CD1 1 
ATOM   858  C CD2 . PHE A 1 129 ? -4.082  -12.051 -0.983  1.00 25.54 ? 125 PHE A CD2 1 
ATOM   859  C CE1 . PHE A 1 129 ? -1.829  -11.745 0.655   1.00 25.61 ? 125 PHE A CE1 1 
ATOM   860  C CE2 . PHE A 1 129 ? -3.699  -10.747 -0.547  1.00 21.73 ? 125 PHE A CE2 1 
ATOM   861  C CZ  . PHE A 1 129 ? -2.585  -10.598 0.274   1.00 24.00 ? 125 PHE A CZ  1 
ATOM   862  N N   . SER A 1 130 ? -3.112  -16.697 0.951   1.00 33.20 ? 126 SER A N   1 
ATOM   863  C CA  . SER A 1 130 ? -2.296  -17.170 2.075   1.00 34.56 ? 126 SER A CA  1 
ATOM   864  C C   . SER A 1 130 ? -0.817  -16.831 1.853   1.00 34.13 ? 126 SER A C   1 
ATOM   865  O O   . SER A 1 130 ? -0.426  -16.331 0.798   1.00 34.50 ? 126 SER A O   1 
ATOM   866  C CB  . SER A 1 130 ? -2.496  -18.699 2.296   1.00 34.80 ? 126 SER A CB  1 
ATOM   867  O OG  . SER A 1 130 ? -2.279  -19.426 1.083   1.00 36.87 ? 126 SER A OG  1 
ATOM   868  N N   . ARG A 1 131 ? 0.011   -17.095 2.849   1.00 34.17 ? 127 ARG A N   1 
ATOM   869  C CA  . ARG A 1 131 ? 1.435   -16.941 2.662   1.00 34.32 ? 127 ARG A CA  1 
ATOM   870  C C   . ARG A 1 131 ? 1.885   -17.904 1.585   1.00 35.17 ? 127 ARG A C   1 
ATOM   871  O O   . ARG A 1 131 ? 1.401   -19.046 1.526   1.00 34.63 ? 127 ARG A O   1 
ATOM   872  C CB  . ARG A 1 131 ? 2.117   -17.237 3.973   1.00 34.48 ? 127 ARG A CB  1 
ATOM   873  C CG  . ARG A 1 131 ? 1.731   -16.240 5.088   1.00 35.71 ? 127 ARG A CG  1 
ATOM   874  C CD  . ARG A 1 131 ? 2.926   -16.017 5.996   1.00 36.65 ? 127 ARG A CD  1 
ATOM   875  N NE  . ARG A 1 131 ? 2.780   -14.971 7.013   1.00 32.12 ? 127 ARG A NE  1 
ATOM   876  C CZ  . ARG A 1 131 ? 3.448   -13.816 6.997   1.00 34.71 ? 127 ARG A CZ  1 
ATOM   877  N NH1 . ARG A 1 131 ? 4.273   -13.543 5.969   1.00 28.94 ? 127 ARG A NH1 1 
ATOM   878  N NH2 . ARG A 1 131 ? 3.282   -12.931 8.011   1.00 34.88 ? 127 ARG A NH2 1 
ATOM   879  N N   . GLY A 1 132 ? 2.791   -17.448 0.730   1.00 35.91 ? 128 GLY A N   1 
ATOM   880  C CA  . GLY A 1 132 ? 3.332   -18.266 -0.350  1.00 37.71 ? 128 GLY A CA  1 
ATOM   881  C C   . GLY A 1 132 ? 2.959   -17.709 -1.713  1.00 39.77 ? 128 GLY A C   1 
ATOM   882  O O   . GLY A 1 132 ? 3.690   -17.878 -2.720  1.00 40.07 ? 128 GLY A O   1 
ATOM   883  N N   . GLN A 1 133 ? 1.836   -16.999 -1.760  1.00 40.51 ? 129 GLN A N   1 
ATOM   884  C CA  . GLN A 1 133 ? 1.291   -16.650 -3.048  1.00 41.70 ? 129 GLN A CA  1 
ATOM   885  C C   . GLN A 1 133 ? 1.875   -15.361 -3.620  1.00 41.72 ? 129 GLN A C   1 
ATOM   886  O O   . GLN A 1 133 ? 2.390   -15.370 -4.751  1.00 41.91 ? 129 GLN A O   1 
ATOM   887  C CB  . GLN A 1 133 ? -0.224  -16.616 -2.959  1.00 42.44 ? 129 GLN A CB  1 
ATOM   888  C CG  . GLN A 1 133 ? -0.819  -17.909 -2.404  1.00 45.55 ? 129 GLN A CG  1 
ATOM   889  C CD  . GLN A 1 133 ? -2.335  -17.902 -2.497  1.00 52.41 ? 129 GLN A CD  1 
ATOM   890  O OE1 . GLN A 1 133 ? -3.030  -18.718 -1.861  1.00 53.41 ? 129 GLN A OE1 1 
ATOM   891  N NE2 . GLN A 1 133 ? -2.866  -16.964 -3.305  1.00 55.07 ? 129 GLN A NE2 1 
ATOM   892  N N   . MET A 1 134 ? 1.835   -14.277 -2.831  1.00 40.59 ? 130 MET A N   1 
ATOM   893  C CA  . MET A 1 134 ? 2.305   -12.957 -3.285  1.00 39.81 ? 130 MET A CA  1 
ATOM   894  C C   . MET A 1 134 ? 3.783   -12.690 -2.965  1.00 39.46 ? 130 MET A C   1 
ATOM   895  O O   . MET A 1 134 ? 4.363   -13.284 -2.063  1.00 39.11 ? 130 MET A O   1 
ATOM   896  C CB  . MET A 1 134 ? 1.424   -11.823 -2.709  1.00 39.98 ? 130 MET A CB  1 
ATOM   897  C CG  . MET A 1 134 ? -0.125  -12.027 -2.851  1.00 39.85 ? 130 MET A CG  1 
ATOM   898  S SD  . MET A 1 134 ? -0.747  -11.899 -4.557  1.00 36.28 ? 130 MET A SD  1 
ATOM   899  C CE  . MET A 1 134 ? -2.377  -12.610 -4.376  1.00 36.75 ? 130 MET A CE  1 
ATOM   900  N N   . GLN A 1 135 ? 4.393   -11.787 -3.715  1.00 38.93 ? 131 GLN A N   1 
ATOM   901  C CA  . GLN A 1 135 ? 5.751   -11.336 -3.393  1.00 39.18 ? 131 GLN A CA  1 
ATOM   902  C C   . GLN A 1 135 ? 5.885   -11.008 -1.908  1.00 37.52 ? 131 GLN A C   1 
ATOM   903  O O   . GLN A 1 135 ? 5.016   -10.348 -1.330  1.00 37.84 ? 131 GLN A O   1 
ATOM   904  C CB  . GLN A 1 135 ? 6.072   -10.109 -4.235  1.00 40.51 ? 131 GLN A CB  1 
ATOM   905  C CG  . GLN A 1 135 ? 5.501   -10.201 -5.675  1.00 46.56 ? 131 GLN A CG  1 
ATOM   906  C CD  . GLN A 1 135 ? 6.488   -9.723  -6.719  1.00 53.07 ? 131 GLN A CD  1 
ATOM   907  O OE1 . GLN A 1 135 ? 7.684   -10.053 -6.630  1.00 56.89 ? 131 GLN A OE1 1 
ATOM   908  N NE2 . GLN A 1 135 ? 6.007   -8.945  -7.716  1.00 51.68 ? 131 GLN A NE2 1 
ATOM   909  N N   . LYS A 1 136 ? 6.964   -11.474 -1.286  1.00 35.49 ? 132 LYS A N   1 
ATOM   910  C CA  . LYS A 1 136 ? 7.093   -11.435 0.156   1.00 32.26 ? 132 LYS A CA  1 
ATOM   911  C C   . LYS A 1 136 ? 6.827   -10.069 0.820   1.00 31.26 ? 132 LYS A C   1 
ATOM   912  O O   . LYS A 1 136 ? 6.161   -10.029 1.881   1.00 31.01 ? 132 LYS A O   1 
ATOM   913  C CB  . LYS A 1 136 ? 8.454   -11.970 0.583   1.00 32.22 ? 132 LYS A CB  1 
ATOM   914  C CG  . LYS A 1 136 ? 8.474   -12.431 2.009   1.00 31.15 ? 132 LYS A CG  1 
ATOM   915  C CD  . LYS A 1 136 ? 7.402   -13.458 2.215   1.00 30.85 ? 132 LYS A CD  1 
ATOM   916  C CE  . LYS A 1 136 ? 7.279   -13.863 3.686   1.00 35.81 ? 132 LYS A CE  1 
ATOM   917  N NZ  . LYS A 1 136 ? 8.503   -13.619 4.415   1.00 36.51 ? 132 LYS A NZ  1 
ATOM   918  N N   . PRO A 1 137 ? 7.363   -8.962  0.250   1.00 29.70 ? 133 PRO A N   1 
ATOM   919  C CA  . PRO A 1 137 ? 7.104   -7.661  0.900   1.00 29.21 ? 133 PRO A CA  1 
ATOM   920  C C   . PRO A 1 137 ? 5.626   -7.295  0.918   1.00 27.78 ? 133 PRO A C   1 
ATOM   921  O O   . PRO A 1 137 ? 5.158   -6.719  1.882   1.00 27.95 ? 133 PRO A O   1 
ATOM   922  C CB  . PRO A 1 137 ? 7.876   -6.654  0.025   1.00 29.41 ? 133 PRO A CB  1 
ATOM   923  C CG  . PRO A 1 137 ? 8.995   -7.509  -0.567  1.00 29.54 ? 133 PRO A CG  1 
ATOM   924  C CD  . PRO A 1 137 ? 8.301   -8.811  -0.885  1.00 30.15 ? 133 PRO A CD  1 
ATOM   925  N N   . PHE A 1 138 ? 4.908   -7.665  -0.133  1.00 26.24 ? 134 PHE A N   1 
ATOM   926  C CA  . PHE A 1 138 ? 3.484   -7.423  -0.225  1.00 24.83 ? 134 PHE A CA  1 
ATOM   927  C C   . PHE A 1 138 ? 2.728   -8.305  0.796   1.00 25.77 ? 134 PHE A C   1 
ATOM   928  O O   . PHE A 1 138 ? 1.844   -7.811  1.533   1.00 25.69 ? 134 PHE A O   1 
ATOM   929  C CB  . PHE A 1 138 ? 2.995   -7.675  -1.653  1.00 23.09 ? 134 PHE A CB  1 
ATOM   930  C CG  . PHE A 1 138 ? 1.559   -7.303  -1.860  1.00 22.45 ? 134 PHE A CG  1 
ATOM   931  C CD1 . PHE A 1 138 ? 1.222   -6.104  -2.500  1.00 20.95 ? 134 PHE A CD1 1 
ATOM   932  C CD2 . PHE A 1 138 ? 0.532   -8.100  -1.344  1.00 21.83 ? 134 PHE A CD2 1 
ATOM   933  C CE1 . PHE A 1 138 ? -0.084  -5.711  -2.630  1.00 16.12 ? 134 PHE A CE1 1 
ATOM   934  C CE2 . PHE A 1 138 ? -0.806  -7.692  -1.459  1.00 19.01 ? 134 PHE A CE2 1 
ATOM   935  C CZ  . PHE A 1 138 ? -1.100  -6.505  -2.118  1.00 16.92 ? 134 PHE A CZ  1 
ATOM   936  N N   . GLU A 1 139 ? 3.062   -9.600  0.810   1.00 25.03 ? 135 GLU A N   1 
ATOM   937  C CA  . GLU A 1 139 ? 2.561   -10.570 1.788   1.00 26.01 ? 135 GLU A CA  1 
ATOM   938  C C   . GLU A 1 139 ? 2.732   -10.102 3.238   1.00 25.29 ? 135 GLU A C   1 
ATOM   939  O O   . GLU A 1 139 ? 1.760   -10.024 3.967   1.00 26.27 ? 135 GLU A O   1 
ATOM   940  C CB  . GLU A 1 139 ? 3.249   -11.929 1.586   1.00 25.55 ? 135 GLU A CB  1 
ATOM   941  C CG  . GLU A 1 139 ? 2.909   -12.994 2.635   1.00 28.46 ? 135 GLU A CG  1 
ATOM   942  C CD  . GLU A 1 139 ? 3.708   -14.299 2.434   1.00 30.99 ? 135 GLU A CD  1 
ATOM   943  O OE1 . GLU A 1 139 ? 3.720   -14.788 1.258   1.00 29.37 ? 135 GLU A OE1 1 
ATOM   944  O OE2 . GLU A 1 139 ? 4.300   -14.810 3.438   1.00 27.46 ? 135 GLU A OE2 1 
ATOM   945  N N   . ASP A 1 140 ? 3.965   -9.800  3.646   1.00 25.76 ? 136 ASP A N   1 
ATOM   946  C CA  . ASP A 1 140 ? 4.253   -9.356  5.024   1.00 24.95 ? 136 ASP A CA  1 
ATOM   947  C C   . ASP A 1 140 ? 3.446   -8.143  5.422   1.00 25.38 ? 136 ASP A C   1 
ATOM   948  O O   . ASP A 1 140 ? 2.895   -8.129  6.493   1.00 25.48 ? 136 ASP A O   1 
ATOM   949  C CB  . ASP A 1 140 ? 5.716   -9.067  5.186   1.00 24.64 ? 136 ASP A CB  1 
ATOM   950  C CG  . ASP A 1 140 ? 6.552   -10.333 5.250   1.00 27.20 ? 136 ASP A CG  1 
ATOM   951  O OD1 . ASP A 1 140 ? 5.990   -11.440 5.453   1.00 27.60 ? 136 ASP A OD1 1 
ATOM   952  O OD2 . ASP A 1 140 ? 7.773   -10.209 5.122   1.00 23.89 ? 136 ASP A OD2 1 
ATOM   953  N N   . ALA A 1 141 ? 3.333   -7.148  4.535   1.00 25.66 ? 137 ALA A N   1 
ATOM   954  C CA  . ALA A 1 141 ? 2.578   -5.954  4.843   1.00 25.38 ? 137 ALA A CA  1 
ATOM   955  C C   . ALA A 1 141 ? 1.153   -6.355  5.074   1.00 25.81 ? 137 ALA A C   1 
ATOM   956  O O   . ALA A 1 141 ? 0.571   -5.993  6.127   1.00 24.96 ? 137 ALA A O   1 
ATOM   957  C CB  . ALA A 1 141 ? 2.677   -4.912  3.705   1.00 25.06 ? 137 ALA A CB  1 
ATOM   958  N N   . SER A 1 142 ? 0.600   -7.152  4.143   1.00 25.92 ? 138 SER A N   1 
ATOM   959  C CA  . SER A 1 142 ? -0.827  -7.514  4.221   1.00 26.40 ? 138 SER A CA  1 
ATOM   960  C C   . SER A 1 142 ? -1.128  -8.220  5.550   1.00 27.78 ? 138 SER A C   1 
ATOM   961  O O   . SER A 1 142 ? -2.111  -7.880  6.228   1.00 27.26 ? 138 SER A O   1 
ATOM   962  C CB  . SER A 1 142 ? -1.280  -8.403  3.077   1.00 26.46 ? 138 SER A CB  1 
ATOM   963  O OG  . SER A 1 142 ? -0.793  -7.996  1.826   1.00 27.68 ? 138 SER A OG  1 
ATOM   964  N N   . PHE A 1 143 ? -0.287  -9.210  5.896   1.00 28.46 ? 139 PHE A N   1 
ATOM   965  C CA  . PHE A 1 143 ? -0.423  -9.953  7.162   1.00 29.28 ? 139 PHE A CA  1 
ATOM   966  C C   . PHE A 1 143 ? -0.068  -9.139  8.412   1.00 29.59 ? 139 PHE A C   1 
ATOM   967  O O   . PHE A 1 143 ? -0.449  -9.539  9.510   1.00 30.02 ? 139 PHE A O   1 
ATOM   968  C CB  . PHE A 1 143 ? 0.332   -11.305 7.135   1.00 30.00 ? 139 PHE A CB  1 
ATOM   969  C CG  . PHE A 1 143 ? -0.385  -12.384 6.327   1.00 29.59 ? 139 PHE A CG  1 
ATOM   970  C CD1 . PHE A 1 143 ? -0.240  -12.446 4.935   1.00 31.14 ? 139 PHE A CD1 1 
ATOM   971  C CD2 . PHE A 1 143 ? -1.247  -13.294 6.955   1.00 32.26 ? 139 PHE A CD2 1 
ATOM   972  C CE1 . PHE A 1 143 ? -0.929  -13.412 4.151   1.00 29.75 ? 139 PHE A CE1 1 
ATOM   973  C CE2 . PHE A 1 143 ? -1.957  -14.290 6.178   1.00 32.12 ? 139 PHE A CE2 1 
ATOM   974  C CZ  . PHE A 1 143 ? -1.791  -14.314 4.772   1.00 33.07 ? 139 PHE A CZ  1 
ATOM   975  N N   . ALA A 1 144 ? 0.626   -8.007  8.248   1.00 28.50 ? 140 ALA A N   1 
ATOM   976  C CA  . ALA A 1 144 ? 0.847   -7.102  9.374   1.00 28.65 ? 140 ALA A CA  1 
ATOM   977  C C   . ALA A 1 144 ? -0.319  -6.148  9.654   1.00 28.65 ? 140 ALA A C   1 
ATOM   978  O O   . ALA A 1 144 ? -0.437  -5.681  10.771  1.00 29.84 ? 140 ALA A O   1 
ATOM   979  C CB  . ALA A 1 144 ? 2.124   -6.327  9.207   1.00 27.52 ? 140 ALA A CB  1 
ATOM   980  N N   . LEU A 1 145 ? -1.142  -5.859  8.648   1.00 27.68 ? 141 LEU A N   1 
ATOM   981  C CA  . LEU A 1 145 ? -2.342  -5.037  8.773   1.00 27.70 ? 141 LEU A CA  1 
ATOM   982  C C   . LEU A 1 145 ? -3.465  -5.837  9.420   1.00 29.31 ? 141 LEU A C   1 
ATOM   983  O O   . LEU A 1 145 ? -3.604  -7.044  9.202   1.00 29.74 ? 141 LEU A O   1 
ATOM   984  C CB  . LEU A 1 145 ? -2.863  -4.547  7.408   1.00 26.40 ? 141 LEU A CB  1 
ATOM   985  C CG  . LEU A 1 145 ? -2.030  -3.693  6.421   1.00 23.36 ? 141 LEU A CG  1 
ATOM   986  C CD1 . LEU A 1 145 ? -2.667  -3.734  5.042   1.00 21.72 ? 141 LEU A CD1 1 
ATOM   987  C CD2 . LEU A 1 145 ? -1.954  -2.260  6.841   1.00 20.51 ? 141 LEU A CD2 1 
ATOM   988  N N   . ARG A 1 146 ? -4.276  -5.148  10.213  1.00 30.45 ? 142 ARG A N   1 
ATOM   989  C CA  . ARG A 1 146 ? -5.528  -5.716  10.647  1.00 31.83 ? 142 ARG A CA  1 
ATOM   990  C C   . ARG A 1 146 ? -6.627  -5.316  9.659   1.00 32.15 ? 142 ARG A C   1 
ATOM   991  O O   . ARG A 1 146 ? -6.463  -4.385  8.843   1.00 30.97 ? 142 ARG A O   1 
ATOM   992  C CB  . ARG A 1 146 ? -5.853  -5.258  12.085  1.00 32.88 ? 142 ARG A CB  1 
ATOM   993  C CG  . ARG A 1 146 ? -5.019  -6.014  13.199  1.00 33.80 ? 142 ARG A CG  1 
ATOM   994  C CD  . ARG A 1 146 ? -3.580  -5.503  13.339  1.00 37.11 ? 142 ARG A CD  1 
ATOM   995  N NE  . ARG A 1 146 ? -3.572  -4.050  13.552  1.00 40.77 ? 142 ARG A NE  1 
ATOM   996  C CZ  . ARG A 1 146 ? -3.646  -3.437  14.742  1.00 40.71 ? 142 ARG A CZ  1 
ATOM   997  N NH1 . ARG A 1 146 ? -3.708  -4.135  15.882  1.00 39.30 ? 142 ARG A NH1 1 
ATOM   998  N NH2 . ARG A 1 146 ? -3.650  -2.106  14.791  1.00 39.10 ? 142 ARG A NH2 1 
ATOM   999  N N   . THR A 1 147 ? -7.730  -6.057  9.721   1.00 32.27 ? 143 THR A N   1 
ATOM   1000 C CA  . THR A 1 147 ? -8.902  -5.801  8.923   1.00 32.11 ? 143 THR A CA  1 
ATOM   1001 C C   . THR A 1 147 ? -9.203  -4.301  8.943   1.00 31.76 ? 143 THR A C   1 
ATOM   1002 O O   . THR A 1 147 ? -9.267  -3.712  10.017  1.00 32.02 ? 143 THR A O   1 
ATOM   1003 C CB  . THR A 1 147 ? -10.048 -6.587  9.503   1.00 32.10 ? 143 THR A CB  1 
ATOM   1004 O OG1 . THR A 1 147 ? -10.037 -7.890  8.912   1.00 34.84 ? 143 THR A OG1 1 
ATOM   1005 C CG2 . THR A 1 147 ? -11.357 -5.910  9.190   1.00 33.86 ? 143 THR A CG2 1 
ATOM   1006 N N   . GLY A 1 148 ? -9.348  -3.680  7.769   1.00 30.92 ? 144 GLY A N   1 
ATOM   1007 C CA  . GLY A 1 148 ? -9.658  -2.238  7.678   1.00 29.75 ? 144 GLY A CA  1 
ATOM   1008 C C   . GLY A 1 148 ? -8.480  -1.269  7.665   1.00 28.70 ? 144 GLY A C   1 
ATOM   1009 O O   . GLY A 1 148 ? -8.636  -0.071  7.443   1.00 29.40 ? 144 GLY A O   1 
ATOM   1010 N N   . GLU A 1 149 ? -7.288  -1.778  7.904   1.00 28.03 ? 145 GLU A N   1 
ATOM   1011 C CA  . GLU A 1 149 ? -6.098  -0.924  8.028   1.00 27.15 ? 145 GLU A CA  1 
ATOM   1012 C C   . GLU A 1 149 ? -5.432  -0.676  6.667   1.00 26.20 ? 145 GLU A C   1 
ATOM   1013 O O   . GLU A 1 149 ? -5.577  -1.485  5.756   1.00 26.68 ? 145 GLU A O   1 
ATOM   1014 C CB  . GLU A 1 149 ? -5.094  -1.562  8.991   1.00 26.57 ? 145 GLU A CB  1 
ATOM   1015 C CG  . GLU A 1 149 ? -5.369  -1.259  10.433  1.00 25.91 ? 145 GLU A CG  1 
ATOM   1016 C CD  . GLU A 1 149 ? -4.201  -1.623  11.309  1.00 29.54 ? 145 GLU A CD  1 
ATOM   1017 O OE1 . GLU A 1 149 ? -3.894  -0.843  12.217  1.00 30.48 ? 145 GLU A OE1 1 
ATOM   1018 O OE2 . GLU A 1 149 ? -3.565  -2.690  11.100  1.00 34.33 ? 145 GLU A OE2 1 
ATOM   1019 N N   . MET A 1 150 ? -4.696  0.427   6.545   1.00 25.22 ? 146 MET A N   1 
ATOM   1020 C CA  . MET A 1 150 ? -3.976  0.729   5.297   1.00 24.57 ? 146 MET A CA  1 
ATOM   1021 C C   . MET A 1 150 ? -2.456  0.820   5.434   1.00 24.12 ? 146 MET A C   1 
ATOM   1022 O O   . MET A 1 150 ? -1.915  1.374   6.393   1.00 24.80 ? 146 MET A O   1 
ATOM   1023 C CB  . MET A 1 150 ? -4.491  2.053   4.702   1.00 24.61 ? 146 MET A CB  1 
ATOM   1024 C CG  . MET A 1 150 ? -4.020  2.261   3.282   1.00 22.89 ? 146 MET A CG  1 
ATOM   1025 S SD  . MET A 1 150 ? -4.683  3.732   2.582   1.00 27.74 ? 146 MET A SD  1 
ATOM   1026 C CE  . MET A 1 150 ? -3.815  5.018   3.474   1.00 26.20 ? 146 MET A CE  1 
ATOM   1027 N N   . SER A 1 151 ? -1.748  0.317   4.447   1.00 23.25 ? 147 SER A N   1 
ATOM   1028 C CA  . SER A 1 151 ? -0.286  0.411   4.451   1.00 21.31 ? 147 SER A CA  1 
ATOM   1029 C C   . SER A 1 151 ? 0.205   1.758   3.989   1.00 21.02 ? 147 SER A C   1 
ATOM   1030 O O   . SER A 1 151 ? -0.540  2.525   3.402   1.00 18.38 ? 147 SER A O   1 
ATOM   1031 C CB  . SER A 1 151 ? 0.281   -0.611  3.488   1.00 21.42 ? 147 SER A CB  1 
ATOM   1032 O OG  . SER A 1 151 ? 0.397   -0.023  2.214   1.00 19.25 ? 147 SER A OG  1 
ATOM   1033 N N   . GLY A 1 152 ? 1.494   2.026   4.232   1.00 21.92 ? 148 GLY A N   1 
ATOM   1034 C CA  . GLY A 1 152 ? 2.206   3.096   3.506   1.00 22.87 ? 148 GLY A CA  1 
ATOM   1035 C C   . GLY A 1 152 ? 2.724   2.494   2.219   1.00 23.19 ? 148 GLY A C   1 
ATOM   1036 O O   . GLY A 1 152 ? 2.234   1.421   1.804   1.00 24.29 ? 148 GLY A O   1 
ATOM   1037 N N   . PRO A 1 153 ? 3.707   3.151   1.562   1.00 23.81 ? 149 PRO A N   1 
ATOM   1038 C CA  . PRO A 1 153 ? 4.405   2.575   0.395   1.00 23.34 ? 149 PRO A CA  1 
ATOM   1039 C C   . PRO A 1 153 ? 5.036   1.220   0.689   1.00 23.89 ? 149 PRO A C   1 
ATOM   1040 O O   . PRO A 1 153 ? 5.880   1.154   1.582   1.00 23.07 ? 149 PRO A O   1 
ATOM   1041 C CB  . PRO A 1 153 ? 5.584   3.522   0.176   1.00 23.51 ? 149 PRO A CB  1 
ATOM   1042 C CG  . PRO A 1 153 ? 5.272   4.743   0.899   1.00 24.63 ? 149 PRO A CG  1 
ATOM   1043 C CD  . PRO A 1 153 ? 4.175   4.515   1.864   1.00 23.85 ? 149 PRO A CD  1 
ATOM   1044 N N   . VAL A 1 154 ? 4.699   0.186   -0.091  1.00 23.29 ? 150 VAL A N   1 
ATOM   1045 C CA  . VAL A 1 154 ? 5.326   -1.115  0.044   1.00 23.97 ? 150 VAL A CA  1 
ATOM   1046 C C   . VAL A 1 154 ? 5.949   -1.453  -1.290  1.00 24.64 ? 150 VAL A C   1 
ATOM   1047 O O   . VAL A 1 154 ? 5.238   -1.419  -2.309  1.00 25.62 ? 150 VAL A O   1 
ATOM   1048 C CB  . VAL A 1 154 ? 4.281   -2.192  0.439   1.00 24.81 ? 150 VAL A CB  1 
ATOM   1049 C CG1 . VAL A 1 154 ? 4.861   -3.606  0.396   1.00 24.51 ? 150 VAL A CG1 1 
ATOM   1050 C CG2 . VAL A 1 154 ? 3.634   -1.864  1.832   1.00 25.30 ? 150 VAL A CG2 1 
ATOM   1051 N N   . PHE A 1 155 ? 7.247   -1.755  -1.302  1.00 24.57 ? 151 PHE A N   1 
ATOM   1052 C CA  . PHE A 1 155 ? 8.012   -1.938  -2.572  1.00 25.85 ? 151 PHE A CA  1 
ATOM   1053 C C   . PHE A 1 155 ? 8.100   -3.388  -3.031  1.00 26.19 ? 151 PHE A C   1 
ATOM   1054 O O   . PHE A 1 155 ? 8.551   -4.254  -2.309  1.00 25.74 ? 151 PHE A O   1 
ATOM   1055 C CB  . PHE A 1 155 ? 9.448   -1.341  -2.479  1.00 24.57 ? 151 PHE A CB  1 
ATOM   1056 C CG  . PHE A 1 155 ? 9.459   0.170   -2.338  1.00 24.77 ? 151 PHE A CG  1 
ATOM   1057 C CD1 . PHE A 1 155 ? 8.988   0.785   -1.163  1.00 19.00 ? 151 PHE A CD1 1 
ATOM   1058 C CD2 . PHE A 1 155 ? 9.894   0.974   -3.397  1.00 22.69 ? 151 PHE A CD2 1 
ATOM   1059 C CE1 . PHE A 1 155 ? 8.999   2.156   -1.030  1.00 20.09 ? 151 PHE A CE1 1 
ATOM   1060 C CE2 . PHE A 1 155 ? 9.873   2.331   -3.305  1.00 20.29 ? 151 PHE A CE2 1 
ATOM   1061 C CZ  . PHE A 1 155 ? 9.419   2.955   -2.097  1.00 20.56 ? 151 PHE A CZ  1 
ATOM   1062 N N   . THR A 1 156 ? 7.638   -3.692  -4.229  1.00 26.96 ? 152 THR A N   1 
ATOM   1063 C CA  . THR A 1 156 ? 7.904   -5.055  -4.700  1.00 27.06 ? 152 THR A CA  1 
ATOM   1064 C C   . THR A 1 156 ? 8.642   -4.932  -6.040  1.00 28.44 ? 152 THR A C   1 
ATOM   1065 O O   . THR A 1 156 ? 8.992   -3.822  -6.472  1.00 27.71 ? 152 THR A O   1 
ATOM   1066 C CB  . THR A 1 156 ? 6.648   -5.917  -4.852  1.00 26.25 ? 152 THR A CB  1 
ATOM   1067 O OG1 . THR A 1 156 ? 5.861   -5.461  -5.965  1.00 26.56 ? 152 THR A OG1 1 
ATOM   1068 C CG2 . THR A 1 156 ? 5.805   -5.992  -3.544  1.00 25.74 ? 152 THR A CG2 1 
ATOM   1069 N N   . ASP A 1 157 ? 8.912   -6.080  -6.663  1.00 29.21 ? 153 ASP A N   1 
ATOM   1070 C CA  . ASP A 1 157 ? 9.442   -6.103  -8.003  1.00 29.88 ? 153 ASP A CA  1 
ATOM   1071 C C   . ASP A 1 157 ? 8.440   -5.565  -9.001  1.00 29.25 ? 153 ASP A C   1 
ATOM   1072 O O   . ASP A 1 157 ? 8.861   -5.103  -10.035 1.00 29.67 ? 153 ASP A O   1 
ATOM   1073 C CB  . ASP A 1 157 ? 9.915   -7.507  -8.396  1.00 30.67 ? 153 ASP A CB  1 
ATOM   1074 C CG  . ASP A 1 157 ? 11.247  -7.896  -7.706  1.00 35.62 ? 153 ASP A CG  1 
ATOM   1075 O OD1 . ASP A 1 157 ? 11.982  -6.996  -7.238  1.00 36.27 ? 153 ASP A OD1 1 
ATOM   1076 O OD2 . ASP A 1 157 ? 11.556  -9.118  -7.634  1.00 43.91 ? 153 ASP A OD2 1 
ATOM   1077 N N   . SER A 1 158 ? 7.146   -5.594  -8.690  1.00 27.78 ? 154 SER A N   1 
ATOM   1078 C CA  . SER A 1 158 ? 6.135   -5.040  -9.593  1.00 27.39 ? 154 SER A CA  1 
ATOM   1079 C C   . SER A 1 158 ? 6.089   -3.493  -9.588  1.00 27.45 ? 154 SER A C   1 
ATOM   1080 O O   . SER A 1 158 ? 5.686   -2.871  -10.562 1.00 27.39 ? 154 SER A O   1 
ATOM   1081 C CB  . SER A 1 158 ? 4.736   -5.538  -9.242  1.00 27.04 ? 154 SER A CB  1 
ATOM   1082 O OG  . SER A 1 158 ? 4.607   -6.947  -9.235  1.00 27.87 ? 154 SER A OG  1 
ATOM   1083 N N   . GLY A 1 159 ? 6.437   -2.885  -8.465  1.00 27.00 ? 155 GLY A N   1 
ATOM   1084 C CA  . GLY A 1 159 ? 6.456   -1.433  -8.335  1.00 26.88 ? 155 GLY A CA  1 
ATOM   1085 C C   . GLY A 1 159 ? 6.213   -1.069  -6.874  1.00 26.14 ? 155 GLY A C   1 
ATOM   1086 O O   . GLY A 1 159 ? 6.639   -1.795  -5.959  1.00 24.29 ? 155 GLY A O   1 
ATOM   1087 N N   . ILE A 1 160 ? 5.482   0.030   -6.671  1.00 24.73 ? 156 ILE A N   1 
ATOM   1088 C CA  . ILE A 1 160 ? 5.177   0.510   -5.323  1.00 23.57 ? 156 ILE A CA  1 
ATOM   1089 C C   . ILE A 1 160 ? 3.677   0.421   -5.044  1.00 23.36 ? 156 ILE A C   1 
ATOM   1090 O O   . ILE A 1 160 ? 2.899   0.896   -5.850  1.00 23.80 ? 156 ILE A O   1 
ATOM   1091 C CB  . ILE A 1 160 ? 5.637   1.944   -5.174  1.00 22.48 ? 156 ILE A CB  1 
ATOM   1092 C CG1 . ILE A 1 160 ? 7.095   2.060   -5.594  1.00 21.08 ? 156 ILE A CG1 1 
ATOM   1093 C CG2 . ILE A 1 160 ? 5.421   2.456   -3.768  1.00 21.60 ? 156 ILE A CG2 1 
ATOM   1094 C CD1 . ILE A 1 160 ? 7.606   3.500   -5.628  1.00 20.29 ? 156 ILE A CD1 1 
ATOM   1095 N N   . HIS A 1 161 ? 3.280   -0.133  -3.897  1.00 22.23 ? 157 HIS A N   1 
ATOM   1096 C CA  . HIS A 1 161 ? 1.854   -0.315  -3.601  1.00 21.37 ? 157 HIS A CA  1 
ATOM   1097 C C   . HIS A 1 161 ? 1.373   0.458   -2.416  1.00 22.19 ? 157 HIS A C   1 
ATOM   1098 O O   . HIS A 1 161 ? 2.125   0.751   -1.498  1.00 22.31 ? 157 HIS A O   1 
ATOM   1099 C CB  . HIS A 1 161 ? 1.532   -1.764  -3.222  1.00 20.24 ? 157 HIS A CB  1 
ATOM   1100 C CG  . HIS A 1 161 ? 2.211   -2.783  -4.075  1.00 20.95 ? 157 HIS A CG  1 
ATOM   1101 N ND1 . HIS A 1 161 ? 1.519   -3.615  -4.925  1.00 19.62 ? 157 HIS A ND1 1 
ATOM   1102 C CD2 . HIS A 1 161 ? 3.526   -3.068  -4.252  1.00 20.16 ? 157 HIS A CD2 1 
ATOM   1103 C CE1 . HIS A 1 161 ? 2.381   -4.406  -5.549  1.00 21.41 ? 157 HIS A CE1 1 
ATOM   1104 N NE2 . HIS A 1 161 ? 3.605   -4.073  -5.173  1.00 15.92 ? 157 HIS A NE2 1 
ATOM   1105 N N   . ILE A 1 162 ? 0.078   0.748   -2.432  1.00 23.46 ? 158 ILE A N   1 
ATOM   1106 C CA  . ILE A 1 162 ? -0.675  0.936   -1.214  1.00 23.97 ? 158 ILE A CA  1 
ATOM   1107 C C   . ILE A 1 162 ? -1.608  -0.264  -1.089  1.00 23.74 ? 158 ILE A C   1 
ATOM   1108 O O   . ILE A 1 162 ? -2.242  -0.690  -2.099  1.00 22.98 ? 158 ILE A O   1 
ATOM   1109 C CB  . ILE A 1 162 ? -1.558  2.109   -1.305  1.00 23.88 ? 158 ILE A CB  1 
ATOM   1110 C CG1 . ILE A 1 162 ? -0.784  3.356   -1.657  1.00 26.23 ? 158 ILE A CG1 1 
ATOM   1111 C CG2 . ILE A 1 162 ? -2.213  2.341   0.034   1.00 29.87 ? 158 ILE A CG2 1 
ATOM   1112 C CD1 . ILE A 1 162 ? -1.795  4.414   -2.268  1.00 27.44 ? 158 ILE A CD1 1 
ATOM   1113 N N   . ILE A 1 163 ? -1.735  -0.768  0.127   1.00 22.54 ? 159 ILE A N   1 
ATOM   1114 C CA  . ILE A 1 163 ? -2.592  -1.928  0.395   1.00 23.38 ? 159 ILE A CA  1 
ATOM   1115 C C   . ILE A 1 163 ? -3.636  -1.649  1.462   1.00 23.52 ? 159 ILE A C   1 
ATOM   1116 O O   . ILE A 1 163 ? -3.389  -0.957  2.440   1.00 24.60 ? 159 ILE A O   1 
ATOM   1117 C CB  . ILE A 1 163 ? -1.739  -3.117  0.893   1.00 24.18 ? 159 ILE A CB  1 
ATOM   1118 C CG1 . ILE A 1 163 ? -0.493  -3.289  -0.026  1.00 21.01 ? 159 ILE A CG1 1 
ATOM   1119 C CG2 . ILE A 1 163 ? -2.638  -4.410  1.064   1.00 25.23 ? 159 ILE A CG2 1 
ATOM   1120 C CD1 . ILE A 1 163 ? 0.639   -4.136  0.558   1.00 16.95 ? 159 ILE A CD1 1 
ATOM   1121 N N   . LEU A 1 164 ? -4.823  -2.172  1.262   1.00 23.61 ? 160 LEU A N   1 
ATOM   1122 C CA  . LEU A 1 164 ? -5.850  -2.037  2.235   1.00 23.08 ? 160 LEU A CA  1 
ATOM   1123 C C   . LEU A 1 164 ? -6.366  -3.444  2.522   1.00 24.06 ? 160 LEU A C   1 
ATOM   1124 O O   . LEU A 1 164 ? -6.837  -4.108  1.609   1.00 23.25 ? 160 LEU A O   1 
ATOM   1125 C CB  . LEU A 1 164 ? -6.989  -1.188  1.681   1.00 23.23 ? 160 LEU A CB  1 
ATOM   1126 C CG  . LEU A 1 164 ? -8.298  -1.136  2.491   1.00 20.84 ? 160 LEU A CG  1 
ATOM   1127 C CD1 . LEU A 1 164 ? -8.142  -0.201  3.698   1.00 21.13 ? 160 LEU A CD1 1 
ATOM   1128 C CD2 . LEU A 1 164 ? -9.459  -0.698  1.587   1.00 16.07 ? 160 LEU A CD2 1 
ATOM   1129 N N   . ARG A 1 165 ? -6.270  -3.881  3.788   1.00 23.64 ? 161 ARG A N   1 
ATOM   1130 C CA  . ARG A 1 165 ? -6.714  -5.182  4.148   1.00 24.88 ? 161 ARG A CA  1 
ATOM   1131 C C   . ARG A 1 165 ? -8.211  -5.154  4.377   1.00 27.03 ? 161 ARG A C   1 
ATOM   1132 O O   . ARG A 1 165 ? -8.699  -4.375  5.221   1.00 27.50 ? 161 ARG A O   1 
ATOM   1133 C CB  . ARG A 1 165 ? -6.002  -5.687  5.384   1.00 23.53 ? 161 ARG A CB  1 
ATOM   1134 C CG  . ARG A 1 165 ? -6.464  -7.060  5.688   1.00 25.34 ? 161 ARG A CG  1 
ATOM   1135 C CD  . ARG A 1 165 ? -5.701  -7.774  6.783   1.00 23.97 ? 161 ARG A CD  1 
ATOM   1136 N NE  . ARG A 1 165 ? -6.540  -8.873  7.246   1.00 28.91 ? 161 ARG A NE  1 
ATOM   1137 C CZ  . ARG A 1 165 ? -6.399  -9.480  8.430   1.00 32.27 ? 161 ARG A CZ  1 
ATOM   1138 N NH1 . ARG A 1 165 ? -5.422  -9.098  9.250   1.00 29.99 ? 161 ARG A NH1 1 
ATOM   1139 N NH2 . ARG A 1 165 ? -7.228  -10.468 8.796   1.00 30.70 ? 161 ARG A NH2 1 
ATOM   1140 N N   . THR A 1 166 ? -8.959  -5.987  3.654   1.00 27.84 ? 162 THR A N   1 
ATOM   1141 C CA  . THR A 1 166 ? -10.408 -5.877  3.792   1.00 30.19 ? 162 THR A CA  1 
ATOM   1142 C C   . THR A 1 166 ? -11.034 -7.017  4.631   1.00 31.35 ? 162 THR A C   1 
ATOM   1143 O O   . THR A 1 166 ? -12.092 -6.823  5.216   1.00 31.81 ? 162 THR A O   1 
ATOM   1144 C CB  . THR A 1 166 ? -11.122 -5.708  2.404   1.00 29.82 ? 162 THR A CB  1 
ATOM   1145 O OG1 . THR A 1 166 ? -10.913 -6.884  1.633   1.00 31.41 ? 162 THR A OG1 1 
ATOM   1146 C CG2 . THR A 1 166 ? -10.562 -4.445  1.622   1.00 29.43 ? 162 THR A CG2 1 
ATOM   1147 N N   . GLU A 1 167 ? -10.395 -8.193  4.662   1.00 32.35 ? 163 GLU A N   1 
ATOM   1148 C CA  . GLU A 1 167 ? -10.816 -9.302  5.517   1.00 33.75 ? 163 GLU A CA  1 
ATOM   1149 C C   . GLU A 1 167 ? -9.587  -9.989  6.070   1.00 34.47 ? 163 GLU A C   1 
ATOM   1150 O O   . GLU A 1 167 ? -8.518  -9.841  5.462   1.00 34.06 ? 163 GLU A O   1 
ATOM   1151 C CB  . GLU A 1 167 ? -11.607 -10.351 4.740   1.00 34.12 ? 163 GLU A CB  1 
ATOM   1152 C CG  . GLU A 1 167 ? -12.929 -9.916  4.150   1.00 38.49 ? 163 GLU A CG  1 
ATOM   1153 C CD  . GLU A 1 167 ? -13.421 -10.899 3.097   1.00 41.46 ? 163 GLU A CD  1 
ATOM   1154 O OE1 . GLU A 1 167 ? -12.853 -12.021 2.994   1.00 43.24 ? 163 GLU A OE1 1 
ATOM   1155 O OE2 . GLU A 1 167 ? -14.351 -10.520 2.357   1.00 41.82 ? 163 GLU A OE2 1 
ATOM   1156 O OXT . GLU A 1 167 ? -9.648  -10.731 7.085   1.00 35.16 ? 163 GLU A OXT 1 
HETATM 1157 O O37 . 12P B 2 .   ? -3.399  5.612   8.650   1.00 33.82 ? 164 12P A O37 1 
HETATM 1158 C C36 . 12P B 2 .   ? -2.210  4.751   8.527   1.00 32.00 ? 164 12P A C36 1 
HETATM 1159 C C35 . 12P B 2 .   ? -1.600  4.527   7.130   1.00 28.62 ? 164 12P A C35 1 
HETATM 1160 O O34 . 12P B 2 .   ? -0.367  5.288   6.906   1.00 24.25 ? 164 12P A O34 1 
HETATM 1161 C C33 . 12P B 2 .   ? 0.235   5.064   5.662   1.00 25.79 ? 164 12P A C33 1 
HETATM 1162 C C32 . 12P B 2 .   ? 1.421   6.028   5.477   1.00 30.03 ? 164 12P A C32 1 
HETATM 1163 O O31 . 12P B 2 .   ? 0.957   7.355   5.642   1.00 29.86 ? 164 12P A O31 1 
HETATM 1164 C C30 . 12P B 2 .   ? 1.999   8.298   5.495   1.00 28.62 ? 164 12P A C30 1 
HETATM 1165 C C29 . 12P B 2 .   ? 1.339   9.640   5.270   1.00 30.58 ? 164 12P A C29 1 
HETATM 1166 O O28 . 12P B 2 .   ? 0.568   9.987   6.422   1.00 32.97 ? 164 12P A O28 1 
HETATM 1167 C C27 . 12P B 2 .   ? 0.549   11.424  6.553   1.00 29.95 ? 164 12P A C27 1 
HETATM 1168 C C26 . 12P B 2 .   ? -0.303  11.890  7.739   1.00 30.34 ? 164 12P A C26 1 
HETATM 1169 O O25 . 12P B 2 .   ? 0.111   11.300  8.948   1.00 33.07 ? 164 12P A O25 1 
HETATM 1170 C C24 . 12P B 2 .   ? 0.673   12.155  9.946   1.00 36.37 ? 164 12P A C24 1 
HETATM 1171 C C23 . 12P B 2 .   ? 0.966   11.372  11.231  1.00 36.70 ? 164 12P A C23 1 
HETATM 1172 O O22 . 12P B 2 .   ? 2.271   11.520  11.829  1.00 38.30 ? 164 12P A O22 1 
HETATM 1173 C C21 . 12P B 2 .   ? 3.357   11.678  10.924  1.00 41.88 ? 164 12P A C21 1 
HETATM 1174 C C20 . 12P B 2 .   ? 4.667   11.080  11.411  1.00 43.50 ? 164 12P A C20 1 
HETATM 1175 O O19 . 12P B 2 .   ? 5.705   11.494  10.513  1.00 46.83 ? 164 12P A O19 1 
HETATM 1176 C C18 . 12P B 2 .   ? 6.338   10.424  9.816   1.00 50.32 ? 164 12P A C18 1 
HETATM 1177 C C17 . 12P B 2 .   ? 6.591   10.910  8.403   1.00 53.07 ? 164 12P A C17 1 
HETATM 1178 O O16 . 12P B 2 .   ? 5.967   10.035  7.445   1.00 58.41 ? 164 12P A O16 1 
HETATM 1179 C C15 . 12P B 2 .   ? 5.005   10.659  6.556   1.00 57.11 ? 164 12P A C15 1 
HETATM 1180 C C14 . 12P B 2 .   ? 5.593   11.581  5.492   1.00 56.75 ? 164 12P A C14 1 
HETATM 1181 C C1  . 4DH C 3 .   ? 0.802   -8.433  -5.374  1.00 24.00 ? 165 4DH A C1  1 
HETATM 1182 C C2  . 4DH C 3 .   ? 2.167   -8.572  -5.597  1.00 22.95 ? 165 4DH A C2  1 
HETATM 1183 C C3  . 4DH C 3 .   ? 2.710   -8.222  -6.828  1.00 23.84 ? 165 4DH A C3  1 
HETATM 1184 C C4  . 4DH C 3 .   ? -0.022  -7.944  -6.380  1.00 23.30 ? 165 4DH A C4  1 
HETATM 1185 N N5  . 4DH C 3 .   ? -0.010  -7.113  -8.727  1.00 26.73 ? 165 4DH A N5  1 
HETATM 1186 C C6  . 4DH C 3 .   ? 0.523   -7.595  -7.610  1.00 26.79 ? 165 4DH A C6  1 
HETATM 1187 C C7  . 4DH C 3 .   ? 1.884   -7.733  -7.834  1.00 25.43 ? 165 4DH A C7  1 
HETATM 1188 N N8  . 4DH C 3 .   ? 2.120   -7.330  -9.077  1.00 29.21 ? 165 4DH A N8  1 
HETATM 1189 C C9  . 4DH C 3 .   ? 0.965   -6.951  -9.622  1.00 28.19 ? 165 4DH A C9  1 
HETATM 1190 C C10 . 4DH C 3 .   ? 0.786   -6.418  -11.045 1.00 32.98 ? 165 4DH A C10 1 
HETATM 1191 C C11 . 4DH C 3 .   ? 0.286   -7.517  -11.984 1.00 38.83 ? 165 4DH A C11 1 
HETATM 1192 C C12 . 4DH C 3 .   ? 0.123   -6.949  -13.395 1.00 42.62 ? 165 4DH A C12 1 
HETATM 1193 O O13 . 4DH C 3 .   ? -0.985  -6.910  -13.927 1.00 44.27 ? 165 4DH A O13 1 
HETATM 1194 O O14 . 4DH C 3 .   ? 1.099   -6.525  -14.012 1.00 44.21 ? 165 4DH A O14 1 
HETATM 1195 N N15 . 4DH C 3 .   ? -1.009  -8.021  -11.505 1.00 41.46 ? 165 4DH A N15 1 
HETATM 1196 C C16 . 4DH C 3 .   ? -1.116  -9.163  -10.833 1.00 37.50 ? 165 4DH A C16 1 
HETATM 1197 C C17 . 4DH C 3 .   ? -2.539  -9.534  -10.411 1.00 33.88 ? 165 4DH A C17 1 
HETATM 1198 O O18 . 4DH C 3 .   ? -0.164  -9.890  -10.555 1.00 40.12 ? 165 4DH A O18 1 
HETATM 1199 N N19 . 4DH C 3 .   ? -2.866  -10.320 -9.396  1.00 33.40 ? 165 4DH A N19 1 
HETATM 1200 N N20 . 4DH C 3 .   ? -4.090  -10.421 -9.320  1.00 32.27 ? 165 4DH A N20 1 
HETATM 1201 C C21 . 4DH C 3 .   ? -4.636  -9.692  -10.299 1.00 31.51 ? 165 4DH A C21 1 
HETATM 1202 C C22 . 4DH C 3 .   ? -3.653  -9.125  -10.998 1.00 31.23 ? 165 4DH A C22 1 
HETATM 1203 C C23 . 4DH C 3 .   ? -1.900  -10.979 -8.488  1.00 31.80 ? 165 4DH A C23 1 
HETATM 1204 C C24 . 4DH C 3 .   ? -5.997  -9.550  -10.547 1.00 29.97 ? 165 4DH A C24 1 
HETATM 1205 C C25 . 4DH C 3 .   ? -6.439  -9.203  -11.817 1.00 30.57 ? 165 4DH A C25 1 
HETATM 1206 C C26 . 4DH C 3 .   ? -7.800  -9.063  -12.065 1.00 30.20 ? 165 4DH A C26 1 
HETATM 1207 C C27 . 4DH C 3 .   ? -8.718  -9.267  -11.040 1.00 28.69 ? 165 4DH A C27 1 
HETATM 1208 C C28 . 4DH C 3 .   ? -8.275  -9.615  -9.770  1.00 28.43 ? 165 4DH A C28 1 
HETATM 1209 C C29 . 4DH C 3 .   ? -6.914  -9.756  -9.523  1.00 28.83 ? 165 4DH A C29 1 
HETATM 1210 O O   . HOH D 4 .   ? 0.283   -1.146  9.785   1.00 24.86 ? 166 HOH A O   1 
HETATM 1211 O O   . HOH D 4 .   ? -0.701  11.240  -6.675  1.00 27.37 ? 167 HOH A O   1 
HETATM 1212 O O   . HOH D 4 .   ? -10.292 -6.377  -0.882  1.00 25.24 ? 168 HOH A O   1 
HETATM 1213 O O   . HOH D 4 .   ? -5.173  -2.210  -8.250  1.00 16.86 ? 169 HOH A O   1 
HETATM 1214 O O   . HOH D 4 .   ? -0.673  17.562  13.130  1.00 29.73 ? 170 HOH A O   1 
HETATM 1215 O O   . HOH D 4 .   ? 5.503   -5.052  -12.905 1.00 30.35 ? 171 HOH A O   1 
HETATM 1216 O O   . HOH D 4 .   ? 3.123   10.257  8.673   1.00 24.24 ? 172 HOH A O   1 
HETATM 1217 O O   . HOH D 4 .   ? -0.964  13.592  18.323  1.00 36.52 ? 173 HOH A O   1 
HETATM 1218 O O   . HOH D 4 .   ? -11.892 -2.613  -2.918  1.00 36.64 ? 174 HOH A O   1 
HETATM 1219 O O   . HOH D 4 .   ? 3.290   7.045   25.169  1.00 40.61 ? 175 HOH A O   1 
HETATM 1220 O O   . HOH D 4 .   ? 7.604   13.184  6.577   1.00 38.65 ? 176 HOH A O   1 
HETATM 1221 O O   . HOH D 4 .   ? 2.697   -2.840  24.343  1.00 45.62 ? 177 HOH A O   1 
HETATM 1222 O O   . HOH D 4 .   ? -2.667  10.255  12.396  1.00 24.53 ? 178 HOH A O   1 
HETATM 1223 O O   . HOH D 4 .   ? 4.170   9.338   -14.211 1.00 33.55 ? 179 HOH A O   1 
HETATM 1224 O O   . HOH D 4 .   ? 3.240   13.885  9.255   1.00 29.82 ? 180 HOH A O   1 
HETATM 1225 O O   . HOH D 4 .   ? -15.607 6.022   -0.056  1.00 43.32 ? 181 HOH A O   1 
HETATM 1226 O O   . HOH D 4 .   ? -5.107  4.985   -19.856 1.00 44.04 ? 182 HOH A O   1 
HETATM 1227 O O   . HOH D 4 .   ? 4.065   -10.092 8.249   1.00 36.33 ? 183 HOH A O   1 
HETATM 1228 O O   . HOH D 4 .   ? 7.701   5.558   4.762   1.00 41.60 ? 184 HOH A O   1 
HETATM 1229 O O   . HOH D 4 .   ? 8.838   -8.478  -5.035  1.00 39.83 ? 185 HOH A O   1 
HETATM 1230 O O   . HOH D 4 .   ? -7.162  9.542   7.654   1.00 29.57 ? 186 HOH A O   1 
HETATM 1231 O O   . HOH D 4 .   ? 9.452   -1.017  -6.460  1.00 25.69 ? 187 HOH A O   1 
HETATM 1232 O O   . HOH D 4 .   ? 2.938   -16.460 -7.135  1.00 36.54 ? 188 HOH A O   1 
HETATM 1233 O O   . HOH D 4 .   ? -11.980 -10.579 8.912   1.00 35.44 ? 189 HOH A O   1 
HETATM 1234 O O   . HOH D 4 .   ? -12.530 9.113   -5.066  1.00 44.80 ? 190 HOH A O   1 
HETATM 1235 O O   . HOH D 4 .   ? 9.670   12.887  -16.295 1.00 48.96 ? 191 HOH A O   1 
HETATM 1236 O O   . HOH D 4 .   ? -4.777  2.254   8.784   1.00 24.27 ? 192 HOH A O   1 
HETATM 1237 O O   . HOH D 4 .   ? 13.690  4.180   -11.876 1.00 35.07 ? 193 HOH A O   1 
HETATM 1238 O O   . HOH D 4 .   ? -0.862  -2.977  11.492  1.00 21.81 ? 194 HOH A O   1 
HETATM 1239 O O   . HOH D 4 .   ? -1.155  -18.324 5.185   1.00 32.56 ? 195 HOH A O   1 
HETATM 1240 O O   . HOH D 4 .   ? 5.586   12.133  -9.681  1.00 25.39 ? 196 HOH A O   1 
HETATM 1241 O O   . HOH D 4 .   ? 8.857   -12.664 -3.270  1.00 36.11 ? 197 HOH A O   1 
HETATM 1242 O O   . HOH D 4 .   ? -2.791  10.556  -10.966 1.00 34.32 ? 198 HOH A O   1 
HETATM 1243 O O   . HOH D 4 .   ? 0.447   4.208   -15.793 1.00 29.63 ? 199 HOH A O   1 
HETATM 1244 O O   . HOH D 4 .   ? -0.283  4.371   -12.181 1.00 29.43 ? 200 HOH A O   1 
HETATM 1245 O O   . HOH D 4 .   ? 12.169  -1.948  15.027  1.00 41.40 ? 201 HOH A O   1 
HETATM 1246 O O   . HOH D 4 .   ? -1.961  3.816   25.485  1.00 46.09 ? 202 HOH A O   1 
HETATM 1247 O O   . HOH D 4 .   ? 0.404   11.748  20.223  1.00 35.09 ? 203 HOH A O   1 
HETATM 1248 O O   . HOH D 4 .   ? 8.580   -2.398  1.781   1.00 36.52 ? 204 HOH A O   1 
HETATM 1249 O O   . HOH D 4 .   ? 9.558   -7.978  3.740   1.00 37.76 ? 205 HOH A O   1 
HETATM 1250 O O   . HOH D 4 .   ? 13.063  11.167  -10.722 1.00 33.19 ? 206 HOH A O   1 
HETATM 1251 O O   . HOH D 4 .   ? 3.606   13.597  6.892   1.00 37.72 ? 207 HOH A O   1 
HETATM 1252 O O   . HOH D 4 .   ? -7.825  2.602   6.475   1.00 23.15 ? 208 HOH A O   1 
HETATM 1253 O O   . HOH D 4 .   ? -0.906  6.482   -17.024 1.00 37.82 ? 209 HOH A O   1 
HETATM 1254 O O   . HOH D 4 .   ? 12.158  -3.061  18.685  1.00 31.92 ? 210 HOH A O   1 
HETATM 1255 O O   . HOH D 4 .   ? 9.595   14.004  -5.539  1.00 43.16 ? 211 HOH A O   1 
HETATM 1256 O O   . HOH D 4 .   ? -9.771  -18.221 -0.223  1.00 53.05 ? 212 HOH A O   1 
HETATM 1257 O O   . HOH D 4 .   ? 2.837   3.781   -23.714 1.00 34.42 ? 213 HOH A O   1 
HETATM 1258 O O   . HOH D 4 .   ? -3.405  1.835   10.960  1.00 21.09 ? 214 HOH A O   1 
HETATM 1259 O O   . HOH D 4 .   ? -10.498 7.661   2.511   1.00 33.99 ? 215 HOH A O   1 
HETATM 1260 O O   . HOH D 4 .   ? 14.542  -1.879  -8.829  1.00 42.80 ? 216 HOH A O   1 
HETATM 1261 O O   . HOH D 4 .   ? -8.909  14.618  -6.074  1.00 40.25 ? 217 HOH A O   1 
HETATM 1262 O O   . HOH D 4 .   ? -14.595 -12.216 6.092   1.00 38.30 ? 218 HOH A O   1 
HETATM 1263 O O   . HOH D 4 .   ? 6.740   -5.539  4.083   1.00 29.86 ? 219 HOH A O   1 
HETATM 1264 O O   . HOH D 4 .   ? 3.797   20.135  21.198  1.00 36.04 ? 220 HOH A O   1 
HETATM 1265 O O   . HOH D 4 .   ? -0.523  13.720  -10.762 1.00 43.98 ? 221 HOH A O   1 
HETATM 1266 O O   . HOH D 4 .   ? -7.680  3.900   4.163   1.00 25.65 ? 222 HOH A O   1 
HETATM 1267 O O   . HOH D 4 .   ? -1.763  0.352   9.037   1.00 22.42 ? 223 HOH A O   1 
HETATM 1268 O O   . HOH D 4 .   ? -10.957 -9.872  -7.369  1.00 43.67 ? 224 HOH A O   1 
HETATM 1269 O O   . HOH D 4 .   ? 5.714   -3.113  21.605  1.00 39.38 ? 225 HOH A O   1 
HETATM 1270 O O   . HOH D 4 .   ? -0.627  -8.222  13.287  1.00 41.25 ? 226 HOH A O   1 
HETATM 1271 O O   . HOH D 4 .   ? 1.312   -14.412 -0.045  1.00 33.61 ? 227 HOH A O   1 
HETATM 1272 O O   . HOH D 4 .   ? -14.295 -7.712  6.766   1.00 39.84 ? 228 HOH A O   1 
HETATM 1273 O O   . HOH D 4 .   ? -0.761  9.338   20.370  1.00 32.75 ? 229 HOH A O   1 
HETATM 1274 O O   . HOH D 4 .   ? 4.898   6.117   -16.919 1.00 47.05 ? 230 HOH A O   1 
HETATM 1275 O O   . HOH D 4 .   ? 3.966   -7.222  -12.853 1.00 31.46 ? 231 HOH A O   1 
HETATM 1276 O O   . HOH D 4 .   ? 11.774  -4.238  -9.849  1.00 49.57 ? 232 HOH A O   1 
HETATM 1277 O O   . HOH D 4 .   ? 1.177   13.474  -7.175  1.00 30.48 ? 233 HOH A O   1 
HETATM 1278 O O   . HOH D 4 .   ? 11.829  9.022   18.730  1.00 39.17 ? 234 HOH A O   1 
HETATM 1279 O O   . HOH D 4 .   ? -0.442  7.098   -11.231 1.00 32.62 ? 235 HOH A O   1 
HETATM 1280 O O   . HOH D 4 .   ? 11.135  2.639   -19.772 1.00 49.44 ? 236 HOH A O   1 
HETATM 1281 O O   . HOH D 4 .   ? 7.290   14.623  12.136  1.00 35.60 ? 237 HOH A O   1 
HETATM 1282 O O   . HOH D 4 .   ? 12.227  -2.944  -15.803 1.00 32.06 ? 238 HOH A O   1 
HETATM 1283 O O   . HOH D 4 .   ? 8.165   22.413  11.093  1.00 37.96 ? 239 HOH A O   1 
HETATM 1284 O O   . HOH D 4 .   ? -3.012  12.373  -5.987  1.00 44.88 ? 240 HOH A O   1 
HETATM 1285 O O   . HOH D 4 .   ? 5.371   6.257   5.954   1.00 36.42 ? 241 HOH A O   1 
HETATM 1286 O O   . HOH D 4 .   ? 5.635   -4.187  18.153  1.00 28.22 ? 242 HOH A O   1 
HETATM 1287 O O   . HOH D 4 .   ? -5.938  0.322   14.179  1.00 49.28 ? 243 HOH A O   1 
HETATM 1288 O O   . HOH D 4 .   ? -3.429  -15.236 16.227  1.00 39.51 ? 244 HOH A O   1 
HETATM 1289 O O   . HOH D 4 .   ? 11.486  9.556   21.871  1.00 38.03 ? 245 HOH A O   1 
HETATM 1290 O O   . HOH D 4 .   ? 10.586  14.274  -12.250 1.00 38.04 ? 246 HOH A O   1 
HETATM 1291 O O   . HOH D 4 .   ? 3.345   13.525  -9.234  1.00 30.16 ? 247 HOH A O   1 
HETATM 1292 O O   . HOH D 4 .   ? -5.891  5.757   -17.481 1.00 33.36 ? 248 HOH A O   1 
HETATM 1293 O O   . HOH D 4 .   ? 9.747   10.735  -4.405  1.00 54.13 ? 249 HOH A O   1 
HETATM 1294 O O   . HOH D 4 .   ? -9.572  -13.785 6.872   1.00 41.73 ? 250 HOH A O   1 
HETATM 1295 O O   . HOH D 4 .   ? 9.075   11.250  0.054   1.00 30.40 ? 251 HOH A O   1 
HETATM 1296 O O   . HOH D 4 .   ? -6.105  5.406   12.606  0.50 26.51 ? 252 HOH A O   1 
HETATM 1297 O O   . HOH D 4 .   ? 2.701   -5.551  23.712  1.00 39.24 ? 253 HOH A O   1 
HETATM 1298 O O   . HOH D 4 .   ? -6.939  18.245  -4.772  1.00 49.82 ? 254 HOH A O   1 
HETATM 1299 O O   . HOH D 4 .   ? 8.045   7.288   9.691   1.00 49.91 ? 255 HOH A O   1 
HETATM 1300 O O   . HOH D 4 .   ? -5.886  3.073   14.876  1.00 44.26 ? 256 HOH A O   1 
HETATM 1301 O O   . HOH D 4 .   ? -8.189  -0.953  12.973  1.00 32.70 ? 257 HOH A O   1 
HETATM 1302 O O   . HOH D 4 .   ? 9.931   7.272   21.824  1.00 40.23 ? 258 HOH A O   1 
HETATM 1303 O O   . HOH D 4 .   ? 0.425   -3.508  22.739  1.00 42.18 ? 259 HOH A O   1 
HETATM 1304 O O   . HOH D 4 .   ? -4.171  -14.446 -6.104  1.00 47.80 ? 260 HOH A O   1 
HETATM 1305 O O   . HOH D 4 .   ? -0.700  -14.685 -6.949  1.00 36.77 ? 261 HOH A O   1 
HETATM 1306 O O   . HOH D 4 .   ? 2.761   -11.131 -6.941  1.00 34.94 ? 262 HOH A O   1 
HETATM 1307 O O   . HOH D 4 .   ? -7.624  -8.153  12.067  1.00 37.45 ? 263 HOH A O   1 
HETATM 1308 O O   . HOH D 4 .   ? 5.232   7.491   3.685   1.00 39.97 ? 264 HOH A O   1 
HETATM 1309 O O   . HOH D 4 .   ? 15.261  8.445   -4.230  1.00 35.72 ? 265 HOH A O   1 
HETATM 1310 O O   . HOH D 4 .   ? 13.156  6.766   -4.455  1.00 40.79 ? 266 HOH A O   1 
HETATM 1311 O O   . HOH D 4 .   ? 10.064  -0.622  6.393   1.00 40.84 ? 267 HOH A O   1 
HETATM 1312 O O   . HOH D 4 .   ? 4.893   -19.494 2.975   1.00 51.37 ? 268 HOH A O   1 
HETATM 1313 O O   . HOH D 4 .   ? 5.786   -17.038 2.912   1.00 31.49 ? 269 HOH A O   1 
HETATM 1314 O O   . HOH D 4 .   ? 8.836   9.280   5.984   1.00 41.30 ? 270 HOH A O   1 
HETATM 1315 O O   . HOH D 4 .   ? 2.313   10.988  2.171   1.00 53.53 ? 271 HOH A O   1 
HETATM 1316 O O   . HOH D 4 .   ? 1.750   3.623   23.675  1.00 41.25 ? 272 HOH A O   1 
HETATM 1317 O O   . HOH D 4 .   ? 14.387  7.065   -9.395  1.00 39.19 ? 273 HOH A O   1 
HETATM 1318 O O   . HOH D 4 .   ? 2.989   -9.968  11.210  1.00 34.95 ? 274 HOH A O   1 
HETATM 1319 O O   . HOH D 4 .   ? -10.532 0.028   -14.226 1.00 40.07 ? 275 HOH A O   1 
HETATM 1320 O O   . HOH D 4 .   ? 2.324   -10.833 -10.879 1.00 44.59 ? 276 HOH A O   1 
HETATM 1321 O O   . HOH D 4 .   ? 13.755  -0.241  18.648  1.00 45.82 ? 277 HOH A O   1 
# 
loop_
_pdbx_poly_seq_scheme.asym_id 
_pdbx_poly_seq_scheme.entity_id 
_pdbx_poly_seq_scheme.seq_id 
_pdbx_poly_seq_scheme.mon_id 
_pdbx_poly_seq_scheme.ndb_seq_num 
_pdbx_poly_seq_scheme.pdb_seq_num 
_pdbx_poly_seq_scheme.auth_seq_num 
_pdbx_poly_seq_scheme.pdb_mon_id 
_pdbx_poly_seq_scheme.auth_mon_id 
_pdbx_poly_seq_scheme.pdb_strand_id 
_pdbx_poly_seq_scheme.pdb_ins_code 
_pdbx_poly_seq_scheme.hetero 
A 1 1   GLY 1   -3  ?   ?   ?   A . n 
A 1 2   SER 2   -2  ?   ?   ?   A . n 
A 1 3   HIS 3   -1  ?   ?   ?   A . n 
A 1 4   GLY 4   0   ?   ?   ?   A . n 
A 1 5   MET 5   1   ?   ?   ?   A . n 
A 1 6   ALA 6   2   ?   ?   ?   A . n 
A 1 7   ASP 7   3   ?   ?   ?   A . n 
A 1 8   GLU 8   4   ?   ?   ?   A . n 
A 1 9   GLU 9   5   ?   ?   ?   A . n 
A 1 10  LYS 10  6   ?   ?   ?   A . n 
A 1 11  LEU 11  7   7   LEU LEU A . n 
A 1 12  PRO 12  8   8   PRO PRO A . n 
A 1 13  PRO 13  9   9   PRO PRO A . n 
A 1 14  GLY 14  10  10  GLY GLY A . n 
A 1 15  TRP 15  11  11  TRP TRP A . n 
A 1 16  GLU 16  12  12  GLU GLU A . n 
A 1 17  LYS 17  13  13  LYS LYS A . n 
A 1 18  ALA 18  14  14  ALA ALA A . n 
A 1 19  MET 19  15  15  MET MET A . n 
A 1 20  SER 20  16  16  SER SER A . n 
A 1 21  ARG 21  17  17  ARG ARG A . n 
A 1 22  SER 22  18  18  SER SER A . n 
A 1 23  SER 23  19  19  SER SER A . n 
A 1 24  GLY 24  20  20  GLY GLY A . n 
A 1 25  ARG 25  21  21  ARG ARG A . n 
A 1 26  VAL 26  22  22  VAL VAL A . n 
A 1 27  TYR 27  23  23  TYR TYR A . n 
A 1 28  TYR 28  24  24  TYR TYR A . n 
A 1 29  PHE 29  25  25  PHE PHE A . n 
A 1 30  ASN 30  26  26  ASN ASN A . n 
A 1 31  HIS 31  27  27  HIS HIS A . n 
A 1 32  ILE 32  28  28  ILE ILE A . n 
A 1 33  THR 33  29  29  THR THR A . n 
A 1 34  ASN 34  30  30  ASN ASN A . n 
A 1 35  ALA 35  31  31  ALA ALA A . n 
A 1 36  SER 36  32  32  SER SER A . n 
A 1 37  GLN 37  33  33  GLN GLN A . n 
A 1 38  TRP 38  34  34  TRP TRP A . n 
A 1 39  GLU 39  35  35  GLU GLU A . n 
A 1 40  ARG 40  36  36  ARG ARG A . n 
A 1 41  PRO 41  37  37  PRO PRO A . n 
A 1 42  SER 42  38  38  SER SER A . n 
A 1 43  GLY 43  39  ?   ?   ?   A . n 
A 1 44  ASN 44  40  ?   ?   ?   A . n 
A 1 45  SER 45  41  ?   ?   ?   A . n 
A 1 46  SER 46  42  ?   ?   ?   A . n 
A 1 47  SER 47  43  ?   ?   ?   A . n 
A 1 48  GLY 48  44  ?   ?   ?   A . n 
A 1 49  GLY 49  45  ?   ?   ?   A . n 
A 1 50  LYS 50  46  ?   ?   ?   A . n 
A 1 51  ASN 51  47  ?   ?   ?   A . n 
A 1 52  GLY 52  48  ?   ?   ?   A . n 
A 1 53  GLN 53  49  ?   ?   ?   A . n 
A 1 54  GLY 54  50  ?   ?   ?   A . n 
A 1 55  GLU 55  51  51  GLU GLU A . n 
A 1 56  PRO 56  52  52  PRO PRO A . n 
A 1 57  ALA 57  53  53  ALA ALA A . n 
A 1 58  ARG 58  54  54  ARG ARG A . n 
A 1 59  VAL 59  55  55  VAL VAL A . n 
A 1 60  ARG 60  56  56  ARG ARG A . n 
A 1 61  CYS 61  57  57  CYS CYS A . n 
A 1 62  SER 62  58  58  SER SER A . n 
A 1 63  HIS 63  59  59  HIS HIS A . n 
A 1 64  LEU 64  60  60  LEU LEU A . n 
A 1 65  LEU 65  61  61  LEU LEU A . n 
A 1 66  VAL 66  62  62  VAL VAL A . n 
A 1 67  LYS 67  63  63  LYS LYS A . n 
A 1 68  HIS 68  64  64  HIS HIS A . n 
A 1 69  SER 69  65  65  SER SER A . n 
A 1 70  GLN 70  66  66  GLN GLN A . n 
A 1 71  SER 71  67  67  SER SER A . n 
A 1 72  ARG 72  68  68  ARG ARG A . n 
A 1 73  ARG 73  69  69  ARG ARG A . n 
A 1 74  PRO 74  70  70  PRO PRO A . n 
A 1 75  SER 75  71  71  SER SER A . n 
A 1 76  SER 76  72  72  SER SER A . n 
A 1 77  TRP 77  73  73  TRP TRP A . n 
A 1 78  ARG 78  74  74  ARG ARG A . n 
A 1 79  GLN 79  75  75  GLN GLN A . n 
A 1 80  GLU 80  76  76  GLU GLU A . n 
A 1 81  LYS 81  77  77  LYS LYS A . n 
A 1 82  ILE 82  78  78  ILE ILE A . n 
A 1 83  THR 83  79  79  THR THR A . n 
A 1 84  ARG 84  80  80  ARG ARG A . n 
A 1 85  THR 85  81  81  THR THR A . n 
A 1 86  LYS 86  82  82  LYS LYS A . n 
A 1 87  GLU 87  83  83  GLU GLU A . n 
A 1 88  GLU 88  84  84  GLU GLU A . n 
A 1 89  ALA 89  85  85  ALA ALA A . n 
A 1 90  LEU 90  86  86  LEU LEU A . n 
A 1 91  GLU 91  87  87  GLU GLU A . n 
A 1 92  LEU 92  88  88  LEU LEU A . n 
A 1 93  ILE 93  89  89  ILE ILE A . n 
A 1 94  ASN 94  90  90  ASN ASN A . n 
A 1 95  GLY 95  91  91  GLY GLY A . n 
A 1 96  TYR 96  92  92  TYR TYR A . n 
A 1 97  ILE 97  93  93  ILE ILE A . n 
A 1 98  GLN 98  94  94  GLN GLN A . n 
A 1 99  LYS 99  95  95  LYS LYS A . n 
A 1 100 ILE 100 96  96  ILE ILE A . n 
A 1 101 LYS 101 97  97  LYS LYS A . n 
A 1 102 SER 102 98  98  SER SER A . n 
A 1 103 GLY 103 99  99  GLY GLY A . n 
A 1 104 GLU 104 100 100 GLU GLU A . n 
A 1 105 GLU 105 101 101 GLU GLU A . n 
A 1 106 ASP 106 102 102 ASP ASP A . n 
A 1 107 PHE 107 103 103 PHE PHE A . n 
A 1 108 GLU 108 104 104 GLU GLU A . n 
A 1 109 SER 109 105 105 SER SER A . n 
A 1 110 LEU 110 106 106 LEU LEU A . n 
A 1 111 ALA 111 107 107 ALA ALA A . n 
A 1 112 SER 112 108 108 SER SER A . n 
A 1 113 GLN 113 109 109 GLN GLN A . n 
A 1 114 PHE 114 110 110 PHE PHE A . n 
A 1 115 SER 115 111 111 SER SER A . n 
A 1 116 ASP 116 112 112 ASP ASP A . n 
A 1 117 CYS 117 113 113 CYS CYS A . n 
A 1 118 SER 118 114 114 SER SER A . n 
A 1 119 SER 119 115 115 SER SER A . n 
A 1 120 ALA 120 116 116 ALA ALA A . n 
A 1 121 LYS 121 117 117 LYS LYS A . n 
A 1 122 ALA 122 118 118 ALA ALA A . n 
A 1 123 ARG 123 119 119 ARG ARG A . n 
A 1 124 GLY 124 120 120 GLY GLY A . n 
A 1 125 ASP 125 121 121 ASP ASP A . n 
A 1 126 LEU 126 122 122 LEU LEU A . n 
A 1 127 GLY 127 123 123 GLY GLY A . n 
A 1 128 ALA 128 124 124 ALA ALA A . n 
A 1 129 PHE 129 125 125 PHE PHE A . n 
A 1 130 SER 130 126 126 SER SER A . n 
A 1 131 ARG 131 127 127 ARG ARG A . n 
A 1 132 GLY 132 128 128 GLY GLY A . n 
A 1 133 GLN 133 129 129 GLN GLN A . n 
A 1 134 MET 134 130 130 MET MET A . n 
A 1 135 GLN 135 131 131 GLN GLN A . n 
A 1 136 LYS 136 132 132 LYS LYS A . n 
A 1 137 PRO 137 133 133 PRO PRO A . n 
A 1 138 PHE 138 134 134 PHE PHE A . n 
A 1 139 GLU 139 135 135 GLU GLU A . n 
A 1 140 ASP 140 136 136 ASP ASP A . n 
A 1 141 ALA 141 137 137 ALA ALA A . n 
A 1 142 SER 142 138 138 SER SER A . n 
A 1 143 PHE 143 139 139 PHE PHE A . n 
A 1 144 ALA 144 140 140 ALA ALA A . n 
A 1 145 LEU 145 141 141 LEU LEU A . n 
A 1 146 ARG 146 142 142 ARG ARG A . n 
A 1 147 THR 147 143 143 THR THR A . n 
A 1 148 GLY 148 144 144 GLY GLY A . n 
A 1 149 GLU 149 145 145 GLU GLU A . n 
A 1 150 MET 150 146 146 MET MET A . n 
A 1 151 SER 151 147 147 SER SER A . n 
A 1 152 GLY 152 148 148 GLY GLY A . n 
A 1 153 PRO 153 149 149 PRO PRO A . n 
A 1 154 VAL 154 150 150 VAL VAL A . n 
A 1 155 PHE 155 151 151 PHE PHE A . n 
A 1 156 THR 156 152 152 THR THR A . n 
A 1 157 ASP 157 153 153 ASP ASP A . n 
A 1 158 SER 158 154 154 SER SER A . n 
A 1 159 GLY 159 155 155 GLY GLY A . n 
A 1 160 ILE 160 156 156 ILE ILE A . n 
A 1 161 HIS 161 157 157 HIS HIS A . n 
A 1 162 ILE 162 158 158 ILE ILE A . n 
A 1 163 ILE 163 159 159 ILE ILE A . n 
A 1 164 LEU 164 160 160 LEU LEU A . n 
A 1 165 ARG 165 161 161 ARG ARG A . n 
A 1 166 THR 166 162 162 THR THR A . n 
A 1 167 GLU 167 163 163 GLU GLU A . n 
# 
loop_
_pdbx_nonpoly_scheme.asym_id 
_pdbx_nonpoly_scheme.entity_id 
_pdbx_nonpoly_scheme.mon_id 
_pdbx_nonpoly_scheme.ndb_seq_num 
_pdbx_nonpoly_scheme.pdb_seq_num 
_pdbx_nonpoly_scheme.auth_seq_num 
_pdbx_nonpoly_scheme.pdb_mon_id 
_pdbx_nonpoly_scheme.auth_mon_id 
_pdbx_nonpoly_scheme.pdb_strand_id 
_pdbx_nonpoly_scheme.pdb_ins_code 
B 2 12P 1   164 1   12P 12P A . 
C 3 4DH 1   165 1   4DH 4DH A . 
D 4 HOH 1   166 1   HOH HOH A . 
D 4 HOH 2   167 2   HOH HOH A . 
D 4 HOH 3   168 3   HOH HOH A . 
D 4 HOH 4   169 4   HOH HOH A . 
D 4 HOH 5   170 5   HOH HOH A . 
D 4 HOH 6   171 6   HOH HOH A . 
D 4 HOH 7   172 7   HOH HOH A . 
D 4 HOH 8   173 9   HOH HOH A . 
D 4 HOH 9   174 10  HOH HOH A . 
D 4 HOH 10  175 11  HOH HOH A . 
D 4 HOH 11  176 13  HOH HOH A . 
D 4 HOH 12  177 15  HOH HOH A . 
D 4 HOH 13  178 16  HOH HOH A . 
D 4 HOH 14  179 17  HOH HOH A . 
D 4 HOH 15  180 18  HOH HOH A . 
D 4 HOH 16  181 19  HOH HOH A . 
D 4 HOH 17  182 20  HOH HOH A . 
D 4 HOH 18  183 21  HOH HOH A . 
D 4 HOH 19  184 22  HOH HOH A . 
D 4 HOH 20  185 23  HOH HOH A . 
D 4 HOH 21  186 26  HOH HOH A . 
D 4 HOH 22  187 27  HOH HOH A . 
D 4 HOH 23  188 28  HOH HOH A . 
D 4 HOH 24  189 29  HOH HOH A . 
D 4 HOH 25  190 30  HOH HOH A . 
D 4 HOH 26  191 31  HOH HOH A . 
D 4 HOH 27  192 32  HOH HOH A . 
D 4 HOH 28  193 33  HOH HOH A . 
D 4 HOH 29  194 34  HOH HOH A . 
D 4 HOH 30  195 35  HOH HOH A . 
D 4 HOH 31  196 36  HOH HOH A . 
D 4 HOH 32  197 37  HOH HOH A . 
D 4 HOH 33  198 39  HOH HOH A . 
D 4 HOH 34  199 40  HOH HOH A . 
D 4 HOH 35  200 41  HOH HOH A . 
D 4 HOH 36  201 42  HOH HOH A . 
D 4 HOH 37  202 43  HOH HOH A . 
D 4 HOH 38  203 44  HOH HOH A . 
D 4 HOH 39  204 45  HOH HOH A . 
D 4 HOH 40  205 46  HOH HOH A . 
D 4 HOH 41  206 47  HOH HOH A . 
D 4 HOH 42  207 48  HOH HOH A . 
D 4 HOH 43  208 49  HOH HOH A . 
D 4 HOH 44  209 50  HOH HOH A . 
D 4 HOH 45  210 52  HOH HOH A . 
D 4 HOH 46  211 55  HOH HOH A . 
D 4 HOH 47  212 56  HOH HOH A . 
D 4 HOH 48  213 58  HOH HOH A . 
D 4 HOH 49  214 60  HOH HOH A . 
D 4 HOH 50  215 61  HOH HOH A . 
D 4 HOH 51  216 63  HOH HOH A . 
D 4 HOH 52  217 66  HOH HOH A . 
D 4 HOH 53  218 67  HOH HOH A . 
D 4 HOH 54  219 69  HOH HOH A . 
D 4 HOH 55  220 72  HOH HOH A . 
D 4 HOH 56  221 75  HOH HOH A . 
D 4 HOH 57  222 77  HOH HOH A . 
D 4 HOH 58  223 78  HOH HOH A . 
D 4 HOH 59  224 79  HOH HOH A . 
D 4 HOH 60  225 81  HOH HOH A . 
D 4 HOH 61  226 82  HOH HOH A . 
D 4 HOH 62  227 83  HOH HOH A . 
D 4 HOH 63  228 85  HOH HOH A . 
D 4 HOH 64  229 86  HOH HOH A . 
D 4 HOH 65  230 89  HOH HOH A . 
D 4 HOH 66  231 90  HOH HOH A . 
D 4 HOH 67  232 91  HOH HOH A . 
D 4 HOH 68  233 93  HOH HOH A . 
D 4 HOH 69  234 94  HOH HOH A . 
D 4 HOH 70  235 95  HOH HOH A . 
D 4 HOH 71  236 98  HOH HOH A . 
D 4 HOH 72  237 100 HOH HOH A . 
D 4 HOH 73  238 102 HOH HOH A . 
D 4 HOH 74  239 104 HOH HOH A . 
D 4 HOH 75  240 106 HOH HOH A . 
D 4 HOH 76  241 107 HOH HOH A . 
D 4 HOH 77  242 110 HOH HOH A . 
D 4 HOH 78  243 111 HOH HOH A . 
D 4 HOH 79  244 112 HOH HOH A . 
D 4 HOH 80  245 113 HOH HOH A . 
D 4 HOH 81  246 114 HOH HOH A . 
D 4 HOH 82  247 115 HOH HOH A . 
D 4 HOH 83  248 116 HOH HOH A . 
D 4 HOH 84  249 117 HOH HOH A . 
D 4 HOH 85  250 120 HOH HOH A . 
D 4 HOH 86  251 122 HOH HOH A . 
D 4 HOH 87  252 123 HOH HOH A . 
D 4 HOH 88  253 124 HOH HOH A . 
D 4 HOH 89  254 125 HOH HOH A . 
D 4 HOH 90  255 126 HOH HOH A . 
D 4 HOH 91  256 128 HOH HOH A . 
D 4 HOH 92  257 129 HOH HOH A . 
D 4 HOH 93  258 130 HOH HOH A . 
D 4 HOH 94  259 131 HOH HOH A . 
D 4 HOH 95  260 132 HOH HOH A . 
D 4 HOH 96  261 133 HOH HOH A . 
D 4 HOH 97  262 134 HOH HOH A . 
D 4 HOH 98  263 136 HOH HOH A . 
D 4 HOH 99  264 137 HOH HOH A . 
D 4 HOH 100 265 138 HOH HOH A . 
D 4 HOH 101 266 139 HOH HOH A . 
D 4 HOH 102 267 141 HOH HOH A . 
D 4 HOH 103 268 142 HOH HOH A . 
D 4 HOH 104 269 143 HOH HOH A . 
D 4 HOH 105 270 144 HOH HOH A . 
D 4 HOH 106 271 145 HOH HOH A . 
D 4 HOH 107 272 146 HOH HOH A . 
D 4 HOH 108 273 147 HOH HOH A . 
D 4 HOH 109 274 148 HOH HOH A . 
D 4 HOH 110 275 149 HOH HOH A . 
D 4 HOH 111 276 150 HOH HOH A . 
D 4 HOH 112 277 151 HOH HOH A . 
# 
_pdbx_struct_assembly.id                   1 
_pdbx_struct_assembly.details              author_and_software_defined_assembly 
_pdbx_struct_assembly.method_details       PISA 
_pdbx_struct_assembly.oligomeric_details   monomeric 
_pdbx_struct_assembly.oligomeric_count     1 
# 
_pdbx_struct_assembly_gen.assembly_id       1 
_pdbx_struct_assembly_gen.oper_expression   1 
_pdbx_struct_assembly_gen.asym_id_list      A,B,C,D 
# 
_pdbx_struct_oper_list.id                   1 
_pdbx_struct_oper_list.type                 'identity operation' 
_pdbx_struct_oper_list.name                 1_555 
_pdbx_struct_oper_list.symmetry_operation   x,y,z 
_pdbx_struct_oper_list.matrix[1][1]         1.0000000000 
_pdbx_struct_oper_list.matrix[1][2]         0.0000000000 
_pdbx_struct_oper_list.matrix[1][3]         0.0000000000 
_pdbx_struct_oper_list.vector[1]            0.0000000000 
_pdbx_struct_oper_list.matrix[2][1]         0.0000000000 
_pdbx_struct_oper_list.matrix[2][2]         1.0000000000 
_pdbx_struct_oper_list.matrix[2][3]         0.0000000000 
_pdbx_struct_oper_list.vector[2]            0.0000000000 
_pdbx_struct_oper_list.matrix[3][1]         0.0000000000 
_pdbx_struct_oper_list.matrix[3][2]         0.0000000000 
_pdbx_struct_oper_list.matrix[3][3]         1.0000000000 
_pdbx_struct_oper_list.vector[3]            0.0000000000 
# 
loop_
_pdbx_audit_revision_history.ordinal 
_pdbx_audit_revision_history.data_content_type 
_pdbx_audit_revision_history.major_revision 
_pdbx_audit_revision_history.minor_revision 
_pdbx_audit_revision_history.revision_date 
1 'Structure model' 1 0 2009-12-22 
2 'Structure model' 1 1 2011-07-13 
3 'Structure model' 1 2 2021-11-10 
4 'Structure model' 1 3 2023-11-01 
# 
_pdbx_audit_revision_details.ordinal             1 
_pdbx_audit_revision_details.revision_ordinal    1 
_pdbx_audit_revision_details.data_content_type   'Structure model' 
_pdbx_audit_revision_details.provider            repository 
_pdbx_audit_revision_details.type                'Initial release' 
_pdbx_audit_revision_details.description         ? 
_pdbx_audit_revision_details.details             ? 
# 
loop_
_pdbx_audit_revision_group.ordinal 
_pdbx_audit_revision_group.revision_ordinal 
_pdbx_audit_revision_group.data_content_type 
_pdbx_audit_revision_group.group 
1 2 'Structure model' 'Version format compliance' 
2 3 'Structure model' 'Database references'       
3 3 'Structure model' 'Derived calculations'      
4 4 'Structure model' 'Data collection'           
5 4 'Structure model' 'Refinement description'    
# 
loop_
_pdbx_audit_revision_category.ordinal 
_pdbx_audit_revision_category.revision_ordinal 
_pdbx_audit_revision_category.data_content_type 
_pdbx_audit_revision_category.category 
1 3 'Structure model' database_2                    
2 3 'Structure model' struct_ref_seq_dif            
3 3 'Structure model' struct_site                   
4 4 'Structure model' chem_comp_atom                
5 4 'Structure model' chem_comp_bond                
6 4 'Structure model' pdbx_initial_refinement_model 
# 
loop_
_pdbx_audit_revision_item.ordinal 
_pdbx_audit_revision_item.revision_ordinal 
_pdbx_audit_revision_item.data_content_type 
_pdbx_audit_revision_item.item 
1 3 'Structure model' '_database_2.pdbx_DOI'                
2 3 'Structure model' '_database_2.pdbx_database_accession' 
3 3 'Structure model' '_struct_ref_seq_dif.details'         
4 3 'Structure model' '_struct_site.pdbx_auth_asym_id'      
5 3 'Structure model' '_struct_site.pdbx_auth_comp_id'      
6 3 'Structure model' '_struct_site.pdbx_auth_seq_id'       
# 
loop_
_software.name 
_software.classification 
_software.version 
_software.citation_id 
_software.pdbx_ordinal 
CrystalClear 'data collection' .        ? 1 
AMoRE        phasing           .        ? 2 
REFMAC       refinement        5.5.0072 ? 3 
d*TREK       'data reduction'  .        ? 4 
d*TREK       'data scaling'    .        ? 5 
# 
loop_
_pdbx_validate_rmsd_angle.id 
_pdbx_validate_rmsd_angle.PDB_model_num 
_pdbx_validate_rmsd_angle.auth_atom_id_1 
_pdbx_validate_rmsd_angle.auth_asym_id_1 
_pdbx_validate_rmsd_angle.auth_comp_id_1 
_pdbx_validate_rmsd_angle.auth_seq_id_1 
_pdbx_validate_rmsd_angle.PDB_ins_code_1 
_pdbx_validate_rmsd_angle.label_alt_id_1 
_pdbx_validate_rmsd_angle.auth_atom_id_2 
_pdbx_validate_rmsd_angle.auth_asym_id_2 
_pdbx_validate_rmsd_angle.auth_comp_id_2 
_pdbx_validate_rmsd_angle.auth_seq_id_2 
_pdbx_validate_rmsd_angle.PDB_ins_code_2 
_pdbx_validate_rmsd_angle.label_alt_id_2 
_pdbx_validate_rmsd_angle.auth_atom_id_3 
_pdbx_validate_rmsd_angle.auth_asym_id_3 
_pdbx_validate_rmsd_angle.auth_comp_id_3 
_pdbx_validate_rmsd_angle.auth_seq_id_3 
_pdbx_validate_rmsd_angle.PDB_ins_code_3 
_pdbx_validate_rmsd_angle.label_alt_id_3 
_pdbx_validate_rmsd_angle.angle_value 
_pdbx_validate_rmsd_angle.angle_target_value 
_pdbx_validate_rmsd_angle.angle_deviation 
_pdbx_validate_rmsd_angle.angle_standard_deviation 
_pdbx_validate_rmsd_angle.linker_flag 
1 1 NE A ARG 119 ? ? CZ A ARG 119 ? ? NH1 A ARG 119 ? ? 123.79 120.30 3.49  0.50 N 
2 1 NE A ARG 119 ? ? CZ A ARG 119 ? ? NH2 A ARG 119 ? ? 116.63 120.30 -3.67 0.50 N 
3 1 CB A ASP 121 ? ? CG A ASP 121 ? ? OD1 A ASP 121 ? ? 123.95 118.30 5.65  0.90 N 
# 
_pdbx_validate_peptide_omega.id               1 
_pdbx_validate_peptide_omega.PDB_model_num    1 
_pdbx_validate_peptide_omega.auth_comp_id_1   PRO 
_pdbx_validate_peptide_omega.auth_asym_id_1   A 
_pdbx_validate_peptide_omega.auth_seq_id_1    37 
_pdbx_validate_peptide_omega.PDB_ins_code_1   ? 
_pdbx_validate_peptide_omega.label_alt_id_1   ? 
_pdbx_validate_peptide_omega.auth_comp_id_2   SER 
_pdbx_validate_peptide_omega.auth_asym_id_2   A 
_pdbx_validate_peptide_omega.auth_seq_id_2    38 
_pdbx_validate_peptide_omega.PDB_ins_code_2   ? 
_pdbx_validate_peptide_omega.label_alt_id_2   ? 
_pdbx_validate_peptide_omega.omega            146.58 
# 
loop_
_pdbx_unobs_or_zero_occ_atoms.id 
_pdbx_unobs_or_zero_occ_atoms.PDB_model_num 
_pdbx_unobs_or_zero_occ_atoms.polymer_flag 
_pdbx_unobs_or_zero_occ_atoms.occupancy_flag 
_pdbx_unobs_or_zero_occ_atoms.auth_asym_id 
_pdbx_unobs_or_zero_occ_atoms.auth_comp_id 
_pdbx_unobs_or_zero_occ_atoms.auth_seq_id 
_pdbx_unobs_or_zero_occ_atoms.PDB_ins_code 
_pdbx_unobs_or_zero_occ_atoms.auth_atom_id 
_pdbx_unobs_or_zero_occ_atoms.label_alt_id 
_pdbx_unobs_or_zero_occ_atoms.label_asym_id 
_pdbx_unobs_or_zero_occ_atoms.label_comp_id 
_pdbx_unobs_or_zero_occ_atoms.label_seq_id 
_pdbx_unobs_or_zero_occ_atoms.label_atom_id 
1  1 N 1 A 12P 164 ? O13 ? B 12P 1 O13 
2  1 N 1 A 12P 164 ? C12 ? B 12P 1 C12 
3  1 N 1 A 12P 164 ? C11 ? B 12P 1 C11 
4  1 N 1 A 12P 164 ? O10 ? B 12P 1 O10 
5  1 N 1 A 12P 164 ? C9  ? B 12P 1 C9  
6  1 N 1 A 12P 164 ? C8  ? B 12P 1 C8  
7  1 N 1 A 12P 164 ? O7  ? B 12P 1 O7  
8  1 N 1 A 12P 164 ? C6  ? B 12P 1 C6  
9  1 N 1 A 12P 164 ? C5  ? B 12P 1 C5  
10 1 N 1 A 12P 164 ? O4  ? B 12P 1 O4  
11 1 N 1 A 12P 164 ? C3  ? B 12P 1 C3  
12 1 N 1 A 12P 164 ? C2  ? B 12P 1 C2  
13 1 N 1 A 12P 164 ? O1  ? B 12P 1 O1  
# 
loop_
_pdbx_unobs_or_zero_occ_residues.id 
_pdbx_unobs_or_zero_occ_residues.PDB_model_num 
_pdbx_unobs_or_zero_occ_residues.polymer_flag 
_pdbx_unobs_or_zero_occ_residues.occupancy_flag 
_pdbx_unobs_or_zero_occ_residues.auth_asym_id 
_pdbx_unobs_or_zero_occ_residues.auth_comp_id 
_pdbx_unobs_or_zero_occ_residues.auth_seq_id 
_pdbx_unobs_or_zero_occ_residues.PDB_ins_code 
_pdbx_unobs_or_zero_occ_residues.label_asym_id 
_pdbx_unobs_or_zero_occ_residues.label_comp_id 
_pdbx_unobs_or_zero_occ_residues.label_seq_id 
1  1 Y 1 A GLY -3 ? A GLY 1  
2  1 Y 1 A SER -2 ? A SER 2  
3  1 Y 1 A HIS -1 ? A HIS 3  
4  1 Y 1 A GLY 0  ? A GLY 4  
5  1 Y 1 A MET 1  ? A MET 5  
6  1 Y 1 A ALA 2  ? A ALA 6  
7  1 Y 1 A ASP 3  ? A ASP 7  
8  1 Y 1 A GLU 4  ? A GLU 8  
9  1 Y 1 A GLU 5  ? A GLU 9  
10 1 Y 1 A LYS 6  ? A LYS 10 
11 1 Y 1 A GLY 39 ? A GLY 43 
12 1 Y 1 A ASN 40 ? A ASN 44 
13 1 Y 1 A SER 41 ? A SER 45 
14 1 Y 1 A SER 42 ? A SER 46 
15 1 Y 1 A SER 43 ? A SER 47 
16 1 Y 1 A GLY 44 ? A GLY 48 
17 1 Y 1 A GLY 45 ? A GLY 49 
18 1 Y 1 A LYS 46 ? A LYS 50 
19 1 Y 1 A ASN 47 ? A ASN 51 
20 1 Y 1 A GLY 48 ? A GLY 52 
21 1 Y 1 A GLN 49 ? A GLN 53 
22 1 Y 1 A GLY 50 ? A GLY 54 
# 
loop_
_chem_comp_atom.comp_id 
_chem_comp_atom.atom_id 
_chem_comp_atom.type_symbol 
_chem_comp_atom.pdbx_aromatic_flag 
_chem_comp_atom.pdbx_stereo_config 
_chem_comp_atom.pdbx_ordinal 
12P O37  O N N 1   
12P C36  C N N 2   
12P C35  C N N 3   
12P O34  O N N 4   
12P C33  C N N 5   
12P C32  C N N 6   
12P O31  O N N 7   
12P C30  C N N 8   
12P C29  C N N 9   
12P O28  O N N 10  
12P C27  C N N 11  
12P C26  C N N 12  
12P O25  O N N 13  
12P C24  C N N 14  
12P C23  C N N 15  
12P O22  O N N 16  
12P C21  C N N 17  
12P C20  C N N 18  
12P O19  O N N 19  
12P C18  C N N 20  
12P C17  C N N 21  
12P O16  O N N 22  
12P C15  C N N 23  
12P C14  C N N 24  
12P O13  O N N 25  
12P C12  C N N 26  
12P C11  C N N 27  
12P O10  O N N 28  
12P C9   C N N 29  
12P C8   C N N 30  
12P O7   O N N 31  
12P C6   C N N 32  
12P C5   C N N 33  
12P O4   O N N 34  
12P C3   C N N 35  
12P C2   C N N 36  
12P O1   O N N 37  
12P H37  H N N 38  
12P H361 H N N 39  
12P H362 H N N 40  
12P H351 H N N 41  
12P H352 H N N 42  
12P H331 H N N 43  
12P H332 H N N 44  
12P H321 H N N 45  
12P H322 H N N 46  
12P H301 H N N 47  
12P H302 H N N 48  
12P H291 H N N 49  
12P H292 H N N 50  
12P H271 H N N 51  
12P H272 H N N 52  
12P H261 H N N 53  
12P H262 H N N 54  
12P H241 H N N 55  
12P H242 H N N 56  
12P H231 H N N 57  
12P H232 H N N 58  
12P H211 H N N 59  
12P H212 H N N 60  
12P H201 H N N 61  
12P H202 H N N 62  
12P H181 H N N 63  
12P H182 H N N 64  
12P H171 H N N 65  
12P H172 H N N 66  
12P H151 H N N 67  
12P H152 H N N 68  
12P H141 H N N 69  
12P H142 H N N 70  
12P H121 H N N 71  
12P H122 H N N 72  
12P H111 H N N 73  
12P H112 H N N 74  
12P H91  H N N 75  
12P H92  H N N 76  
12P H81  H N N 77  
12P H82  H N N 78  
12P H61  H N N 79  
12P H62  H N N 80  
12P H51  H N N 81  
12P H52  H N N 82  
12P H31  H N N 83  
12P H32  H N N 84  
12P H21  H N N 85  
12P H22  H N N 86  
12P HO1  H N N 87  
4DH C1   C Y N 88  
4DH C2   C Y N 89  
4DH C3   C Y N 90  
4DH C4   C Y N 91  
4DH N5   N Y N 92  
4DH C6   C Y N 93  
4DH C7   C Y N 94  
4DH N8   N Y N 95  
4DH C9   C Y N 96  
4DH C10  C N N 97  
4DH C11  C N R 98  
4DH C12  C N N 99  
4DH O13  O N N 100 
4DH O14  O N N 101 
4DH N15  N N N 102 
4DH C16  C N N 103 
4DH C17  C Y N 104 
4DH O18  O N N 105 
4DH N19  N Y N 106 
4DH N20  N Y N 107 
4DH C21  C Y N 108 
4DH C22  C Y N 109 
4DH C23  C N N 110 
4DH C24  C Y N 111 
4DH C25  C Y N 112 
4DH C26  C Y N 113 
4DH C27  C Y N 114 
4DH C28  C Y N 115 
4DH C29  C Y N 116 
4DH H1   H N N 117 
4DH H2   H N N 118 
4DH H3   H N N 119 
4DH H4   H N N 120 
4DH H10  H N N 121 
4DH H10A H N N 122 
4DH H11  H N N 123 
4DH HO14 H N N 124 
4DH HN15 H N N 125 
4DH H22  H N N 126 
4DH H23  H N N 127 
4DH H23A H N N 128 
4DH H23B H N N 129 
4DH H25  H N N 130 
4DH H26  H N N 131 
4DH H27  H N N 132 
4DH H28  H N N 133 
4DH H29  H N N 134 
4DH HN5  H N N 135 
ALA N    N N N 136 
ALA CA   C N S 137 
ALA C    C N N 138 
ALA O    O N N 139 
ALA CB   C N N 140 
ALA OXT  O N N 141 
ALA H    H N N 142 
ALA H2   H N N 143 
ALA HA   H N N 144 
ALA HB1  H N N 145 
ALA HB2  H N N 146 
ALA HB3  H N N 147 
ALA HXT  H N N 148 
ARG N    N N N 149 
ARG CA   C N S 150 
ARG C    C N N 151 
ARG O    O N N 152 
ARG CB   C N N 153 
ARG CG   C N N 154 
ARG CD   C N N 155 
ARG NE   N N N 156 
ARG CZ   C N N 157 
ARG NH1  N N N 158 
ARG NH2  N N N 159 
ARG OXT  O N N 160 
ARG H    H N N 161 
ARG H2   H N N 162 
ARG HA   H N N 163 
ARG HB2  H N N 164 
ARG HB3  H N N 165 
ARG HG2  H N N 166 
ARG HG3  H N N 167 
ARG HD2  H N N 168 
ARG HD3  H N N 169 
ARG HE   H N N 170 
ARG HH11 H N N 171 
ARG HH12 H N N 172 
ARG HH21 H N N 173 
ARG HH22 H N N 174 
ARG HXT  H N N 175 
ASN N    N N N 176 
ASN CA   C N S 177 
ASN C    C N N 178 
ASN O    O N N 179 
ASN CB   C N N 180 
ASN CG   C N N 181 
ASN OD1  O N N 182 
ASN ND2  N N N 183 
ASN OXT  O N N 184 
ASN H    H N N 185 
ASN H2   H N N 186 
ASN HA   H N N 187 
ASN HB2  H N N 188 
ASN HB3  H N N 189 
ASN HD21 H N N 190 
ASN HD22 H N N 191 
ASN HXT  H N N 192 
ASP N    N N N 193 
ASP CA   C N S 194 
ASP C    C N N 195 
ASP O    O N N 196 
ASP CB   C N N 197 
ASP CG   C N N 198 
ASP OD1  O N N 199 
ASP OD2  O N N 200 
ASP OXT  O N N 201 
ASP H    H N N 202 
ASP H2   H N N 203 
ASP HA   H N N 204 
ASP HB2  H N N 205 
ASP HB3  H N N 206 
ASP HD2  H N N 207 
ASP HXT  H N N 208 
CYS N    N N N 209 
CYS CA   C N R 210 
CYS C    C N N 211 
CYS O    O N N 212 
CYS CB   C N N 213 
CYS SG   S N N 214 
CYS OXT  O N N 215 
CYS H    H N N 216 
CYS H2   H N N 217 
CYS HA   H N N 218 
CYS HB2  H N N 219 
CYS HB3  H N N 220 
CYS HG   H N N 221 
CYS HXT  H N N 222 
GLN N    N N N 223 
GLN CA   C N S 224 
GLN C    C N N 225 
GLN O    O N N 226 
GLN CB   C N N 227 
GLN CG   C N N 228 
GLN CD   C N N 229 
GLN OE1  O N N 230 
GLN NE2  N N N 231 
GLN OXT  O N N 232 
GLN H    H N N 233 
GLN H2   H N N 234 
GLN HA   H N N 235 
GLN HB2  H N N 236 
GLN HB3  H N N 237 
GLN HG2  H N N 238 
GLN HG3  H N N 239 
GLN HE21 H N N 240 
GLN HE22 H N N 241 
GLN HXT  H N N 242 
GLU N    N N N 243 
GLU CA   C N S 244 
GLU C    C N N 245 
GLU O    O N N 246 
GLU CB   C N N 247 
GLU CG   C N N 248 
GLU CD   C N N 249 
GLU OE1  O N N 250 
GLU OE2  O N N 251 
GLU OXT  O N N 252 
GLU H    H N N 253 
GLU H2   H N N 254 
GLU HA   H N N 255 
GLU HB2  H N N 256 
GLU HB3  H N N 257 
GLU HG2  H N N 258 
GLU HG3  H N N 259 
GLU HE2  H N N 260 
GLU HXT  H N N 261 
GLY N    N N N 262 
GLY CA   C N N 263 
GLY C    C N N 264 
GLY O    O N N 265 
GLY OXT  O N N 266 
GLY H    H N N 267 
GLY H2   H N N 268 
GLY HA2  H N N 269 
GLY HA3  H N N 270 
GLY HXT  H N N 271 
HIS N    N N N 272 
HIS CA   C N S 273 
HIS C    C N N 274 
HIS O    O N N 275 
HIS CB   C N N 276 
HIS CG   C Y N 277 
HIS ND1  N Y N 278 
HIS CD2  C Y N 279 
HIS CE1  C Y N 280 
HIS NE2  N Y N 281 
HIS OXT  O N N 282 
HIS H    H N N 283 
HIS H2   H N N 284 
HIS HA   H N N 285 
HIS HB2  H N N 286 
HIS HB3  H N N 287 
HIS HD1  H N N 288 
HIS HD2  H N N 289 
HIS HE1  H N N 290 
HIS HE2  H N N 291 
HIS HXT  H N N 292 
HOH O    O N N 293 
HOH H1   H N N 294 
HOH H2   H N N 295 
ILE N    N N N 296 
ILE CA   C N S 297 
ILE C    C N N 298 
ILE O    O N N 299 
ILE CB   C N S 300 
ILE CG1  C N N 301 
ILE CG2  C N N 302 
ILE CD1  C N N 303 
ILE OXT  O N N 304 
ILE H    H N N 305 
ILE H2   H N N 306 
ILE HA   H N N 307 
ILE HB   H N N 308 
ILE HG12 H N N 309 
ILE HG13 H N N 310 
ILE HG21 H N N 311 
ILE HG22 H N N 312 
ILE HG23 H N N 313 
ILE HD11 H N N 314 
ILE HD12 H N N 315 
ILE HD13 H N N 316 
ILE HXT  H N N 317 
LEU N    N N N 318 
LEU CA   C N S 319 
LEU C    C N N 320 
LEU O    O N N 321 
LEU CB   C N N 322 
LEU CG   C N N 323 
LEU CD1  C N N 324 
LEU CD2  C N N 325 
LEU OXT  O N N 326 
LEU H    H N N 327 
LEU H2   H N N 328 
LEU HA   H N N 329 
LEU HB2  H N N 330 
LEU HB3  H N N 331 
LEU HG   H N N 332 
LEU HD11 H N N 333 
LEU HD12 H N N 334 
LEU HD13 H N N 335 
LEU HD21 H N N 336 
LEU HD22 H N N 337 
LEU HD23 H N N 338 
LEU HXT  H N N 339 
LYS N    N N N 340 
LYS CA   C N S 341 
LYS C    C N N 342 
LYS O    O N N 343 
LYS CB   C N N 344 
LYS CG   C N N 345 
LYS CD   C N N 346 
LYS CE   C N N 347 
LYS NZ   N N N 348 
LYS OXT  O N N 349 
LYS H    H N N 350 
LYS H2   H N N 351 
LYS HA   H N N 352 
LYS HB2  H N N 353 
LYS HB3  H N N 354 
LYS HG2  H N N 355 
LYS HG3  H N N 356 
LYS HD2  H N N 357 
LYS HD3  H N N 358 
LYS HE2  H N N 359 
LYS HE3  H N N 360 
LYS HZ1  H N N 361 
LYS HZ2  H N N 362 
LYS HZ3  H N N 363 
LYS HXT  H N N 364 
MET N    N N N 365 
MET CA   C N S 366 
MET C    C N N 367 
MET O    O N N 368 
MET CB   C N N 369 
MET CG   C N N 370 
MET SD   S N N 371 
MET CE   C N N 372 
MET OXT  O N N 373 
MET H    H N N 374 
MET H2   H N N 375 
MET HA   H N N 376 
MET HB2  H N N 377 
MET HB3  H N N 378 
MET HG2  H N N 379 
MET HG3  H N N 380 
MET HE1  H N N 381 
MET HE2  H N N 382 
MET HE3  H N N 383 
MET HXT  H N N 384 
PHE N    N N N 385 
PHE CA   C N S 386 
PHE C    C N N 387 
PHE O    O N N 388 
PHE CB   C N N 389 
PHE CG   C Y N 390 
PHE CD1  C Y N 391 
PHE CD2  C Y N 392 
PHE CE1  C Y N 393 
PHE CE2  C Y N 394 
PHE CZ   C Y N 395 
PHE OXT  O N N 396 
PHE H    H N N 397 
PHE H2   H N N 398 
PHE HA   H N N 399 
PHE HB2  H N N 400 
PHE HB3  H N N 401 
PHE HD1  H N N 402 
PHE HD2  H N N 403 
PHE HE1  H N N 404 
PHE HE2  H N N 405 
PHE HZ   H N N 406 
PHE HXT  H N N 407 
PRO N    N N N 408 
PRO CA   C N S 409 
PRO C    C N N 410 
PRO O    O N N 411 
PRO CB   C N N 412 
PRO CG   C N N 413 
PRO CD   C N N 414 
PRO OXT  O N N 415 
PRO H    H N N 416 
PRO HA   H N N 417 
PRO HB2  H N N 418 
PRO HB3  H N N 419 
PRO HG2  H N N 420 
PRO HG3  H N N 421 
PRO HD2  H N N 422 
PRO HD3  H N N 423 
PRO HXT  H N N 424 
SER N    N N N 425 
SER CA   C N S 426 
SER C    C N N 427 
SER O    O N N 428 
SER CB   C N N 429 
SER OG   O N N 430 
SER OXT  O N N 431 
SER H    H N N 432 
SER H2   H N N 433 
SER HA   H N N 434 
SER HB2  H N N 435 
SER HB3  H N N 436 
SER HG   H N N 437 
SER HXT  H N N 438 
THR N    N N N 439 
THR CA   C N S 440 
THR C    C N N 441 
THR O    O N N 442 
THR CB   C N R 443 
THR OG1  O N N 444 
THR CG2  C N N 445 
THR OXT  O N N 446 
THR H    H N N 447 
THR H2   H N N 448 
THR HA   H N N 449 
THR HB   H N N 450 
THR HG1  H N N 451 
THR HG21 H N N 452 
THR HG22 H N N 453 
THR HG23 H N N 454 
THR HXT  H N N 455 
TRP N    N N N 456 
TRP CA   C N S 457 
TRP C    C N N 458 
TRP O    O N N 459 
TRP CB   C N N 460 
TRP CG   C Y N 461 
TRP CD1  C Y N 462 
TRP CD2  C Y N 463 
TRP NE1  N Y N 464 
TRP CE2  C Y N 465 
TRP CE3  C Y N 466 
TRP CZ2  C Y N 467 
TRP CZ3  C Y N 468 
TRP CH2  C Y N 469 
TRP OXT  O N N 470 
TRP H    H N N 471 
TRP H2   H N N 472 
TRP HA   H N N 473 
TRP HB2  H N N 474 
TRP HB3  H N N 475 
TRP HD1  H N N 476 
TRP HE1  H N N 477 
TRP HE3  H N N 478 
TRP HZ2  H N N 479 
TRP HZ3  H N N 480 
TRP HH2  H N N 481 
TRP HXT  H N N 482 
TYR N    N N N 483 
TYR CA   C N S 484 
TYR C    C N N 485 
TYR O    O N N 486 
TYR CB   C N N 487 
TYR CG   C Y N 488 
TYR CD1  C Y N 489 
TYR CD2  C Y N 490 
TYR CE1  C Y N 491 
TYR CE2  C Y N 492 
TYR CZ   C Y N 493 
TYR OH   O N N 494 
TYR OXT  O N N 495 
TYR H    H N N 496 
TYR H2   H N N 497 
TYR HA   H N N 498 
TYR HB2  H N N 499 
TYR HB3  H N N 500 
TYR HD1  H N N 501 
TYR HD2  H N N 502 
TYR HE1  H N N 503 
TYR HE2  H N N 504 
TYR HH   H N N 505 
TYR HXT  H N N 506 
VAL N    N N N 507 
VAL CA   C N S 508 
VAL C    C N N 509 
VAL O    O N N 510 
VAL CB   C N N 511 
VAL CG1  C N N 512 
VAL CG2  C N N 513 
VAL OXT  O N N 514 
VAL H    H N N 515 
VAL H2   H N N 516 
VAL HA   H N N 517 
VAL HB   H N N 518 
VAL HG11 H N N 519 
VAL HG12 H N N 520 
VAL HG13 H N N 521 
VAL HG21 H N N 522 
VAL HG22 H N N 523 
VAL HG23 H N N 524 
VAL HXT  H N N 525 
# 
loop_
_chem_comp_bond.comp_id 
_chem_comp_bond.atom_id_1 
_chem_comp_bond.atom_id_2 
_chem_comp_bond.value_order 
_chem_comp_bond.pdbx_aromatic_flag 
_chem_comp_bond.pdbx_stereo_config 
_chem_comp_bond.pdbx_ordinal 
12P O37 C36  sing N N 1   
12P O37 H37  sing N N 2   
12P C36 C35  sing N N 3   
12P C36 H361 sing N N 4   
12P C36 H362 sing N N 5   
12P C35 O34  sing N N 6   
12P C35 H351 sing N N 7   
12P C35 H352 sing N N 8   
12P O34 C33  sing N N 9   
12P C33 C32  sing N N 10  
12P C33 H331 sing N N 11  
12P C33 H332 sing N N 12  
12P C32 O31  sing N N 13  
12P C32 H321 sing N N 14  
12P C32 H322 sing N N 15  
12P O31 C30  sing N N 16  
12P C30 C29  sing N N 17  
12P C30 H301 sing N N 18  
12P C30 H302 sing N N 19  
12P C29 O28  sing N N 20  
12P C29 H291 sing N N 21  
12P C29 H292 sing N N 22  
12P O28 C27  sing N N 23  
12P C27 C26  sing N N 24  
12P C27 H271 sing N N 25  
12P C27 H272 sing N N 26  
12P C26 O25  sing N N 27  
12P C26 H261 sing N N 28  
12P C26 H262 sing N N 29  
12P O25 C24  sing N N 30  
12P C24 C23  sing N N 31  
12P C24 H241 sing N N 32  
12P C24 H242 sing N N 33  
12P C23 O22  sing N N 34  
12P C23 H231 sing N N 35  
12P C23 H232 sing N N 36  
12P O22 C21  sing N N 37  
12P C21 C20  sing N N 38  
12P C21 H211 sing N N 39  
12P C21 H212 sing N N 40  
12P C20 O19  sing N N 41  
12P C20 H201 sing N N 42  
12P C20 H202 sing N N 43  
12P O19 C18  sing N N 44  
12P C18 C17  sing N N 45  
12P C18 H181 sing N N 46  
12P C18 H182 sing N N 47  
12P C17 O16  sing N N 48  
12P C17 H171 sing N N 49  
12P C17 H172 sing N N 50  
12P O16 C15  sing N N 51  
12P C15 C14  sing N N 52  
12P C15 H151 sing N N 53  
12P C15 H152 sing N N 54  
12P C14 O13  sing N N 55  
12P C14 H141 sing N N 56  
12P C14 H142 sing N N 57  
12P O13 C12  sing N N 58  
12P C12 C11  sing N N 59  
12P C12 H121 sing N N 60  
12P C12 H122 sing N N 61  
12P C11 O10  sing N N 62  
12P C11 H111 sing N N 63  
12P C11 H112 sing N N 64  
12P O10 C9   sing N N 65  
12P C9  C8   sing N N 66  
12P C9  H91  sing N N 67  
12P C9  H92  sing N N 68  
12P C8  O7   sing N N 69  
12P C8  H81  sing N N 70  
12P C8  H82  sing N N 71  
12P O7  C6   sing N N 72  
12P C6  C5   sing N N 73  
12P C6  H61  sing N N 74  
12P C6  H62  sing N N 75  
12P C5  O4   sing N N 76  
12P C5  H51  sing N N 77  
12P C5  H52  sing N N 78  
12P O4  C3   sing N N 79  
12P C3  C2   sing N N 80  
12P C3  H31  sing N N 81  
12P C3  H32  sing N N 82  
12P C2  O1   sing N N 83  
12P C2  H21  sing N N 84  
12P C2  H22  sing N N 85  
12P O1  HO1  sing N N 86  
4DH C4  C1   doub Y N 87  
4DH C1  C2   sing Y N 88  
4DH C1  H1   sing N N 89  
4DH C2  C3   doub Y N 90  
4DH C2  H2   sing N N 91  
4DH C7  C3   sing Y N 92  
4DH C3  H3   sing N N 93  
4DH C4  C6   sing Y N 94  
4DH C4  H4   sing N N 95  
4DH N5  C9   sing Y N 96  
4DH N5  C6   sing Y N 97  
4DH C6  C7   doub Y N 98  
4DH N8  C7   sing Y N 99  
4DH C9  N8   doub Y N 100 
4DH C10 C9   sing N N 101 
4DH C11 C10  sing N N 102 
4DH C10 H10  sing N N 103 
4DH C10 H10A sing N N 104 
4DH N15 C11  sing N N 105 
4DH C12 C11  sing N N 106 
4DH C11 H11  sing N N 107 
4DH O13 C12  doub N N 108 
4DH C12 O14  sing N N 109 
4DH O14 HO14 sing N N 110 
4DH C16 N15  sing N N 111 
4DH N15 HN15 sing N N 112 
4DH C17 C16  sing N N 113 
4DH C16 O18  doub N N 114 
4DH C22 C17  doub Y N 115 
4DH N19 C17  sing Y N 116 
4DH N20 N19  sing Y N 117 
4DH N19 C23  sing N N 118 
4DH C21 N20  doub Y N 119 
4DH C24 C21  sing Y N 120 
4DH C21 C22  sing Y N 121 
4DH C22 H22  sing N N 122 
4DH C23 H23  sing N N 123 
4DH C23 H23A sing N N 124 
4DH C23 H23B sing N N 125 
4DH C25 C24  doub Y N 126 
4DH C29 C24  sing Y N 127 
4DH C26 C25  sing Y N 128 
4DH C25 H25  sing N N 129 
4DH C27 C26  doub Y N 130 
4DH C26 H26  sing N N 131 
4DH C27 C28  sing Y N 132 
4DH C27 H27  sing N N 133 
4DH C28 C29  doub Y N 134 
4DH C28 H28  sing N N 135 
4DH C29 H29  sing N N 136 
4DH N5  HN5  sing N N 137 
ALA N   CA   sing N N 138 
ALA N   H    sing N N 139 
ALA N   H2   sing N N 140 
ALA CA  C    sing N N 141 
ALA CA  CB   sing N N 142 
ALA CA  HA   sing N N 143 
ALA C   O    doub N N 144 
ALA C   OXT  sing N N 145 
ALA CB  HB1  sing N N 146 
ALA CB  HB2  sing N N 147 
ALA CB  HB3  sing N N 148 
ALA OXT HXT  sing N N 149 
ARG N   CA   sing N N 150 
ARG N   H    sing N N 151 
ARG N   H2   sing N N 152 
ARG CA  C    sing N N 153 
ARG CA  CB   sing N N 154 
ARG CA  HA   sing N N 155 
ARG C   O    doub N N 156 
ARG C   OXT  sing N N 157 
ARG CB  CG   sing N N 158 
ARG CB  HB2  sing N N 159 
ARG CB  HB3  sing N N 160 
ARG CG  CD   sing N N 161 
ARG CG  HG2  sing N N 162 
ARG CG  HG3  sing N N 163 
ARG CD  NE   sing N N 164 
ARG CD  HD2  sing N N 165 
ARG CD  HD3  sing N N 166 
ARG NE  CZ   sing N N 167 
ARG NE  HE   sing N N 168 
ARG CZ  NH1  sing N N 169 
ARG CZ  NH2  doub N N 170 
ARG NH1 HH11 sing N N 171 
ARG NH1 HH12 sing N N 172 
ARG NH2 HH21 sing N N 173 
ARG NH2 HH22 sing N N 174 
ARG OXT HXT  sing N N 175 
ASN N   CA   sing N N 176 
ASN N   H    sing N N 177 
ASN N   H2   sing N N 178 
ASN CA  C    sing N N 179 
ASN CA  CB   sing N N 180 
ASN CA  HA   sing N N 181 
ASN C   O    doub N N 182 
ASN C   OXT  sing N N 183 
ASN CB  CG   sing N N 184 
ASN CB  HB2  sing N N 185 
ASN CB  HB3  sing N N 186 
ASN CG  OD1  doub N N 187 
ASN CG  ND2  sing N N 188 
ASN ND2 HD21 sing N N 189 
ASN ND2 HD22 sing N N 190 
ASN OXT HXT  sing N N 191 
ASP N   CA   sing N N 192 
ASP N   H    sing N N 193 
ASP N   H2   sing N N 194 
ASP CA  C    sing N N 195 
ASP CA  CB   sing N N 196 
ASP CA  HA   sing N N 197 
ASP C   O    doub N N 198 
ASP C   OXT  sing N N 199 
ASP CB  CG   sing N N 200 
ASP CB  HB2  sing N N 201 
ASP CB  HB3  sing N N 202 
ASP CG  OD1  doub N N 203 
ASP CG  OD2  sing N N 204 
ASP OD2 HD2  sing N N 205 
ASP OXT HXT  sing N N 206 
CYS N   CA   sing N N 207 
CYS N   H    sing N N 208 
CYS N   H2   sing N N 209 
CYS CA  C    sing N N 210 
CYS CA  CB   sing N N 211 
CYS CA  HA   sing N N 212 
CYS C   O    doub N N 213 
CYS C   OXT  sing N N 214 
CYS CB  SG   sing N N 215 
CYS CB  HB2  sing N N 216 
CYS CB  HB3  sing N N 217 
CYS SG  HG   sing N N 218 
CYS OXT HXT  sing N N 219 
GLN N   CA   sing N N 220 
GLN N   H    sing N N 221 
GLN N   H2   sing N N 222 
GLN CA  C    sing N N 223 
GLN CA  CB   sing N N 224 
GLN CA  HA   sing N N 225 
GLN C   O    doub N N 226 
GLN C   OXT  sing N N 227 
GLN CB  CG   sing N N 228 
GLN CB  HB2  sing N N 229 
GLN CB  HB3  sing N N 230 
GLN CG  CD   sing N N 231 
GLN CG  HG2  sing N N 232 
GLN CG  HG3  sing N N 233 
GLN CD  OE1  doub N N 234 
GLN CD  NE2  sing N N 235 
GLN NE2 HE21 sing N N 236 
GLN NE2 HE22 sing N N 237 
GLN OXT HXT  sing N N 238 
GLU N   CA   sing N N 239 
GLU N   H    sing N N 240 
GLU N   H2   sing N N 241 
GLU CA  C    sing N N 242 
GLU CA  CB   sing N N 243 
GLU CA  HA   sing N N 244 
GLU C   O    doub N N 245 
GLU C   OXT  sing N N 246 
GLU CB  CG   sing N N 247 
GLU CB  HB2  sing N N 248 
GLU CB  HB3  sing N N 249 
GLU CG  CD   sing N N 250 
GLU CG  HG2  sing N N 251 
GLU CG  HG3  sing N N 252 
GLU CD  OE1  doub N N 253 
GLU CD  OE2  sing N N 254 
GLU OE2 HE2  sing N N 255 
GLU OXT HXT  sing N N 256 
GLY N   CA   sing N N 257 
GLY N   H    sing N N 258 
GLY N   H2   sing N N 259 
GLY CA  C    sing N N 260 
GLY CA  HA2  sing N N 261 
GLY CA  HA3  sing N N 262 
GLY C   O    doub N N 263 
GLY C   OXT  sing N N 264 
GLY OXT HXT  sing N N 265 
HIS N   CA   sing N N 266 
HIS N   H    sing N N 267 
HIS N   H2   sing N N 268 
HIS CA  C    sing N N 269 
HIS CA  CB   sing N N 270 
HIS CA  HA   sing N N 271 
HIS C   O    doub N N 272 
HIS C   OXT  sing N N 273 
HIS CB  CG   sing N N 274 
HIS CB  HB2  sing N N 275 
HIS CB  HB3  sing N N 276 
HIS CG  ND1  sing Y N 277 
HIS CG  CD2  doub Y N 278 
HIS ND1 CE1  doub Y N 279 
HIS ND1 HD1  sing N N 280 
HIS CD2 NE2  sing Y N 281 
HIS CD2 HD2  sing N N 282 
HIS CE1 NE2  sing Y N 283 
HIS CE1 HE1  sing N N 284 
HIS NE2 HE2  sing N N 285 
HIS OXT HXT  sing N N 286 
HOH O   H1   sing N N 287 
HOH O   H2   sing N N 288 
ILE N   CA   sing N N 289 
ILE N   H    sing N N 290 
ILE N   H2   sing N N 291 
ILE CA  C    sing N N 292 
ILE CA  CB   sing N N 293 
ILE CA  HA   sing N N 294 
ILE C   O    doub N N 295 
ILE C   OXT  sing N N 296 
ILE CB  CG1  sing N N 297 
ILE CB  CG2  sing N N 298 
ILE CB  HB   sing N N 299 
ILE CG1 CD1  sing N N 300 
ILE CG1 HG12 sing N N 301 
ILE CG1 HG13 sing N N 302 
ILE CG2 HG21 sing N N 303 
ILE CG2 HG22 sing N N 304 
ILE CG2 HG23 sing N N 305 
ILE CD1 HD11 sing N N 306 
ILE CD1 HD12 sing N N 307 
ILE CD1 HD13 sing N N 308 
ILE OXT HXT  sing N N 309 
LEU N   CA   sing N N 310 
LEU N   H    sing N N 311 
LEU N   H2   sing N N 312 
LEU CA  C    sing N N 313 
LEU CA  CB   sing N N 314 
LEU CA  HA   sing N N 315 
LEU C   O    doub N N 316 
LEU C   OXT  sing N N 317 
LEU CB  CG   sing N N 318 
LEU CB  HB2  sing N N 319 
LEU CB  HB3  sing N N 320 
LEU CG  CD1  sing N N 321 
LEU CG  CD2  sing N N 322 
LEU CG  HG   sing N N 323 
LEU CD1 HD11 sing N N 324 
LEU CD1 HD12 sing N N 325 
LEU CD1 HD13 sing N N 326 
LEU CD2 HD21 sing N N 327 
LEU CD2 HD22 sing N N 328 
LEU CD2 HD23 sing N N 329 
LEU OXT HXT  sing N N 330 
LYS N   CA   sing N N 331 
LYS N   H    sing N N 332 
LYS N   H2   sing N N 333 
LYS CA  C    sing N N 334 
LYS CA  CB   sing N N 335 
LYS CA  HA   sing N N 336 
LYS C   O    doub N N 337 
LYS C   OXT  sing N N 338 
LYS CB  CG   sing N N 339 
LYS CB  HB2  sing N N 340 
LYS CB  HB3  sing N N 341 
LYS CG  CD   sing N N 342 
LYS CG  HG2  sing N N 343 
LYS CG  HG3  sing N N 344 
LYS CD  CE   sing N N 345 
LYS CD  HD2  sing N N 346 
LYS CD  HD3  sing N N 347 
LYS CE  NZ   sing N N 348 
LYS CE  HE2  sing N N 349 
LYS CE  HE3  sing N N 350 
LYS NZ  HZ1  sing N N 351 
LYS NZ  HZ2  sing N N 352 
LYS NZ  HZ3  sing N N 353 
LYS OXT HXT  sing N N 354 
MET N   CA   sing N N 355 
MET N   H    sing N N 356 
MET N   H2   sing N N 357 
MET CA  C    sing N N 358 
MET CA  CB   sing N N 359 
MET CA  HA   sing N N 360 
MET C   O    doub N N 361 
MET C   OXT  sing N N 362 
MET CB  CG   sing N N 363 
MET CB  HB2  sing N N 364 
MET CB  HB3  sing N N 365 
MET CG  SD   sing N N 366 
MET CG  HG2  sing N N 367 
MET CG  HG3  sing N N 368 
MET SD  CE   sing N N 369 
MET CE  HE1  sing N N 370 
MET CE  HE2  sing N N 371 
MET CE  HE3  sing N N 372 
MET OXT HXT  sing N N 373 
PHE N   CA   sing N N 374 
PHE N   H    sing N N 375 
PHE N   H2   sing N N 376 
PHE CA  C    sing N N 377 
PHE CA  CB   sing N N 378 
PHE CA  HA   sing N N 379 
PHE C   O    doub N N 380 
PHE C   OXT  sing N N 381 
PHE CB  CG   sing N N 382 
PHE CB  HB2  sing N N 383 
PHE CB  HB3  sing N N 384 
PHE CG  CD1  doub Y N 385 
PHE CG  CD2  sing Y N 386 
PHE CD1 CE1  sing Y N 387 
PHE CD1 HD1  sing N N 388 
PHE CD2 CE2  doub Y N 389 
PHE CD2 HD2  sing N N 390 
PHE CE1 CZ   doub Y N 391 
PHE CE1 HE1  sing N N 392 
PHE CE2 CZ   sing Y N 393 
PHE CE2 HE2  sing N N 394 
PHE CZ  HZ   sing N N 395 
PHE OXT HXT  sing N N 396 
PRO N   CA   sing N N 397 
PRO N   CD   sing N N 398 
PRO N   H    sing N N 399 
PRO CA  C    sing N N 400 
PRO CA  CB   sing N N 401 
PRO CA  HA   sing N N 402 
PRO C   O    doub N N 403 
PRO C   OXT  sing N N 404 
PRO CB  CG   sing N N 405 
PRO CB  HB2  sing N N 406 
PRO CB  HB3  sing N N 407 
PRO CG  CD   sing N N 408 
PRO CG  HG2  sing N N 409 
PRO CG  HG3  sing N N 410 
PRO CD  HD2  sing N N 411 
PRO CD  HD3  sing N N 412 
PRO OXT HXT  sing N N 413 
SER N   CA   sing N N 414 
SER N   H    sing N N 415 
SER N   H2   sing N N 416 
SER CA  C    sing N N 417 
SER CA  CB   sing N N 418 
SER CA  HA   sing N N 419 
SER C   O    doub N N 420 
SER C   OXT  sing N N 421 
SER CB  OG   sing N N 422 
SER CB  HB2  sing N N 423 
SER CB  HB3  sing N N 424 
SER OG  HG   sing N N 425 
SER OXT HXT  sing N N 426 
THR N   CA   sing N N 427 
THR N   H    sing N N 428 
THR N   H2   sing N N 429 
THR CA  C    sing N N 430 
THR CA  CB   sing N N 431 
THR CA  HA   sing N N 432 
THR C   O    doub N N 433 
THR C   OXT  sing N N 434 
THR CB  OG1  sing N N 435 
THR CB  CG2  sing N N 436 
THR CB  HB   sing N N 437 
THR OG1 HG1  sing N N 438 
THR CG2 HG21 sing N N 439 
THR CG2 HG22 sing N N 440 
THR CG2 HG23 sing N N 441 
THR OXT HXT  sing N N 442 
TRP N   CA   sing N N 443 
TRP N   H    sing N N 444 
TRP N   H2   sing N N 445 
TRP CA  C    sing N N 446 
TRP CA  CB   sing N N 447 
TRP CA  HA   sing N N 448 
TRP C   O    doub N N 449 
TRP C   OXT  sing N N 450 
TRP CB  CG   sing N N 451 
TRP CB  HB2  sing N N 452 
TRP CB  HB3  sing N N 453 
TRP CG  CD1  doub Y N 454 
TRP CG  CD2  sing Y N 455 
TRP CD1 NE1  sing Y N 456 
TRP CD1 HD1  sing N N 457 
TRP CD2 CE2  doub Y N 458 
TRP CD2 CE3  sing Y N 459 
TRP NE1 CE2  sing Y N 460 
TRP NE1 HE1  sing N N 461 
TRP CE2 CZ2  sing Y N 462 
TRP CE3 CZ3  doub Y N 463 
TRP CE3 HE3  sing N N 464 
TRP CZ2 CH2  doub Y N 465 
TRP CZ2 HZ2  sing N N 466 
TRP CZ3 CH2  sing Y N 467 
TRP CZ3 HZ3  sing N N 468 
TRP CH2 HH2  sing N N 469 
TRP OXT HXT  sing N N 470 
TYR N   CA   sing N N 471 
TYR N   H    sing N N 472 
TYR N   H2   sing N N 473 
TYR CA  C    sing N N 474 
TYR CA  CB   sing N N 475 
TYR CA  HA   sing N N 476 
TYR C   O    doub N N 477 
TYR C   OXT  sing N N 478 
TYR CB  CG   sing N N 479 
TYR CB  HB2  sing N N 480 
TYR CB  HB3  sing N N 481 
TYR CG  CD1  doub Y N 482 
TYR CG  CD2  sing Y N 483 
TYR CD1 CE1  sing Y N 484 
TYR CD1 HD1  sing N N 485 
TYR CD2 CE2  doub Y N 486 
TYR CD2 HD2  sing N N 487 
TYR CE1 CZ   doub Y N 488 
TYR CE1 HE1  sing N N 489 
TYR CE2 CZ   sing Y N 490 
TYR CE2 HE2  sing N N 491 
TYR CZ  OH   sing N N 492 
TYR OH  HH   sing N N 493 
TYR OXT HXT  sing N N 494 
VAL N   CA   sing N N 495 
VAL N   H    sing N N 496 
VAL N   H2   sing N N 497 
VAL CA  C    sing N N 498 
VAL CA  CB   sing N N 499 
VAL CA  HA   sing N N 500 
VAL C   O    doub N N 501 
VAL C   OXT  sing N N 502 
VAL CB  CG1  sing N N 503 
VAL CB  CG2  sing N N 504 
VAL CB  HB   sing N N 505 
VAL CG1 HG11 sing N N 506 
VAL CG1 HG12 sing N N 507 
VAL CG1 HG13 sing N N 508 
VAL CG2 HG21 sing N N 509 
VAL CG2 HG22 sing N N 510 
VAL CG2 HG23 sing N N 511 
VAL OXT HXT  sing N N 512 
# 
loop_
_pdbx_entity_nonpoly.entity_id 
_pdbx_entity_nonpoly.name 
_pdbx_entity_nonpoly.comp_id 
2 'DODECAETHYLENE GLYCOL'                                                              12P 
3 '3-(1H-benzimidazol-2-yl)-N-[(1-methyl-3-phenyl-1H-pyrazol-5-yl)carbonyl]-D-alanine' 4DH 
4 water                                                                                HOH 
# 
_pdbx_initial_refinement_model.id               1 
_pdbx_initial_refinement_model.entity_id_list   ? 
_pdbx_initial_refinement_model.type             'experimental model' 
_pdbx_initial_refinement_model.source_name      PDB 
_pdbx_initial_refinement_model.accession_code   1PIN 
_pdbx_initial_refinement_model.details          'PDB ENTRY 1PIN' 
# 
